data_8XQA
#
_entry.id   8XQA
#
_cell.length_a   1.00
_cell.length_b   1.00
_cell.length_c   1.00
_cell.angle_alpha   90.00
_cell.angle_beta   90.00
_cell.angle_gamma   90.00
#
_symmetry.space_group_name_H-M   'P 1'
#
_entity_poly.entity_id   1
_entity_poly.type   'polypeptide(L)'
_entity_poly.pdbx_seq_one_letter_code
;GSSSGGSGHTPTTQATHADDHDLTTHNGTEEHDDGHDDGHDDLHAHAPKVIVFISGSCLFGAISRSLFKKLPIPYTVVLL
ILGAILGVVASNVPLVEEHTRDVAHMDPHVLLQIFLPVLIFESAFAMDVHTFMRSFSQVCILALFGLVVASVLTAVLAMN
LFNYNWNFSEAMMFGAIMSATDPVAVVALLKDLGASKQLGTIIEGESLLNDGCAIVIFNVFMKMVFFPQLTSTVGQNVLY
FLQVAVAGPLWGYAVAKVTVFFLSHIFNDALVEITITLAATYLTYYIGDIWLEVSGVLAVVVLGLIVNAEKTSISPEVEV
FLHRFWEMLAYLANTLIFMMVGVVVTQKALVAVDKMDWFYLIILYLAITIIRGMVISLFSPILSRIGYGLTWRNAVIMTW
GGLRGAVGLALALVVENLAGNDVIGSKFLFHTAGIVVLTLVINATTIQTLLRILGMSDISIPKRLAMAGAVRRIHEGQNR
TLNMLKSDRFLADADWDIATAACEISDPYSALSDDENAPADELTLGERKSVCPGCKAMVPNEPSPREFADMMEEARLRML
KAEKISYWKQFEHGMLAREALRLLVQHAEVAADEKDQFILVDDLKKSWQIKGIYPWLKRKLEDLISEKKIAAIPMPKYKL
GKLMYKICHHMAFEVTINIAIVLNIVPIIMEFVVQDKMASVSTMAAPGSTVSSEPSSLQKIEDALRISNYVFFVIYAIEA
IVKILGLGRHYIVSHWNKFDAFILVVALVDIIIAETLLKGSITINLSSIKVVKLFRLLRGLRMLRLTKALIPKLILVVNG
KINNQLSLGYDVGKGYIIGEEEVGKIIDRMVDNKKILRELKHISETGRLQVVKELGLLQREHPGIAVSVKTRQAIRTILN
HSRETIHELQGAGLLDEMEAHKLELTVEIKMKRLMNAPSSIPPPPPENLLKNVSWLAGDMKLIDFIKARASLLHFDYGEV
IVREGDESDGLFLIVSGLVKLYGKSAFLDHDNPPVTAGSEENEVFEDYLTVGNVIGEMGVLTKKPRNATVTCETTVQVYF
ITAEDMNIAIDTFTLYPSLEYRLWRVVAIRIATPLIMEQMAFQGWTQEKVKLHLERGYLVDLAESHFQFNIDATLEDVIL
INGTAYNAHTREEIRSPCLISRTVHKLTFQYTATEEPRLFVVRNAEYNGPILDGRLDVDSKRSLISITEISSNMCLKHAA
ELRQKNSKVMLSRKSSGAAAKEEEDCIPNTSDVEQAAGVSPSVPTKTTPKPKSFLPSLGLSMSKERVNGEAVEESPVKTK
QGEETPETEEGAAPRVNVASNSLEVLFQ
;
_entity_poly.pdbx_strand_id   A,B
#
# COMPACT_ATOMS: atom_id res chain seq x y z
N ALA A 47 15.17 21.64 16.40
CA ALA A 47 14.62 20.32 16.70
C ALA A 47 13.10 20.37 16.77
N PRO A 48 12.42 19.59 15.93
CA PRO A 48 10.95 19.57 15.97
C PRO A 48 10.45 18.80 17.18
N LYS A 49 9.49 19.39 17.90
CA LYS A 49 8.90 18.76 19.06
C LYS A 49 7.67 17.94 18.73
N VAL A 50 7.26 17.89 17.47
CA VAL A 50 6.01 17.24 17.14
C VAL A 50 6.22 15.78 16.73
N ILE A 51 7.43 15.43 16.27
CA ILE A 51 7.64 14.10 15.71
C ILE A 51 7.69 13.06 16.83
N VAL A 52 8.14 13.47 18.01
CA VAL A 52 8.15 12.57 19.16
C VAL A 52 6.74 12.27 19.62
N PHE A 53 5.86 13.28 19.65
CA PHE A 53 4.48 13.03 20.04
C PHE A 53 3.72 12.21 19.01
N ILE A 54 3.93 12.50 17.72
CA ILE A 54 3.24 11.75 16.67
C ILE A 54 3.68 10.28 16.66
N SER A 55 4.99 10.05 16.76
CA SER A 55 5.50 8.68 16.75
C SER A 55 5.14 7.94 18.03
N GLY A 56 5.17 8.62 19.17
CA GLY A 56 4.76 7.99 20.41
C GLY A 56 3.28 7.68 20.44
N SER A 57 2.46 8.53 19.83
CA SER A 57 1.04 8.25 19.71
C SER A 57 0.80 7.03 18.83
N CYS A 58 1.55 6.92 17.74
CA CYS A 58 1.46 5.75 16.87
C CYS A 58 1.86 4.47 17.61
N LEU A 59 2.93 4.55 18.41
CA LEU A 59 3.37 3.40 19.19
C LEU A 59 2.34 3.01 20.24
N PHE A 60 1.75 4.00 20.91
CA PHE A 60 0.79 3.70 21.97
C PHE A 60 -0.51 3.16 21.40
N GLY A 61 -0.93 3.66 20.25
CA GLY A 61 -2.09 3.08 19.59
C GLY A 61 -1.82 1.67 19.11
N ALA A 62 -0.58 1.41 18.67
CA ALA A 62 -0.19 0.05 18.30
C ALA A 62 -0.27 -0.89 19.49
N ILE A 63 0.21 -0.42 20.66
CA ILE A 63 0.17 -1.22 21.88
C ILE A 63 -1.28 -1.45 22.31
N SER A 64 -2.12 -0.43 22.22
CA SER A 64 -3.51 -0.57 22.61
C SER A 64 -4.29 -1.49 21.68
N ARG A 65 -3.97 -1.48 20.39
CA ARG A 65 -4.60 -2.42 19.47
C ARG A 65 -4.11 -3.84 19.71
N SER A 66 -2.84 -4.01 20.08
CA SER A 66 -2.33 -5.34 20.30
C SER A 66 -2.84 -5.94 21.61
N LEU A 67 -2.90 -5.14 22.66
CA LEU A 67 -3.12 -5.67 24.00
C LEU A 67 -4.60 -5.77 24.36
N PHE A 68 -5.49 -5.13 23.62
CA PHE A 68 -6.91 -5.17 23.93
C PHE A 68 -7.76 -5.67 22.76
N LYS A 69 -7.17 -6.46 21.85
CA LYS A 69 -7.96 -6.92 20.71
C LYS A 69 -8.86 -8.08 21.05
N LYS A 70 -8.66 -8.72 22.20
CA LYS A 70 -9.58 -9.74 22.66
C LYS A 70 -10.53 -9.21 23.73
N LEU A 71 -10.09 -8.22 24.50
CA LEU A 71 -10.97 -7.57 25.45
C LEU A 71 -12.03 -6.78 24.69
N PRO A 72 -13.26 -6.69 25.23
CA PRO A 72 -14.35 -6.10 24.45
C PRO A 72 -14.27 -4.60 24.27
N ILE A 73 -13.51 -3.88 25.10
CA ILE A 73 -13.45 -2.43 24.95
C ILE A 73 -12.55 -2.13 23.76
N PRO A 74 -12.79 -1.06 23.03
CA PRO A 74 -11.93 -0.71 21.91
C PRO A 74 -10.60 -0.12 22.38
N TYR A 75 -9.72 0.14 21.42
CA TYR A 75 -8.43 0.71 21.73
C TYR A 75 -8.52 2.21 21.95
N THR A 76 -9.61 2.83 21.54
CA THR A 76 -9.71 4.28 21.59
C THR A 76 -9.92 4.77 23.01
N VAL A 77 -10.65 4.00 23.83
CA VAL A 77 -10.81 4.38 25.23
C VAL A 77 -9.49 4.22 25.97
N VAL A 78 -8.69 3.21 25.61
CA VAL A 78 -7.37 3.05 26.19
C VAL A 78 -6.46 4.18 25.76
N LEU A 79 -6.61 4.66 24.52
CA LEU A 79 -5.83 5.79 24.06
C LEU A 79 -6.21 7.07 24.78
N LEU A 80 -7.50 7.26 25.09
CA LEU A 80 -7.93 8.42 25.85
C LEU A 80 -7.40 8.37 27.28
N ILE A 81 -7.37 7.18 27.88
CA ILE A 81 -6.81 7.02 29.21
C ILE A 81 -5.31 7.32 29.22
N LEU A 82 -4.58 6.82 28.22
CA LEU A 82 -3.15 7.10 28.10
C LEU A 82 -2.89 8.58 27.83
N GLY A 83 -3.78 9.24 27.10
CA GLY A 83 -3.67 10.68 26.93
C GLY A 83 -3.89 11.43 28.23
N ALA A 84 -4.79 10.94 29.08
CA ALA A 84 -5.01 11.58 30.37
C ALA A 84 -3.80 11.43 31.29
N ILE A 85 -3.18 10.23 31.28
CA ILE A 85 -1.97 10.01 32.07
C ILE A 85 -0.84 10.88 31.54
N LEU A 86 -0.75 11.03 30.22
CA LEU A 86 0.23 11.93 29.63
C LEU A 86 -0.05 13.37 30.00
N GLY A 87 -1.33 13.73 30.18
CA GLY A 87 -1.66 15.08 30.62
C GLY A 87 -1.24 15.38 32.04
N VAL A 88 -1.47 14.45 32.97
CA VAL A 88 -1.06 14.71 34.34
C VAL A 88 0.47 14.66 34.47
N VAL A 89 1.14 13.82 33.68
CA VAL A 89 2.59 13.83 33.74
C VAL A 89 3.16 15.02 32.98
N ALA A 90 2.37 15.65 32.10
CA ALA A 90 2.81 16.90 31.48
C ALA A 90 2.63 18.05 32.44
N SER A 91 1.61 17.99 33.28
CA SER A 91 1.44 19.01 34.31
C SER A 91 2.52 18.91 35.38
N ASN A 92 2.91 17.69 35.73
CA ASN A 92 3.93 17.52 36.77
C ASN A 92 5.33 17.85 36.28
N VAL A 93 5.72 17.34 35.12
CA VAL A 93 7.11 17.42 34.63
C VAL A 93 7.15 18.35 33.44
N PRO A 94 8.00 19.37 33.44
CA PRO A 94 7.97 20.34 32.35
C PRO A 94 8.60 19.83 31.06
N LEU A 95 9.46 18.81 31.16
CA LEU A 95 10.10 18.28 29.96
C LEU A 95 9.10 17.56 29.07
N VAL A 96 8.13 16.85 29.66
CA VAL A 96 7.07 16.24 28.89
C VAL A 96 6.10 17.30 28.40
N GLU A 97 5.96 18.40 29.15
CA GLU A 97 5.15 19.51 28.71
C GLU A 97 5.71 20.17 27.46
N GLU A 98 7.04 20.24 27.36
CA GLU A 98 7.68 20.83 26.19
C GLU A 98 7.47 19.99 24.95
N HIS A 99 7.17 18.71 25.10
CA HIS A 99 6.90 17.85 23.96
C HIS A 99 5.41 17.77 23.64
N THR A 100 4.54 17.85 24.64
CA THR A 100 3.11 17.77 24.38
C THR A 100 2.47 19.12 24.13
N ARG A 101 3.23 20.22 24.27
CA ARG A 101 2.67 21.56 24.12
C ARG A 101 2.28 21.85 22.68
N ASP A 102 3.15 21.53 21.73
CA ASP A 102 2.93 21.96 20.35
C ASP A 102 1.86 21.15 19.64
N VAL A 103 1.42 20.03 20.21
CA VAL A 103 0.25 19.32 19.70
C VAL A 103 -0.96 19.50 20.59
N ALA A 104 -0.78 19.90 21.85
CA ALA A 104 -1.93 20.28 22.67
C ALA A 104 -2.46 21.63 22.25
N HIS A 105 -1.59 22.58 21.94
CA HIS A 105 -1.99 23.89 21.45
C HIS A 105 -2.00 23.93 19.92
N MET A 106 -2.66 22.95 19.32
CA MET A 106 -2.84 22.96 17.88
C MET A 106 -3.85 24.03 17.51
N ASP A 107 -3.56 24.76 16.44
CA ASP A 107 -4.50 25.74 15.92
C ASP A 107 -5.73 25.01 15.39
N PRO A 108 -6.94 25.54 15.65
CA PRO A 108 -8.15 24.87 15.16
C PRO A 108 -8.21 24.75 13.64
N HIS A 109 -7.72 25.76 12.93
CA HIS A 109 -7.81 25.75 11.48
C HIS A 109 -6.89 24.69 10.89
N VAL A 110 -5.68 24.54 11.43
CA VAL A 110 -4.79 23.52 10.90
C VAL A 110 -5.25 22.14 11.35
N LEU A 111 -5.94 22.06 12.49
CA LEU A 111 -6.50 20.80 12.95
C LEU A 111 -7.58 20.31 12.01
N LEU A 112 -8.49 21.20 11.62
CA LEU A 112 -9.52 20.85 10.65
C LEU A 112 -8.91 20.54 9.30
N GLN A 113 -8.08 21.43 8.77
CA GLN A 113 -7.55 21.31 7.41
C GLN A 113 -6.59 20.14 7.25
N ILE A 114 -6.04 19.62 8.33
CA ILE A 114 -5.23 18.41 8.21
C ILE A 114 -6.06 17.16 8.47
N PHE A 115 -6.82 17.12 9.57
CA PHE A 115 -7.39 15.85 9.99
C PHE A 115 -8.81 15.59 9.50
N LEU A 116 -9.60 16.61 9.17
CA LEU A 116 -10.91 16.35 8.59
C LEU A 116 -10.87 15.74 7.17
N PRO A 117 -10.01 16.20 6.22
CA PRO A 117 -10.04 15.55 4.89
C PRO A 117 -9.70 14.08 4.89
N VAL A 118 -8.77 13.63 5.73
CA VAL A 118 -8.40 12.22 5.74
C VAL A 118 -9.53 11.36 6.31
N LEU A 119 -10.14 11.80 7.42
CA LEU A 119 -11.24 11.06 8.03
C LEU A 119 -12.46 11.01 7.12
N ILE A 120 -12.80 12.15 6.53
CA ILE A 120 -13.99 12.22 5.69
C ILE A 120 -13.76 11.44 4.39
N PHE A 121 -12.54 11.50 3.84
CA PHE A 121 -12.24 10.76 2.62
C PHE A 121 -12.17 9.27 2.86
N GLU A 122 -11.69 8.82 4.02
CA GLU A 122 -11.68 7.40 4.25
C GLU A 122 -13.08 6.86 4.51
N SER A 123 -13.96 7.68 5.11
CA SER A 123 -15.33 7.23 5.28
C SER A 123 -16.06 7.19 3.96
N ALA A 124 -15.70 8.08 3.03
CA ALA A 124 -16.30 8.03 1.70
C ALA A 124 -15.74 6.89 0.86
N PHE A 125 -14.43 6.68 0.91
CA PHE A 125 -13.77 5.72 0.05
C PHE A 125 -14.03 4.29 0.49
N ALA A 126 -14.13 4.06 1.79
CA ALA A 126 -14.21 2.70 2.30
C ALA A 126 -15.56 2.05 2.06
N MET A 127 -16.61 2.82 1.78
CA MET A 127 -17.94 2.24 1.69
C MET A 127 -18.27 1.86 0.26
N ASP A 128 -19.17 0.90 0.13
CA ASP A 128 -19.66 0.47 -1.17
C ASP A 128 -20.60 1.54 -1.70
N VAL A 129 -20.19 2.23 -2.77
CA VAL A 129 -21.02 3.30 -3.30
C VAL A 129 -22.21 2.75 -4.05
N HIS A 130 -22.18 1.49 -4.46
CA HIS A 130 -23.30 0.95 -5.22
C HIS A 130 -24.48 0.67 -4.30
N THR A 131 -24.24 0.05 -3.16
CA THR A 131 -25.29 -0.12 -2.17
C THR A 131 -25.68 1.19 -1.52
N PHE A 132 -24.77 2.16 -1.49
CA PHE A 132 -25.11 3.48 -0.97
C PHE A 132 -26.07 4.20 -1.91
N MET A 133 -25.84 4.14 -3.22
CA MET A 133 -26.75 4.78 -4.15
C MET A 133 -28.02 3.97 -4.36
N ARG A 134 -27.97 2.66 -4.09
CA ARG A 134 -29.18 1.84 -4.16
C ARG A 134 -30.13 2.14 -3.01
N SER A 135 -29.64 2.79 -1.97
CA SER A 135 -30.47 3.26 -0.88
C SER A 135 -30.16 4.70 -0.53
N PHE A 136 -29.96 5.55 -1.55
CA PHE A 136 -29.55 6.92 -1.28
C PHE A 136 -30.69 7.77 -0.73
N SER A 137 -31.92 7.49 -1.13
CA SER A 137 -33.04 8.32 -0.72
C SER A 137 -33.30 8.20 0.77
N GLN A 138 -33.34 6.96 1.28
CA GLN A 138 -33.63 6.73 2.68
C GLN A 138 -32.50 7.23 3.56
N VAL A 139 -31.25 6.95 3.17
CA VAL A 139 -30.13 7.38 3.96
C VAL A 139 -29.97 8.90 3.90
N CYS A 140 -30.37 9.52 2.79
CA CYS A 140 -30.25 10.97 2.66
C CYS A 140 -31.29 11.68 3.52
N ILE A 141 -32.54 11.22 3.47
CA ILE A 141 -33.58 11.86 4.26
C ILE A 141 -33.32 11.60 5.75
N LEU A 142 -32.82 10.41 6.08
CA LEU A 142 -32.51 10.09 7.47
C LEU A 142 -31.38 10.95 8.00
N ALA A 143 -30.26 11.03 7.26
CA ALA A 143 -29.11 11.78 7.72
C ALA A 143 -29.42 13.28 7.82
N LEU A 144 -29.99 13.85 6.76
CA LEU A 144 -30.24 15.30 6.73
C LEU A 144 -31.29 15.71 7.75
N PHE A 145 -32.50 15.15 7.65
CA PHE A 145 -33.57 15.59 8.51
C PHE A 145 -33.36 15.12 9.95
N GLY A 146 -32.83 13.91 10.14
CA GLY A 146 -32.53 13.45 11.47
C GLY A 146 -31.44 14.22 12.15
N LEU A 147 -30.42 14.66 11.40
CA LEU A 147 -29.38 15.47 12.02
C LEU A 147 -29.88 16.85 12.38
N VAL A 148 -30.71 17.47 11.52
CA VAL A 148 -31.19 18.79 11.90
C VAL A 148 -32.17 18.72 13.07
N VAL A 149 -32.99 17.66 13.15
CA VAL A 149 -33.92 17.63 14.29
C VAL A 149 -33.22 17.13 15.55
N ALA A 150 -32.21 16.26 15.44
CA ALA A 150 -31.45 15.84 16.62
C ALA A 150 -30.60 16.97 17.15
N SER A 151 -30.05 17.79 16.25
CA SER A 151 -29.29 18.96 16.66
C SER A 151 -30.18 19.98 17.34
N VAL A 152 -31.38 20.24 16.80
CA VAL A 152 -32.22 21.26 17.41
C VAL A 152 -32.80 20.75 18.74
N LEU A 153 -33.02 19.45 18.86
CA LEU A 153 -33.52 18.92 20.12
C LEU A 153 -32.44 18.89 21.20
N THR A 154 -31.20 18.58 20.82
CA THR A 154 -30.11 18.65 21.79
C THR A 154 -29.84 20.10 22.19
N ALA A 155 -30.06 21.04 21.27
CA ALA A 155 -29.87 22.45 21.58
C ALA A 155 -30.90 22.94 22.58
N VAL A 156 -32.19 22.62 22.35
CA VAL A 156 -33.22 23.09 23.26
C VAL A 156 -33.12 22.36 24.61
N LEU A 157 -32.64 21.11 24.60
CA LEU A 157 -32.35 20.40 25.84
C LEU A 157 -31.23 21.08 26.62
N ALA A 158 -30.18 21.51 25.91
CA ALA A 158 -29.06 22.19 26.54
C ALA A 158 -29.49 23.50 27.17
N MET A 159 -30.29 24.29 26.44
CA MET A 159 -30.76 25.57 26.95
C MET A 159 -31.69 25.39 28.15
N ASN A 160 -32.60 24.42 28.09
CA ASN A 160 -33.56 24.28 29.17
C ASN A 160 -33.01 23.57 30.39
N LEU A 161 -31.97 22.74 30.25
CA LEU A 161 -31.53 21.89 31.34
C LEU A 161 -30.18 22.27 31.91
N PHE A 162 -29.22 22.67 31.07
CA PHE A 162 -27.93 23.10 31.59
C PHE A 162 -28.08 24.42 32.31
N ASN A 163 -27.39 24.55 33.45
CA ASN A 163 -27.42 25.81 34.18
C ASN A 163 -26.55 26.88 33.54
N TYR A 164 -25.68 26.50 32.62
CA TYR A 164 -24.84 27.47 31.93
C TYR A 164 -25.68 28.17 30.87
N ASN A 165 -25.76 29.49 30.97
CA ASN A 165 -26.65 30.27 30.13
C ASN A 165 -26.08 30.31 28.72
N TRP A 166 -26.55 29.40 27.87
CA TRP A 166 -26.16 29.34 26.48
C TRP A 166 -27.31 29.85 25.62
N ASN A 167 -26.97 30.63 24.60
CA ASN A 167 -27.97 31.06 23.64
C ASN A 167 -28.18 29.95 22.62
N PHE A 168 -29.03 30.22 21.63
CA PHE A 168 -29.39 29.16 20.69
C PHE A 168 -28.26 28.83 19.74
N SER A 169 -27.35 29.78 19.50
CA SER A 169 -26.24 29.51 18.59
C SER A 169 -25.23 28.56 19.22
N GLU A 170 -24.85 28.80 20.47
CA GLU A 170 -23.91 27.90 21.13
C GLU A 170 -24.57 26.56 21.44
N ALA A 171 -25.86 26.56 21.72
CA ALA A 171 -26.56 25.30 21.95
C ALA A 171 -26.67 24.48 20.68
N MET A 172 -26.86 25.15 19.54
CA MET A 172 -26.90 24.43 18.28
C MET A 172 -25.51 23.94 17.89
N MET A 173 -24.47 24.67 18.28
CA MET A 173 -23.11 24.18 18.14
C MET A 173 -22.89 22.90 18.93
N PHE A 174 -23.38 22.89 20.16
CA PHE A 174 -23.30 21.70 21.01
C PHE A 174 -24.07 20.53 20.42
N GLY A 175 -25.26 20.80 19.89
CA GLY A 175 -26.05 19.75 19.29
C GLY A 175 -25.45 19.20 18.03
N ALA A 176 -24.79 20.06 17.25
CA ALA A 176 -24.09 19.61 16.05
C ALA A 176 -22.91 18.71 16.41
N ILE A 177 -22.19 19.05 17.48
CA ILE A 177 -21.09 18.20 17.90
C ILE A 177 -21.61 16.86 18.42
N MET A 178 -22.68 16.89 19.23
CA MET A 178 -23.16 15.67 19.85
C MET A 178 -23.91 14.78 18.86
N SER A 179 -24.36 15.34 17.76
CA SER A 179 -25.09 14.53 16.80
C SER A 179 -24.22 13.99 15.67
N ALA A 180 -22.91 14.23 15.71
CA ALA A 180 -22.01 13.66 14.71
C ALA A 180 -21.53 12.29 15.17
N THR A 181 -21.74 11.28 14.34
CA THR A 181 -21.49 9.89 14.71
C THR A 181 -20.47 9.26 13.79
N ASP A 182 -19.59 8.43 14.35
CA ASP A 182 -18.61 7.66 13.59
C ASP A 182 -18.61 6.19 14.01
N PRO A 183 -19.59 5.40 13.57
CA PRO A 183 -19.62 3.97 13.95
C PRO A 183 -18.86 3.00 13.04
N VAL A 184 -17.54 2.96 13.18
CA VAL A 184 -16.77 1.96 12.44
C VAL A 184 -16.96 0.59 13.06
N ALA A 185 -17.09 0.53 14.39
CA ALA A 185 -17.15 -0.74 15.09
C ALA A 185 -18.46 -1.46 14.83
N VAL A 186 -19.57 -0.73 14.85
CA VAL A 186 -20.87 -1.34 14.60
C VAL A 186 -20.98 -1.80 13.16
N VAL A 187 -20.39 -1.05 12.24
CA VAL A 187 -20.35 -1.44 10.83
C VAL A 187 -19.57 -2.73 10.64
N ALA A 188 -18.40 -2.83 11.28
CA ALA A 188 -17.58 -4.04 11.16
C ALA A 188 -18.27 -5.24 11.80
N LEU A 189 -18.89 -5.05 12.95
CA LEU A 189 -19.51 -6.17 13.64
C LEU A 189 -20.76 -6.64 12.93
N LEU A 190 -21.52 -5.71 12.33
CA LEU A 190 -22.64 -6.13 11.50
C LEU A 190 -22.17 -6.80 10.22
N LYS A 191 -20.98 -6.42 9.74
CA LYS A 191 -20.44 -7.07 8.55
C LYS A 191 -20.07 -8.52 8.82
N ASP A 192 -19.35 -8.79 9.92
CA ASP A 192 -18.87 -10.15 10.13
C ASP A 192 -19.98 -11.11 10.56
N LEU A 193 -21.09 -10.58 11.04
CA LEU A 193 -22.24 -11.41 11.40
C LEU A 193 -23.24 -11.47 10.24
N GLY A 194 -22.73 -11.93 9.10
CA GLY A 194 -23.55 -12.44 8.01
C GLY A 194 -24.50 -11.47 7.33
N ALA A 195 -25.79 -11.66 7.58
CA ALA A 195 -26.84 -10.91 6.89
C ALA A 195 -26.98 -9.53 7.52
N SER A 196 -28.06 -8.84 7.14
CA SER A 196 -28.25 -7.40 7.37
C SER A 196 -27.06 -6.59 6.87
N LYS A 197 -26.59 -6.93 5.67
CA LYS A 197 -25.54 -6.15 5.02
C LYS A 197 -26.06 -4.77 4.64
N GLN A 198 -27.32 -4.68 4.25
CA GLN A 198 -27.91 -3.40 3.95
C GLN A 198 -28.03 -2.52 5.18
N LEU A 199 -28.14 -3.12 6.36
CA LEU A 199 -28.08 -2.35 7.61
C LEU A 199 -26.71 -1.72 7.79
N GLY A 200 -25.64 -2.47 7.48
CA GLY A 200 -24.31 -1.93 7.59
C GLY A 200 -24.04 -0.81 6.60
N THR A 201 -24.53 -0.98 5.37
CA THR A 201 -24.38 0.09 4.37
C THR A 201 -25.18 1.33 4.77
N ILE A 202 -26.37 1.13 5.35
CA ILE A 202 -27.19 2.25 5.79
C ILE A 202 -26.51 3.00 6.93
N ILE A 203 -25.95 2.27 7.89
CA ILE A 203 -25.31 2.92 9.04
C ILE A 203 -24.05 3.67 8.61
N GLU A 204 -23.26 3.06 7.71
CA GLU A 204 -22.05 3.73 7.23
C GLU A 204 -22.37 4.97 6.41
N GLY A 205 -23.40 4.89 5.55
CA GLY A 205 -23.75 6.04 4.74
C GLY A 205 -24.33 7.17 5.56
N GLU A 206 -25.14 6.84 6.57
CA GLU A 206 -25.68 7.90 7.40
C GLU A 206 -24.61 8.46 8.32
N SER A 207 -23.58 7.67 8.62
CA SER A 207 -22.42 8.19 9.34
C SER A 207 -21.69 9.24 8.51
N LEU A 208 -21.47 8.93 7.23
CA LEU A 208 -20.72 9.83 6.36
C LEU A 208 -21.49 11.13 6.13
N LEU A 209 -22.77 11.02 5.75
CA LEU A 209 -23.57 12.21 5.50
C LEU A 209 -23.85 13.00 6.77
N ASN A 210 -24.01 12.30 7.90
CA ASN A 210 -24.22 12.94 9.18
C ASN A 210 -23.00 13.74 9.60
N ASP A 211 -21.80 13.18 9.41
CA ASP A 211 -20.58 13.91 9.72
C ASP A 211 -20.42 15.12 8.83
N GLY A 212 -20.71 14.97 7.53
CA GLY A 212 -20.62 16.09 6.61
C GLY A 212 -21.54 17.25 6.94
N CYS A 213 -22.83 16.97 7.08
CA CYS A 213 -23.75 18.06 7.39
C CYS A 213 -23.63 18.54 8.83
N ALA A 214 -23.07 17.73 9.73
CA ALA A 214 -22.83 18.19 11.08
C ALA A 214 -21.71 19.20 11.13
N ILE A 215 -20.63 18.96 10.38
CA ILE A 215 -19.58 19.96 10.29
C ILE A 215 -20.07 21.20 9.56
N VAL A 216 -21.00 21.04 8.62
CA VAL A 216 -21.59 22.19 7.94
C VAL A 216 -22.35 23.09 8.92
N ILE A 217 -23.26 22.50 9.70
CA ILE A 217 -24.04 23.32 10.62
C ILE A 217 -23.17 23.81 11.77
N PHE A 218 -22.13 23.07 12.11
CA PHE A 218 -21.18 23.52 13.12
C PHE A 218 -20.43 24.76 12.66
N ASN A 219 -19.98 24.77 11.40
CA ASN A 219 -19.28 25.94 10.87
C ASN A 219 -20.20 27.13 10.79
N VAL A 220 -21.48 26.90 10.46
CA VAL A 220 -22.44 28.00 10.36
C VAL A 220 -22.66 28.64 11.72
N PHE A 221 -22.91 27.84 12.74
CA PHE A 221 -23.16 28.43 14.06
C PHE A 221 -21.88 28.93 14.73
N MET A 222 -20.73 28.33 14.41
CA MET A 222 -19.46 28.84 14.90
C MET A 222 -19.16 30.21 14.34
N LYS A 223 -19.42 30.42 13.05
CA LYS A 223 -19.29 31.75 12.49
C LYS A 223 -20.39 32.69 12.97
N MET A 224 -21.50 32.14 13.44
CA MET A 224 -22.52 33.01 14.02
C MET A 224 -22.10 33.56 15.39
N VAL A 225 -21.52 32.74 16.25
CA VAL A 225 -21.37 33.08 17.65
C VAL A 225 -19.93 33.44 18.03
N PHE A 226 -18.93 32.91 17.33
CA PHE A 226 -17.55 33.20 17.75
C PHE A 226 -16.94 34.35 16.94
N PHE A 227 -17.25 34.44 15.65
CA PHE A 227 -16.88 35.61 14.87
C PHE A 227 -18.15 36.39 14.52
N PRO A 228 -18.69 37.20 15.43
CA PRO A 228 -20.04 37.73 15.23
C PRO A 228 -20.08 39.02 14.43
N GLN A 229 -18.97 39.34 13.74
CA GLN A 229 -18.86 40.63 13.05
C GLN A 229 -19.80 40.74 11.87
N LEU A 230 -20.19 39.61 11.29
CA LEU A 230 -21.06 39.64 10.12
C LEU A 230 -22.51 39.89 10.53
N THR A 231 -23.09 40.93 9.97
CA THR A 231 -24.51 41.23 10.12
C THR A 231 -25.07 41.55 8.74
N SER A 232 -26.10 40.81 8.33
CA SER A 232 -26.51 40.83 6.94
C SER A 232 -28.02 40.77 6.83
N THR A 233 -28.51 40.92 5.61
CA THR A 233 -29.92 40.91 5.31
C THR A 233 -30.41 39.48 5.09
N VAL A 234 -31.68 39.37 4.71
CA VAL A 234 -32.28 38.07 4.41
C VAL A 234 -31.70 37.51 3.12
N GLY A 235 -31.51 38.37 2.11
CA GLY A 235 -31.02 37.91 0.82
C GLY A 235 -29.60 37.41 0.85
N GLN A 236 -28.74 38.04 1.65
CA GLN A 236 -27.37 37.57 1.79
C GLN A 236 -27.32 36.24 2.54
N ASN A 237 -28.24 36.04 3.49
CA ASN A 237 -28.32 34.76 4.18
C ASN A 237 -28.79 33.65 3.25
N VAL A 238 -29.75 33.97 2.37
CA VAL A 238 -30.19 33.02 1.35
C VAL A 238 -29.04 32.70 0.40
N LEU A 239 -28.25 33.71 0.06
CA LEU A 239 -27.08 33.52 -0.80
C LEU A 239 -26.04 32.62 -0.13
N TYR A 240 -25.81 32.80 1.16
CA TYR A 240 -24.81 32.00 1.87
C TYR A 240 -25.24 30.55 2.01
N PHE A 241 -26.52 30.32 2.35
CA PHE A 241 -27.03 28.95 2.44
C PHE A 241 -27.00 28.26 1.08
N LEU A 242 -27.39 28.99 0.02
CA LEU A 242 -27.31 28.45 -1.33
C LEU A 242 -25.87 28.13 -1.71
N GLN A 243 -24.94 29.00 -1.29
CA GLN A 243 -23.52 28.84 -1.62
C GLN A 243 -22.96 27.56 -1.02
N VAL A 244 -23.16 27.36 0.29
CA VAL A 244 -22.67 26.15 0.96
C VAL A 244 -23.37 24.91 0.40
N ALA A 245 -24.71 24.91 0.43
CA ALA A 245 -25.47 23.68 0.20
C ALA A 245 -25.45 23.24 -1.26
N VAL A 246 -25.24 24.16 -2.20
CA VAL A 246 -25.17 23.74 -3.59
C VAL A 246 -23.74 23.68 -4.10
N ALA A 247 -22.87 24.60 -3.71
CA ALA A 247 -21.53 24.64 -4.27
C ALA A 247 -20.62 23.59 -3.66
N GLY A 248 -21.00 22.99 -2.53
CA GLY A 248 -20.24 21.88 -1.99
C GLY A 248 -20.13 20.68 -2.92
N PRO A 249 -21.25 20.03 -3.18
CA PRO A 249 -21.25 18.92 -4.14
C PRO A 249 -20.84 19.31 -5.54
N LEU A 250 -21.08 20.55 -5.97
CA LEU A 250 -20.67 20.96 -7.31
C LEU A 250 -19.15 21.04 -7.43
N TRP A 251 -18.49 21.62 -6.42
CA TRP A 251 -17.04 21.70 -6.46
C TRP A 251 -16.42 20.33 -6.29
N GLY A 252 -17.03 19.49 -5.45
CA GLY A 252 -16.57 18.11 -5.34
C GLY A 252 -16.70 17.34 -6.63
N TYR A 253 -17.81 17.54 -7.35
CA TYR A 253 -18.02 16.89 -8.63
C TYR A 253 -17.02 17.38 -9.67
N ALA A 254 -16.71 18.68 -9.65
CA ALA A 254 -15.78 19.23 -10.63
C ALA A 254 -14.37 18.67 -10.44
N VAL A 255 -13.85 18.72 -9.21
CA VAL A 255 -12.50 18.21 -8.98
C VAL A 255 -12.47 16.70 -9.13
N ALA A 256 -13.58 16.02 -8.83
CA ALA A 256 -13.63 14.57 -8.98
C ALA A 256 -13.62 14.15 -10.44
N LYS A 257 -14.35 14.86 -11.29
CA LYS A 257 -14.34 14.53 -12.71
C LYS A 257 -12.98 14.83 -13.33
N VAL A 258 -12.34 15.93 -12.91
CA VAL A 258 -11.01 16.26 -13.39
C VAL A 258 -9.99 15.20 -12.96
N THR A 259 -10.05 14.77 -11.70
CA THR A 259 -9.07 13.80 -11.24
C THR A 259 -9.33 12.40 -11.76
N VAL A 260 -10.58 12.04 -12.07
CA VAL A 260 -10.85 10.73 -12.65
C VAL A 260 -10.43 10.72 -14.12
N PHE A 261 -10.60 11.85 -14.81
CA PHE A 261 -10.05 11.98 -16.17
C PHE A 261 -8.53 11.91 -16.17
N PHE A 262 -7.88 12.47 -15.16
CA PHE A 262 -6.43 12.38 -15.09
C PHE A 262 -5.97 10.98 -14.75
N LEU A 263 -6.65 10.30 -13.83
CA LEU A 263 -6.27 8.95 -13.45
C LEU A 263 -6.58 7.93 -14.54
N SER A 264 -7.51 8.23 -15.43
CA SER A 264 -7.84 7.29 -16.49
C SER A 264 -6.73 7.19 -17.52
N HIS A 265 -5.94 8.25 -17.68
CA HIS A 265 -4.92 8.29 -18.72
C HIS A 265 -3.52 7.99 -18.21
N ILE A 266 -3.35 7.74 -16.93
CA ILE A 266 -2.03 7.48 -16.37
C ILE A 266 -1.81 5.98 -16.34
N PHE A 267 -0.74 5.53 -16.98
CA PHE A 267 -0.38 4.13 -17.03
C PHE A 267 1.05 3.93 -16.54
N ASN A 268 1.26 2.82 -15.84
CA ASN A 268 2.55 2.27 -15.43
C ASN A 268 3.33 3.15 -14.46
N ASP A 269 2.66 4.03 -13.70
CA ASP A 269 3.30 4.63 -12.53
C ASP A 269 2.26 4.79 -11.45
N ALA A 270 2.41 4.02 -10.38
CA ALA A 270 1.45 4.00 -9.29
C ALA A 270 1.59 5.20 -8.38
N LEU A 271 2.82 5.69 -8.21
CA LEU A 271 3.10 6.80 -7.30
C LEU A 271 2.36 8.06 -7.71
N VAL A 272 2.23 8.27 -9.02
CA VAL A 272 1.47 9.39 -9.55
C VAL A 272 0.00 9.25 -9.18
N GLU A 273 -0.52 8.03 -9.16
CA GLU A 273 -1.94 7.81 -8.85
C GLU A 273 -2.23 8.09 -7.38
N ILE A 274 -1.40 7.56 -6.48
CA ILE A 274 -1.57 7.80 -5.05
C ILE A 274 -1.37 9.27 -4.74
N THR A 275 -0.37 9.89 -5.35
CA THR A 275 -0.07 11.29 -5.15
C THR A 275 -1.21 12.18 -5.65
N ILE A 276 -1.82 11.80 -6.76
CA ILE A 276 -2.91 12.57 -7.33
C ILE A 276 -4.14 12.50 -6.43
N THR A 277 -4.43 11.32 -5.87
CA THR A 277 -5.56 11.21 -4.95
C THR A 277 -5.34 12.05 -3.68
N LEU A 278 -4.14 11.98 -3.12
CA LEU A 278 -3.84 12.72 -1.89
C LEU A 278 -3.87 14.22 -2.10
N ALA A 279 -3.21 14.70 -3.16
CA ALA A 279 -3.18 16.13 -3.45
C ALA A 279 -4.54 16.64 -3.87
N ALA A 280 -5.34 15.83 -4.56
CA ALA A 280 -6.67 16.24 -4.95
C ALA A 280 -7.58 16.41 -3.75
N THR A 281 -7.47 15.49 -2.77
CA THR A 281 -8.27 15.61 -1.56
C THR A 281 -7.93 16.88 -0.78
N TYR A 282 -6.63 17.09 -0.52
CA TYR A 282 -6.26 18.24 0.30
C TYR A 282 -6.47 19.55 -0.45
N LEU A 283 -6.26 19.57 -1.76
CA LEU A 283 -6.52 20.77 -2.55
C LEU A 283 -8.01 21.08 -2.60
N THR A 284 -8.86 20.05 -2.72
CA THR A 284 -10.30 20.26 -2.71
C THR A 284 -10.76 20.89 -1.42
N TYR A 285 -10.33 20.33 -0.28
CA TYR A 285 -10.76 20.88 1.01
C TYR A 285 -10.19 22.28 1.24
N TYR A 286 -8.91 22.50 0.92
CA TYR A 286 -8.30 23.79 1.23
C TYR A 286 -8.84 24.89 0.35
N ILE A 287 -8.95 24.65 -0.96
CA ILE A 287 -9.48 25.65 -1.87
C ILE A 287 -10.92 25.97 -1.54
N GLY A 288 -11.73 24.93 -1.27
CA GLY A 288 -13.13 25.16 -0.96
C GLY A 288 -13.35 25.91 0.33
N ASP A 289 -12.60 25.58 1.38
CA ASP A 289 -12.82 26.25 2.65
C ASP A 289 -12.24 27.65 2.67
N ILE A 290 -11.07 27.87 2.08
CA ILE A 290 -10.34 29.11 2.26
C ILE A 290 -10.47 30.04 1.07
N TRP A 291 -10.17 29.56 -0.14
CA TRP A 291 -10.16 30.46 -1.29
C TRP A 291 -11.58 30.81 -1.70
N LEU A 292 -12.49 29.86 -1.56
CA LEU A 292 -13.91 30.09 -1.68
C LEU A 292 -14.51 30.02 -0.29
N GLU A 293 -15.83 30.17 -0.20
CA GLU A 293 -16.54 29.93 1.04
C GLU A 293 -17.38 28.66 0.94
N VAL A 294 -17.02 27.79 0.01
CA VAL A 294 -17.73 26.54 -0.21
C VAL A 294 -17.47 25.62 0.98
N SER A 295 -18.50 24.85 1.36
CA SER A 295 -18.33 23.80 2.36
C SER A 295 -17.40 22.74 1.80
N GLY A 296 -16.18 22.70 2.31
CA GLY A 296 -15.23 21.73 1.82
C GLY A 296 -15.45 20.33 2.31
N VAL A 297 -16.20 20.15 3.39
CA VAL A 297 -16.46 18.81 3.91
C VAL A 297 -17.32 18.01 2.95
N LEU A 298 -18.39 18.62 2.46
CA LEU A 298 -19.24 17.98 1.46
C LEU A 298 -18.50 17.77 0.15
N ALA A 299 -17.54 18.65 -0.16
CA ALA A 299 -16.73 18.49 -1.36
C ALA A 299 -15.85 17.25 -1.29
N VAL A 300 -15.22 17.00 -0.14
CA VAL A 300 -14.38 15.82 -0.02
C VAL A 300 -15.24 14.57 0.08
N VAL A 301 -16.45 14.68 0.66
CA VAL A 301 -17.39 13.56 0.67
C VAL A 301 -17.77 13.16 -0.76
N VAL A 302 -18.10 14.16 -1.59
CA VAL A 302 -18.51 13.88 -2.97
C VAL A 302 -17.33 13.37 -3.79
N LEU A 303 -16.13 13.94 -3.56
CA LEU A 303 -14.93 13.49 -4.25
C LEU A 303 -14.61 12.05 -3.91
N GLY A 304 -14.75 11.68 -2.63
CA GLY A 304 -14.48 10.31 -2.24
C GLY A 304 -15.49 9.33 -2.83
N LEU A 305 -16.76 9.72 -2.86
CA LEU A 305 -17.77 8.83 -3.42
C LEU A 305 -17.61 8.66 -4.92
N ILE A 306 -17.23 9.72 -5.63
CA ILE A 306 -17.05 9.61 -7.07
C ILE A 306 -15.81 8.81 -7.41
N VAL A 307 -14.71 9.00 -6.66
CA VAL A 307 -13.51 8.23 -6.89
C VAL A 307 -13.74 6.76 -6.56
N ASN A 308 -14.53 6.48 -5.53
CA ASN A 308 -14.91 5.11 -5.22
C ASN A 308 -15.80 4.52 -6.31
N ALA A 309 -16.64 5.33 -6.95
CA ALA A 309 -17.48 4.82 -8.02
C ALA A 309 -16.66 4.49 -9.26
N GLU A 310 -15.73 5.36 -9.63
CA GLU A 310 -14.84 5.08 -10.76
C GLU A 310 -13.57 4.40 -10.25
N LYS A 311 -13.76 3.17 -9.76
CA LYS A 311 -12.61 2.36 -9.36
C LYS A 311 -11.87 1.82 -10.57
N THR A 312 -12.52 1.76 -11.73
CA THR A 312 -11.90 1.19 -12.92
C THR A 312 -10.86 2.12 -13.53
N SER A 313 -10.86 3.40 -13.17
CA SER A 313 -9.85 4.31 -13.70
C SER A 313 -8.52 4.13 -13.00
N ILE A 314 -8.53 3.58 -11.80
CA ILE A 314 -7.32 3.32 -11.03
C ILE A 314 -6.90 1.89 -11.29
N SER A 315 -5.59 1.67 -11.42
CA SER A 315 -5.06 0.32 -11.55
C SER A 315 -5.29 -0.48 -10.27
N PRO A 316 -5.59 -1.77 -10.39
CA PRO A 316 -6.00 -2.56 -9.21
C PRO A 316 -4.98 -2.70 -8.11
N GLU A 317 -3.68 -2.76 -8.44
CA GLU A 317 -2.67 -2.82 -7.39
C GLU A 317 -2.64 -1.50 -6.62
N VAL A 318 -2.82 -0.40 -7.34
CA VAL A 318 -2.98 0.90 -6.71
C VAL A 318 -4.30 0.98 -5.95
N GLU A 319 -5.32 0.21 -6.35
CA GLU A 319 -6.58 0.19 -5.59
C GLU A 319 -6.39 -0.46 -4.23
N VAL A 320 -5.72 -1.61 -4.19
CA VAL A 320 -5.44 -2.28 -2.92
C VAL A 320 -4.55 -1.40 -2.04
N PHE A 321 -3.56 -0.76 -2.67
CA PHE A 321 -2.72 0.18 -1.95
C PHE A 321 -3.51 1.35 -1.40
N LEU A 322 -4.46 1.87 -2.17
CA LEU A 322 -5.16 3.06 -1.75
C LEU A 322 -6.11 2.77 -0.61
N HIS A 323 -6.75 1.60 -0.63
CA HIS A 323 -7.62 1.22 0.48
C HIS A 323 -6.82 1.08 1.76
N ARG A 324 -5.69 0.37 1.71
CA ARG A 324 -4.90 0.23 2.92
C ARG A 324 -4.21 1.54 3.33
N PHE A 325 -3.91 2.40 2.36
CA PHE A 325 -3.27 3.67 2.64
C PHE A 325 -4.20 4.62 3.36
N TRP A 326 -5.44 4.72 2.89
CA TRP A 326 -6.37 5.61 3.56
C TRP A 326 -6.86 5.03 4.87
N GLU A 327 -6.86 3.69 5.02
CA GLU A 327 -7.11 3.12 6.34
C GLU A 327 -6.00 3.45 7.32
N MET A 328 -4.74 3.44 6.85
CA MET A 328 -3.63 3.79 7.73
C MET A 328 -3.67 5.26 8.13
N LEU A 329 -4.00 6.14 7.18
CA LEU A 329 -4.13 7.55 7.51
C LEU A 329 -5.32 7.80 8.43
N ALA A 330 -6.38 7.01 8.28
CA ALA A 330 -7.52 7.06 9.20
C ALA A 330 -7.09 6.71 10.62
N TYR A 331 -6.37 5.61 10.76
CA TYR A 331 -5.94 5.16 12.07
C TYR A 331 -4.98 6.15 12.70
N LEU A 332 -4.10 6.74 11.89
CA LEU A 332 -3.18 7.77 12.39
C LEU A 332 -3.95 8.99 12.88
N ALA A 333 -4.96 9.43 12.11
CA ALA A 333 -5.72 10.60 12.48
C ALA A 333 -6.55 10.36 13.74
N ASN A 334 -7.20 9.20 13.83
CA ASN A 334 -7.97 8.87 15.03
C ASN A 334 -7.08 8.76 16.25
N THR A 335 -5.91 8.16 16.10
CA THR A 335 -4.97 8.02 17.21
C THR A 335 -4.49 9.37 17.71
N LEU A 336 -4.09 10.24 16.78
CA LEU A 336 -3.60 11.56 17.16
C LEU A 336 -4.70 12.42 17.76
N ILE A 337 -5.92 12.35 17.23
CA ILE A 337 -7.02 13.17 17.73
C ILE A 337 -7.43 12.72 19.11
N PHE A 338 -7.49 11.41 19.35
CA PHE A 338 -7.83 10.92 20.69
C PHE A 338 -6.75 11.25 21.71
N MET A 339 -5.48 11.18 21.32
CA MET A 339 -4.42 11.56 22.26
C MET A 339 -4.44 13.05 22.55
N MET A 340 -4.70 13.89 21.54
CA MET A 340 -4.82 15.33 21.74
C MET A 340 -5.99 15.65 22.66
N VAL A 341 -7.10 14.96 22.49
CA VAL A 341 -8.29 15.17 23.31
C VAL A 341 -8.00 14.80 24.76
N GLY A 342 -7.31 13.69 24.98
CA GLY A 342 -6.94 13.31 26.34
C GLY A 342 -6.03 14.30 27.01
N VAL A 343 -5.01 14.79 26.29
CA VAL A 343 -4.05 15.72 26.87
C VAL A 343 -4.73 17.05 27.21
N VAL A 344 -5.53 17.59 26.30
CA VAL A 344 -6.17 18.87 26.60
C VAL A 344 -7.34 18.73 27.56
N VAL A 345 -7.96 17.55 27.67
CA VAL A 345 -9.05 17.40 28.62
C VAL A 345 -8.50 17.19 30.01
N THR A 346 -7.25 16.78 30.13
CA THR A 346 -6.62 16.80 31.45
C THR A 346 -6.13 18.20 31.78
N GLN A 347 -5.48 18.87 30.82
CA GLN A 347 -4.83 20.14 31.12
C GLN A 347 -5.82 21.28 31.34
N LYS A 348 -6.79 21.45 30.44
CA LYS A 348 -7.58 22.67 30.42
C LYS A 348 -9.07 22.48 30.62
N ALA A 349 -9.58 21.27 30.67
CA ALA A 349 -11.03 21.08 30.76
C ALA A 349 -11.48 20.53 32.10
N LEU A 350 -10.66 19.74 32.78
CA LEU A 350 -11.11 19.12 34.01
C LEU A 350 -11.02 20.05 35.22
N VAL A 351 -10.46 21.25 35.06
CA VAL A 351 -10.37 22.18 36.18
C VAL A 351 -11.68 22.89 36.45
N ALA A 352 -12.64 22.81 35.53
CA ALA A 352 -13.96 23.41 35.71
C ALA A 352 -15.04 22.35 35.87
N VAL A 353 -14.69 21.22 36.43
CA VAL A 353 -15.61 20.09 36.56
C VAL A 353 -16.31 20.15 37.90
N ASP A 354 -17.64 19.99 37.90
CA ASP A 354 -18.44 19.95 39.10
C ASP A 354 -19.28 18.67 39.14
N LYS A 355 -19.84 18.41 40.32
CA LYS A 355 -20.75 17.28 40.48
C LYS A 355 -22.00 17.46 39.64
N MET A 356 -22.46 18.71 39.52
CA MET A 356 -23.57 19.00 38.63
C MET A 356 -23.18 18.76 37.17
N ASP A 357 -21.91 19.00 36.83
CA ASP A 357 -21.45 18.71 35.47
C ASP A 357 -21.46 17.22 35.20
N TRP A 358 -21.08 16.40 36.18
CA TRP A 358 -21.10 14.96 35.96
C TRP A 358 -22.54 14.44 35.85
N PHE A 359 -23.45 14.97 36.67
CA PHE A 359 -24.86 14.62 36.55
C PHE A 359 -25.42 15.05 35.19
N TYR A 360 -24.96 16.19 34.69
CA TYR A 360 -25.38 16.64 33.38
C TYR A 360 -24.84 15.74 32.28
N LEU A 361 -23.64 15.19 32.48
CA LEU A 361 -23.09 14.23 31.52
C LEU A 361 -23.93 12.97 31.46
N ILE A 362 -24.34 12.46 32.62
CA ILE A 362 -25.16 11.24 32.65
C ILE A 362 -26.53 11.49 32.00
N ILE A 363 -27.15 12.63 32.33
CA ILE A 363 -28.47 12.90 31.75
C ILE A 363 -28.34 13.28 30.28
N LEU A 364 -27.17 13.76 29.86
CA LEU A 364 -26.96 14.07 28.45
C LEU A 364 -26.79 12.80 27.63
N TYR A 365 -26.10 11.79 28.18
CA TYR A 365 -25.98 10.51 27.50
C TYR A 365 -27.35 9.86 27.33
N LEU A 366 -28.13 9.83 28.41
CA LEU A 366 -29.46 9.23 28.35
C LEU A 366 -30.36 10.01 27.39
N ALA A 367 -30.29 11.33 27.42
CA ALA A 367 -31.17 12.14 26.61
C ALA A 367 -30.80 12.07 25.14
N ILE A 368 -29.50 12.02 24.83
CA ILE A 368 -29.11 12.00 23.43
C ILE A 368 -29.40 10.64 22.81
N THR A 369 -29.29 9.57 23.60
CA THR A 369 -29.70 8.26 23.11
C THR A 369 -31.21 8.21 22.87
N ILE A 370 -31.98 8.81 23.78
CA ILE A 370 -33.44 8.84 23.63
C ILE A 370 -33.83 9.70 22.42
N ILE A 371 -33.12 10.82 22.20
CA ILE A 371 -33.42 11.70 21.08
C ILE A 371 -33.16 11.00 19.75
N ARG A 372 -32.01 10.33 19.63
CA ARG A 372 -31.72 9.60 18.39
C ARG A 372 -32.71 8.47 18.14
N GLY A 373 -33.09 7.76 19.20
CA GLY A 373 -34.08 6.71 19.06
C GLY A 373 -35.43 7.25 18.63
N MET A 374 -35.84 8.38 19.20
CA MET A 374 -37.12 8.97 18.83
C MET A 374 -37.11 9.50 17.41
N VAL A 375 -35.96 10.01 16.96
CA VAL A 375 -35.82 10.49 15.58
C VAL A 375 -35.99 9.34 14.60
N ILE A 376 -35.32 8.20 14.87
CA ILE A 376 -35.51 7.00 14.07
C ILE A 376 -36.96 6.53 14.13
N SER A 377 -37.60 6.69 15.28
CA SER A 377 -38.99 6.29 15.44
C SER A 377 -39.95 7.12 14.58
N LEU A 378 -39.79 8.45 14.57
CA LEU A 378 -40.71 9.25 13.76
C LEU A 378 -40.40 9.13 12.27
N PHE A 379 -39.14 8.86 11.92
CA PHE A 379 -38.84 8.74 10.50
C PHE A 379 -39.09 7.32 10.01
N SER A 380 -39.41 6.41 10.92
CA SER A 380 -39.77 5.04 10.53
C SER A 380 -41.01 4.91 9.64
N PRO A 381 -42.12 5.67 9.81
CA PRO A 381 -43.17 5.59 8.78
C PRO A 381 -42.76 6.13 7.42
N ILE A 382 -42.02 7.23 7.39
CA ILE A 382 -41.53 7.79 6.14
C ILE A 382 -40.53 6.85 5.48
N LEU A 383 -39.74 6.15 6.29
CA LEU A 383 -38.84 5.15 5.73
C LEU A 383 -39.59 3.90 5.30
N SER A 384 -40.74 3.64 5.92
CA SER A 384 -41.59 2.53 5.48
C SER A 384 -42.23 2.84 4.14
N ARG A 385 -42.43 4.13 3.85
CA ARG A 385 -42.87 4.55 2.51
C ARG A 385 -41.82 4.21 1.46
N ILE A 386 -40.54 4.30 1.82
CA ILE A 386 -39.46 3.83 0.97
C ILE A 386 -39.53 2.30 0.91
N GLY A 387 -39.05 1.71 -0.19
CA GLY A 387 -39.22 0.28 -0.43
C GLY A 387 -38.50 -0.61 0.56
N TYR A 388 -37.42 -0.12 1.16
CA TYR A 388 -36.77 -0.82 2.26
C TYR A 388 -37.21 -0.16 3.57
N GLY A 389 -38.14 -0.80 4.26
CA GLY A 389 -38.55 -0.33 5.56
C GLY A 389 -37.63 -0.85 6.65
N LEU A 390 -37.41 -0.02 7.66
CA LEU A 390 -36.66 -0.45 8.82
C LEU A 390 -37.47 -1.42 9.66
N THR A 391 -36.90 -2.56 10.00
CA THR A 391 -37.50 -3.38 11.03
C THR A 391 -37.20 -2.77 12.39
N TRP A 392 -37.89 -3.27 13.41
CA TRP A 392 -37.67 -2.73 14.74
C TRP A 392 -36.32 -3.17 15.30
N ARG A 393 -35.82 -4.32 14.82
CA ARG A 393 -34.50 -4.78 15.22
C ARG A 393 -33.42 -3.86 14.67
N ASN A 394 -33.51 -3.54 13.38
CA ASN A 394 -32.53 -2.62 12.79
C ASN A 394 -32.67 -1.22 13.35
N ALA A 395 -33.89 -0.85 13.74
CA ALA A 395 -34.10 0.46 14.35
C ALA A 395 -33.42 0.55 15.70
N VAL A 396 -33.51 -0.50 16.52
CA VAL A 396 -32.84 -0.42 17.81
C VAL A 396 -31.33 -0.61 17.65
N ILE A 397 -30.89 -1.27 16.57
CA ILE A 397 -29.46 -1.35 16.30
C ILE A 397 -28.91 0.02 15.90
N MET A 398 -29.62 0.74 15.03
CA MET A 398 -29.21 2.08 14.65
C MET A 398 -29.31 3.06 15.80
N THR A 399 -30.25 2.85 16.71
CA THR A 399 -30.32 3.67 17.91
C THR A 399 -29.11 3.42 18.79
N TRP A 400 -28.79 2.16 19.04
CA TRP A 400 -27.64 1.87 19.90
C TRP A 400 -26.32 2.08 19.19
N GLY A 401 -26.29 1.94 17.88
CA GLY A 401 -25.05 1.91 17.16
C GLY A 401 -24.39 3.24 16.93
N GLY A 402 -25.03 4.33 17.30
CA GLY A 402 -24.37 5.61 17.20
C GLY A 402 -23.31 5.75 18.26
N LEU A 403 -22.05 5.66 17.84
CA LEU A 403 -20.92 5.91 18.72
C LEU A 403 -20.26 7.21 18.26
N ARG A 404 -20.14 8.15 19.18
CA ARG A 404 -19.51 9.42 18.88
C ARG A 404 -18.01 9.21 18.71
N GLY A 405 -17.41 10.02 17.85
CA GLY A 405 -16.03 9.76 17.50
C GLY A 405 -15.12 10.96 17.36
N ALA A 406 -14.10 10.78 16.52
CA ALA A 406 -13.04 11.76 16.37
C ALA A 406 -13.53 13.04 15.72
N VAL A 407 -14.60 12.98 14.93
CA VAL A 407 -15.12 14.20 14.31
C VAL A 407 -15.72 15.12 15.37
N GLY A 408 -16.56 14.55 16.24
CA GLY A 408 -17.11 15.33 17.34
C GLY A 408 -16.05 15.79 18.32
N LEU A 409 -15.04 14.95 18.57
CA LEU A 409 -13.95 15.36 19.44
C LEU A 409 -13.14 16.51 18.83
N ALA A 410 -12.95 16.47 17.51
CA ALA A 410 -12.21 17.54 16.85
C ALA A 410 -12.98 18.85 16.86
N LEU A 411 -14.29 18.79 16.67
CA LEU A 411 -15.09 20.02 16.72
C LEU A 411 -15.13 20.58 18.13
N ALA A 412 -15.14 19.70 19.14
CA ALA A 412 -15.02 20.15 20.51
C ALA A 412 -13.67 20.80 20.78
N LEU A 413 -12.61 20.26 20.20
CA LEU A 413 -11.28 20.86 20.33
C LEU A 413 -11.24 22.23 19.67
N VAL A 414 -11.95 22.39 18.55
CA VAL A 414 -11.99 23.69 17.87
C VAL A 414 -12.72 24.72 18.74
N VAL A 415 -13.85 24.34 19.33
CA VAL A 415 -14.58 25.24 20.23
C VAL A 415 -13.74 25.56 21.46
N GLU A 416 -13.01 24.57 21.98
CA GLU A 416 -12.16 24.78 23.15
C GLU A 416 -11.02 25.74 22.87
N ASN A 417 -10.35 25.59 21.73
CA ASN A 417 -9.21 26.45 21.46
C ASN A 417 -9.64 27.85 21.03
N LEU A 418 -10.82 27.97 20.44
CA LEU A 418 -11.27 29.30 20.07
C LEU A 418 -11.94 30.05 21.23
N ALA A 419 -12.30 29.37 22.30
CA ALA A 419 -12.96 30.07 23.41
C ALA A 419 -11.95 30.71 24.35
N GLY A 420 -10.88 29.99 24.68
CA GLY A 420 -9.82 30.54 25.49
C GLY A 420 -10.15 30.66 26.95
N ASN A 421 -10.32 31.89 27.42
CA ASN A 421 -10.57 32.12 28.84
C ASN A 421 -12.02 31.82 29.22
N ASP A 422 -12.92 31.78 28.26
CA ASP A 422 -14.33 31.50 28.57
C ASP A 422 -14.52 30.03 28.89
N VAL A 423 -15.42 29.75 29.83
CA VAL A 423 -15.60 28.39 30.35
C VAL A 423 -16.40 27.51 29.41
N ILE A 424 -17.00 28.10 28.36
CA ILE A 424 -17.86 27.36 27.45
C ILE A 424 -17.06 26.33 26.68
N GLY A 425 -15.82 26.65 26.29
CA GLY A 425 -14.99 25.69 25.58
C GLY A 425 -14.59 24.52 26.44
N SER A 426 -14.27 24.78 27.72
CA SER A 426 -13.91 23.71 28.64
C SER A 426 -15.07 22.77 28.89
N LYS A 427 -16.28 23.32 29.05
CA LYS A 427 -17.42 22.44 29.32
C LYS A 427 -17.88 21.71 28.06
N PHE A 428 -17.74 22.35 26.90
CA PHE A 428 -17.93 21.68 25.61
C PHE A 428 -17.04 20.47 25.48
N LEU A 429 -15.74 20.65 25.76
CA LEU A 429 -14.77 19.58 25.63
C LEU A 429 -15.04 18.46 26.63
N PHE A 430 -15.40 18.84 27.87
CA PHE A 430 -15.67 17.83 28.89
C PHE A 430 -16.88 16.98 28.52
N HIS A 431 -17.94 17.60 28.04
CA HIS A 431 -19.14 16.84 27.73
C HIS A 431 -18.96 15.99 26.47
N THR A 432 -18.25 16.51 25.47
CA THR A 432 -18.01 15.72 24.27
C THR A 432 -17.11 14.53 24.54
N ALA A 433 -16.05 14.74 25.32
CA ALA A 433 -15.17 13.63 25.68
C ALA A 433 -15.88 12.61 26.57
N GLY A 434 -16.75 13.09 27.46
CA GLY A 434 -17.50 12.17 28.31
C GLY A 434 -18.48 11.33 27.52
N ILE A 435 -19.15 11.93 26.53
CA ILE A 435 -20.08 11.14 25.73
C ILE A 435 -19.35 10.19 24.81
N VAL A 436 -18.15 10.58 24.31
CA VAL A 436 -17.34 9.65 23.53
C VAL A 436 -16.92 8.46 24.36
N VAL A 437 -16.47 8.71 25.60
CA VAL A 437 -16.03 7.63 26.49
C VAL A 437 -17.20 6.72 26.86
N LEU A 438 -18.34 7.32 27.22
CA LEU A 438 -19.52 6.56 27.61
C LEU A 438 -20.07 5.74 26.45
N THR A 439 -20.13 6.33 25.25
CA THR A 439 -20.66 5.62 24.10
C THR A 439 -19.75 4.49 23.69
N LEU A 440 -18.43 4.73 23.71
CA LEU A 440 -17.47 3.67 23.41
C LEU A 440 -17.62 2.50 24.37
N VAL A 441 -17.57 2.79 25.68
CA VAL A 441 -17.64 1.74 26.70
C VAL A 441 -18.97 1.00 26.63
N ILE A 442 -20.08 1.70 26.86
CA ILE A 442 -21.37 1.05 26.99
C ILE A 442 -21.83 0.45 25.66
N ASN A 443 -21.86 1.26 24.60
CA ASN A 443 -22.45 0.79 23.37
C ASN A 443 -21.55 -0.20 22.65
N ALA A 444 -20.22 -0.01 22.65
CA ALA A 444 -19.36 -0.96 22.00
C ALA A 444 -19.25 -2.26 22.77
N THR A 445 -19.34 -2.24 24.11
CA THR A 445 -19.32 -3.50 24.82
C THR A 445 -20.67 -4.20 24.82
N THR A 446 -21.76 -3.49 24.53
CA THR A 446 -23.06 -4.14 24.56
C THR A 446 -23.67 -4.37 23.19
N ILE A 447 -23.01 -3.96 22.10
CA ILE A 447 -23.62 -4.13 20.78
C ILE A 447 -23.66 -5.59 20.37
N GLN A 448 -22.61 -6.36 20.69
CA GLN A 448 -22.60 -7.79 20.38
C GLN A 448 -23.62 -8.54 21.21
N THR A 449 -23.75 -8.16 22.49
CA THR A 449 -24.74 -8.76 23.37
C THR A 449 -26.15 -8.44 22.89
N LEU A 450 -26.35 -7.22 22.40
CA LEU A 450 -27.66 -6.85 21.88
C LEU A 450 -27.96 -7.56 20.57
N LEU A 451 -26.93 -7.86 19.77
CA LEU A 451 -27.16 -8.63 18.56
C LEU A 451 -27.50 -10.08 18.88
N ARG A 452 -26.93 -10.61 19.96
CA ARG A 452 -27.33 -11.93 20.43
C ARG A 452 -28.75 -11.92 20.97
N ILE A 453 -29.09 -10.89 21.74
CA ILE A 453 -30.42 -10.78 22.36
C ILE A 453 -31.50 -10.60 21.29
N LEU A 454 -31.23 -9.79 20.28
CA LEU A 454 -32.17 -9.64 19.17
C LEU A 454 -32.26 -10.89 18.30
N GLY A 455 -31.30 -11.79 18.40
CA GLY A 455 -31.32 -12.93 17.51
C GLY A 455 -30.89 -12.60 16.11
N MET A 456 -30.14 -11.52 15.93
CA MET A 456 -29.58 -11.21 14.64
C MET A 456 -28.20 -11.82 14.43
N SER A 457 -27.56 -12.27 15.52
CA SER A 457 -26.18 -12.73 15.42
C SER A 457 -26.06 -14.22 15.12
N ASP A 458 -27.17 -14.94 15.03
CA ASP A 458 -27.12 -16.38 14.84
C ASP A 458 -26.68 -16.71 13.43
N ILE A 459 -25.75 -17.66 13.30
CA ILE A 459 -25.30 -18.10 11.99
C ILE A 459 -26.41 -18.92 11.36
N SER A 460 -26.75 -18.60 10.11
CA SER A 460 -27.80 -19.32 9.41
C SER A 460 -27.37 -20.74 9.12
N ILE A 461 -28.29 -21.67 9.36
CA ILE A 461 -28.05 -23.12 9.35
C ILE A 461 -27.59 -23.65 7.99
N PRO A 462 -28.11 -23.22 6.82
CA PRO A 462 -27.45 -23.64 5.57
C PRO A 462 -26.07 -23.05 5.38
N LYS A 463 -25.83 -21.83 5.86
CA LYS A 463 -24.47 -21.29 5.82
C LYS A 463 -23.56 -22.02 6.79
N ARG A 464 -24.13 -22.57 7.87
CA ARG A 464 -23.37 -23.44 8.75
C ARG A 464 -23.01 -24.75 8.06
N LEU A 465 -23.97 -25.34 7.34
CA LEU A 465 -23.75 -26.64 6.72
C LEU A 465 -22.77 -26.56 5.55
N ALA A 466 -22.84 -25.48 4.77
CA ALA A 466 -21.91 -25.31 3.66
C ALA A 466 -20.49 -25.13 4.16
N MET A 467 -20.31 -24.37 5.24
CA MET A 467 -19.00 -24.23 5.85
C MET A 467 -18.52 -25.52 6.48
N ALA A 468 -19.44 -26.32 7.04
CA ALA A 468 -19.05 -27.61 7.60
C ALA A 468 -18.55 -28.55 6.52
N GLY A 469 -19.23 -28.56 5.38
CA GLY A 469 -18.75 -29.35 4.26
C GLY A 469 -17.42 -28.85 3.71
N ALA A 470 -17.25 -27.52 3.70
CA ALA A 470 -15.98 -26.93 3.25
C ALA A 470 -14.83 -27.30 4.17
N VAL A 471 -15.06 -27.27 5.48
CA VAL A 471 -13.96 -27.55 6.40
C VAL A 471 -13.71 -29.05 6.47
N ARG A 472 -14.72 -29.88 6.22
CA ARG A 472 -14.46 -31.31 6.11
C ARG A 472 -13.68 -31.63 4.84
N ARG A 473 -13.94 -30.90 3.75
CA ARG A 473 -13.16 -31.10 2.53
C ARG A 473 -11.74 -30.59 2.70
N ILE A 474 -11.55 -29.52 3.48
CA ILE A 474 -10.21 -29.07 3.83
C ILE A 474 -9.48 -30.13 4.64
N HIS A 475 -10.19 -30.78 5.56
CA HIS A 475 -9.62 -31.90 6.31
C HIS A 475 -9.26 -33.06 5.39
N GLU A 476 -10.11 -33.33 4.40
CA GLU A 476 -9.84 -34.39 3.44
C GLU A 476 -8.62 -34.07 2.58
N GLY A 477 -8.49 -32.81 2.14
CA GLY A 477 -7.31 -32.41 1.40
C GLY A 477 -6.05 -32.43 2.24
N GLN A 478 -6.16 -32.10 3.52
CA GLN A 478 -5.05 -32.22 4.45
C GLN A 478 -4.63 -33.68 4.60
N ASN A 479 -5.61 -34.59 4.67
CA ASN A 479 -5.31 -36.01 4.73
C ASN A 479 -4.63 -36.50 3.46
N ARG A 480 -5.09 -36.02 2.30
CA ARG A 480 -4.47 -36.40 1.04
C ARG A 480 -3.03 -35.90 0.94
N THR A 481 -2.77 -34.68 1.39
CA THR A 481 -1.41 -34.17 1.36
C THR A 481 -0.53 -34.87 2.38
N LEU A 482 -1.09 -35.27 3.53
CA LEU A 482 -0.32 -36.06 4.48
C LEU A 482 0.03 -37.43 3.92
N ASN A 483 -0.91 -38.06 3.21
CA ASN A 483 -0.65 -39.35 2.61
C ASN A 483 0.40 -39.26 1.50
N MET A 484 0.33 -38.24 0.66
CA MET A 484 1.34 -38.08 -0.37
C MET A 484 2.68 -37.64 0.21
N LEU A 485 2.65 -36.97 1.37
CA LEU A 485 3.88 -36.45 1.96
C LEU A 485 4.55 -37.45 2.87
N LYS A 486 3.85 -38.51 3.25
CA LYS A 486 4.53 -39.57 3.98
C LYS A 486 5.48 -40.34 3.07
N SER A 487 5.16 -40.42 1.79
CA SER A 487 5.97 -41.14 0.82
C SER A 487 6.90 -40.21 0.05
N ASP A 488 7.86 -39.63 0.74
CA ASP A 488 8.94 -38.90 0.10
C ASP A 488 10.26 -39.34 0.68
N ARG A 489 11.32 -39.15 -0.09
CA ARG A 489 12.62 -39.67 0.30
C ARG A 489 13.32 -38.79 1.32
N PHE A 490 12.74 -37.65 1.66
CA PHE A 490 13.37 -36.75 2.61
C PHE A 490 12.49 -36.48 3.83
N LEU A 491 11.25 -36.06 3.62
CA LEU A 491 10.44 -35.61 4.73
C LEU A 491 9.77 -36.75 5.49
N ALA A 492 10.18 -38.00 5.25
CA ALA A 492 9.63 -39.13 5.98
C ALA A 492 10.06 -39.12 7.45
N ASP A 493 11.15 -38.44 7.77
CA ASP A 493 11.54 -38.33 9.17
C ASP A 493 10.70 -37.32 9.93
N ALA A 494 10.00 -36.42 9.24
CA ALA A 494 9.20 -35.40 9.90
C ALA A 494 7.99 -36.03 10.57
N ASP A 495 7.90 -35.88 11.88
CA ASP A 495 6.84 -36.54 12.63
C ASP A 495 5.51 -35.87 12.35
N TRP A 496 4.50 -36.69 12.14
CA TRP A 496 3.20 -36.18 11.75
C TRP A 496 2.35 -35.79 12.94
N ASP A 497 2.79 -36.08 14.16
CA ASP A 497 2.03 -35.70 15.34
C ASP A 497 1.97 -34.19 15.49
N ILE A 498 3.14 -33.53 15.43
CA ILE A 498 3.17 -32.09 15.55
C ILE A 498 2.58 -31.43 14.31
N ALA A 499 2.66 -32.10 13.16
CA ALA A 499 2.10 -31.53 11.93
C ALA A 499 0.58 -31.55 11.95
N THR A 500 -0.01 -32.67 12.37
CA THR A 500 -1.45 -32.75 12.51
C THR A 500 -1.95 -31.86 13.64
N ALA A 501 -1.15 -31.70 14.70
CA ALA A 501 -1.53 -30.77 15.75
C ALA A 501 -1.47 -29.34 15.28
N ALA A 502 -0.57 -29.03 14.34
CA ALA A 502 -0.46 -27.66 13.87
C ALA A 502 -1.57 -27.31 12.88
N CYS A 503 -1.69 -28.07 11.81
CA CYS A 503 -2.57 -27.67 10.70
C CYS A 503 -3.93 -28.36 10.78
N GLU A 504 -4.71 -27.97 11.78
CA GLU A 504 -6.12 -28.36 11.88
C GLU A 504 -6.95 -27.09 11.90
N ILE A 505 -7.87 -26.97 10.94
CA ILE A 505 -8.76 -25.83 10.86
C ILE A 505 -10.04 -26.22 11.58
N SER A 506 -10.21 -25.72 12.80
CA SER A 506 -11.46 -25.94 13.50
C SER A 506 -12.54 -25.04 12.92
N ASP A 507 -13.78 -25.41 13.17
CA ASP A 507 -14.91 -24.60 12.73
C ASP A 507 -15.02 -23.38 13.63
N PRO A 508 -15.01 -22.16 13.08
CA PRO A 508 -15.38 -20.99 13.89
C PRO A 508 -16.83 -21.02 14.36
N TYR A 509 -17.71 -21.77 13.69
CA TYR A 509 -19.12 -21.74 14.04
C TYR A 509 -19.45 -22.74 15.15
N SER A 510 -19.11 -24.02 14.93
CA SER A 510 -19.35 -25.13 15.88
C SER A 510 -20.81 -25.24 16.33
N SER A 544 -47.49 -34.10 3.35
CA SER A 544 -48.08 -32.99 4.07
C SER A 544 -47.90 -31.68 3.31
N PRO A 545 -49.02 -30.97 3.05
CA PRO A 545 -48.93 -29.71 2.29
C PRO A 545 -48.14 -28.62 2.98
N ARG A 546 -48.12 -28.60 4.32
CA ARG A 546 -47.21 -27.71 5.04
C ARG A 546 -45.76 -28.12 4.81
N GLU A 547 -45.49 -29.43 4.85
CA GLU A 547 -44.15 -29.91 4.55
C GLU A 547 -43.83 -29.76 3.07
N PHE A 548 -44.85 -29.76 2.21
CA PHE A 548 -44.63 -29.48 0.79
C PHE A 548 -44.28 -28.01 0.58
N ALA A 549 -44.89 -27.10 1.38
CA ALA A 549 -44.52 -25.70 1.30
C ALA A 549 -43.11 -25.46 1.82
N ASP A 550 -42.72 -26.17 2.88
CA ASP A 550 -41.34 -26.11 3.35
C ASP A 550 -40.36 -26.66 2.33
N MET A 551 -40.76 -27.73 1.63
CA MET A 551 -39.97 -28.26 0.52
C MET A 551 -39.85 -27.24 -0.62
N MET A 552 -40.94 -26.51 -0.90
CA MET A 552 -40.89 -25.47 -1.92
C MET A 552 -39.94 -24.34 -1.51
N GLU A 553 -39.95 -23.95 -0.24
CA GLU A 553 -39.03 -22.91 0.22
C GLU A 553 -37.58 -23.39 0.17
N GLU A 554 -37.36 -24.66 0.50
CA GLU A 554 -36.02 -25.24 0.39
C GLU A 554 -35.54 -25.27 -1.05
N ALA A 555 -36.43 -25.65 -1.98
CA ALA A 555 -36.08 -25.65 -3.39
C ALA A 555 -35.84 -24.24 -3.91
N ARG A 556 -36.59 -23.27 -3.38
CA ARG A 556 -36.36 -21.87 -3.69
C ARG A 556 -34.96 -21.43 -3.29
N LEU A 557 -34.57 -21.77 -2.05
CA LEU A 557 -33.25 -21.40 -1.57
C LEU A 557 -32.15 -22.11 -2.35
N ARG A 558 -32.38 -23.37 -2.72
CA ARG A 558 -31.37 -24.11 -3.47
C ARG A 558 -31.20 -23.56 -4.87
N MET A 559 -32.30 -23.17 -5.52
CA MET A 559 -32.20 -22.56 -6.84
C MET A 559 -31.55 -21.19 -6.78
N LEU A 560 -31.84 -20.40 -5.74
CA LEU A 560 -31.20 -19.10 -5.61
C LEU A 560 -29.71 -19.23 -5.35
N LYS A 561 -29.31 -20.16 -4.48
CA LYS A 561 -27.89 -20.31 -4.23
C LYS A 561 -27.17 -20.94 -5.41
N ALA A 562 -27.85 -21.76 -6.20
CA ALA A 562 -27.27 -22.26 -7.43
C ALA A 562 -27.08 -21.14 -8.45
N GLU A 563 -28.02 -20.21 -8.51
CA GLU A 563 -27.89 -19.08 -9.41
C GLU A 563 -26.73 -18.18 -9.01
N LYS A 564 -26.57 -17.94 -7.70
CA LYS A 564 -25.43 -17.15 -7.22
C LYS A 564 -24.11 -17.85 -7.50
N ILE A 565 -24.08 -19.19 -7.30
CA ILE A 565 -22.90 -19.98 -7.60
C ILE A 565 -22.57 -19.90 -9.08
N SER A 566 -23.60 -19.93 -9.93
CA SER A 566 -23.38 -19.79 -11.36
C SER A 566 -22.85 -18.41 -11.72
N TYR A 567 -23.32 -17.37 -11.02
CA TYR A 567 -22.84 -16.03 -11.31
C TYR A 567 -21.37 -15.88 -10.93
N TRP A 568 -20.98 -16.45 -9.79
CA TRP A 568 -19.57 -16.42 -9.42
C TRP A 568 -18.73 -17.27 -10.36
N LYS A 569 -19.29 -18.36 -10.88
CA LYS A 569 -18.59 -19.15 -11.88
C LYS A 569 -18.42 -18.40 -13.18
N GLN A 570 -19.43 -17.61 -13.57
CA GLN A 570 -19.31 -16.78 -14.76
C GLN A 570 -18.29 -15.68 -14.58
N PHE A 571 -18.16 -15.17 -13.35
CA PHE A 571 -17.09 -14.26 -13.05
C PHE A 571 -15.73 -14.93 -13.20
N GLU A 572 -15.62 -16.16 -12.71
CA GLU A 572 -14.31 -16.81 -12.61
C GLU A 572 -13.69 -17.15 -13.97
N HIS A 573 -14.51 -17.30 -15.01
CA HIS A 573 -13.98 -17.52 -16.35
C HIS A 573 -13.82 -16.22 -17.13
N GLY A 574 -14.20 -15.09 -16.57
CA GLY A 574 -14.13 -13.85 -17.31
C GLY A 574 -15.22 -13.66 -18.32
N MET A 575 -16.36 -14.33 -18.13
CA MET A 575 -17.49 -14.16 -19.05
C MET A 575 -18.12 -12.79 -18.92
N LEU A 576 -18.33 -12.32 -17.71
CA LEU A 576 -19.02 -11.06 -17.45
C LEU A 576 -18.10 -10.05 -16.78
N ALA A 577 -18.43 -8.77 -16.95
CA ALA A 577 -17.71 -7.71 -16.27
C ALA A 577 -18.07 -7.67 -14.79
N ARG A 578 -17.15 -7.10 -14.00
CA ARG A 578 -17.35 -6.96 -12.57
C ARG A 578 -18.51 -6.03 -12.24
N GLU A 579 -18.63 -4.94 -13.01
CA GLU A 579 -19.73 -3.99 -12.82
C GLU A 579 -21.08 -4.61 -13.20
N ALA A 580 -21.10 -5.46 -14.21
CA ALA A 580 -22.33 -6.17 -14.54
C ALA A 580 -22.62 -7.28 -13.54
N LEU A 581 -21.58 -7.92 -13.03
CA LEU A 581 -21.77 -8.96 -12.03
C LEU A 581 -22.28 -8.38 -10.72
N ARG A 582 -21.92 -7.14 -10.41
CA ARG A 582 -22.46 -6.47 -9.23
C ARG A 582 -23.97 -6.30 -9.34
N LEU A 583 -24.45 -5.87 -10.50
CA LEU A 583 -25.89 -5.75 -10.71
C LEU A 583 -26.58 -7.11 -10.73
N LEU A 584 -25.90 -8.13 -11.27
CA LEU A 584 -26.48 -9.46 -11.31
C LEU A 584 -26.64 -10.05 -9.92
N VAL A 585 -25.61 -9.95 -9.08
CA VAL A 585 -25.74 -10.43 -7.72
C VAL A 585 -26.63 -9.51 -6.90
N GLN A 586 -26.79 -8.25 -7.30
CA GLN A 586 -27.72 -7.37 -6.59
C GLN A 586 -29.17 -7.78 -6.85
N HIS A 587 -29.48 -8.15 -8.09
CA HIS A 587 -30.79 -8.73 -8.38
C HIS A 587 -30.96 -10.06 -7.68
N ALA A 588 -29.86 -10.83 -7.54
CA ALA A 588 -29.92 -12.07 -6.79
C ALA A 588 -30.23 -11.82 -5.32
N GLU A 589 -29.62 -10.80 -4.73
CA GLU A 589 -29.89 -10.49 -3.32
C GLU A 589 -31.28 -9.91 -3.13
N VAL A 590 -31.79 -9.18 -4.13
CA VAL A 590 -33.17 -8.70 -4.11
C VAL A 590 -34.14 -9.88 -4.12
N ALA A 591 -33.87 -10.88 -4.97
CA ALA A 591 -34.69 -12.09 -4.97
C ALA A 591 -34.51 -12.88 -3.68
N ALA A 592 -33.34 -12.77 -3.05
CA ALA A 592 -33.13 -13.41 -1.76
C ALA A 592 -33.93 -12.73 -0.66
N ASP A 593 -34.18 -11.43 -0.81
CA ASP A 593 -34.99 -10.71 0.18
C ASP A 593 -36.45 -11.16 0.14
N GLU A 594 -36.99 -11.35 -1.06
CA GLU A 594 -38.38 -11.78 -1.21
C GLU A 594 -38.49 -13.26 -0.91
N LYS A 595 -39.51 -13.63 -0.12
CA LYS A 595 -39.61 -15.00 0.36
C LYS A 595 -40.12 -15.95 -0.71
N ASP A 596 -41.22 -15.60 -1.38
CA ASP A 596 -41.86 -16.51 -2.32
C ASP A 596 -41.71 -16.07 -3.77
N GLN A 597 -40.88 -15.07 -4.05
CA GLN A 597 -40.70 -14.56 -5.40
C GLN A 597 -39.37 -15.05 -5.95
N PHE A 598 -39.42 -15.68 -7.12
CA PHE A 598 -38.21 -16.13 -7.81
C PHE A 598 -37.53 -14.96 -8.49
N ILE A 599 -36.47 -15.26 -9.25
CA ILE A 599 -35.82 -14.22 -10.01
C ILE A 599 -36.71 -13.83 -11.18
N LEU A 600 -37.21 -12.61 -11.16
CA LEU A 600 -38.19 -12.13 -12.12
C LEU A 600 -37.49 -11.62 -13.37
N VAL A 601 -38.29 -11.22 -14.34
CA VAL A 601 -37.75 -10.78 -15.62
C VAL A 601 -37.95 -9.29 -15.78
N ASP A 602 -38.97 -8.73 -15.11
CA ASP A 602 -39.27 -7.32 -15.29
C ASP A 602 -38.26 -6.43 -14.59
N ASP A 603 -37.71 -6.88 -13.45
CA ASP A 603 -36.68 -6.13 -12.77
C ASP A 603 -35.41 -6.03 -13.61
N LEU A 604 -35.07 -7.10 -14.31
CA LEU A 604 -33.96 -7.06 -15.25
C LEU A 604 -34.33 -6.26 -16.50
N LYS A 605 -35.59 -6.34 -16.92
CA LYS A 605 -36.06 -5.60 -18.09
C LYS A 605 -35.94 -4.11 -17.89
N LYS A 606 -36.17 -3.64 -16.65
CA LYS A 606 -35.94 -2.23 -16.34
C LYS A 606 -34.47 -1.86 -16.49
N SER A 607 -33.56 -2.81 -16.26
CA SER A 607 -32.16 -2.53 -16.53
C SER A 607 -31.85 -2.56 -18.02
N TRP A 608 -32.62 -3.30 -18.84
CA TRP A 608 -32.40 -3.12 -20.28
C TRP A 608 -33.09 -1.88 -20.82
N GLN A 609 -34.06 -1.32 -20.10
CA GLN A 609 -34.79 -0.16 -20.58
C GLN A 609 -33.90 1.06 -20.58
N ILE A 610 -33.84 1.76 -21.73
CA ILE A 610 -32.98 2.91 -21.87
C ILE A 610 -33.69 4.20 -21.49
N LYS A 611 -34.96 4.12 -21.12
CA LYS A 611 -35.78 5.31 -20.92
C LYS A 611 -35.36 6.08 -19.68
N GLY A 612 -35.29 7.40 -19.82
CA GLY A 612 -34.89 8.27 -18.74
C GLY A 612 -34.86 9.70 -19.23
N ILE A 613 -34.19 10.56 -18.46
CA ILE A 613 -34.03 11.94 -18.88
C ILE A 613 -33.08 12.02 -20.08
N TYR A 614 -32.05 11.18 -20.10
CA TYR A 614 -31.03 11.16 -21.15
C TYR A 614 -31.55 10.84 -22.55
N PRO A 615 -32.43 9.86 -22.80
CA PRO A 615 -32.95 9.73 -24.18
C PRO A 615 -33.88 10.85 -24.59
N TRP A 616 -34.61 11.45 -23.64
CA TRP A 616 -35.38 12.65 -23.95
C TRP A 616 -34.46 13.79 -24.37
N LEU A 617 -33.35 13.97 -23.66
CA LEU A 617 -32.36 14.96 -24.05
C LEU A 617 -31.69 14.58 -25.37
N LYS A 618 -31.59 13.27 -25.64
CA LYS A 618 -31.07 12.82 -26.92
C LYS A 618 -31.99 13.19 -28.07
N ARG A 619 -33.30 13.04 -27.88
CA ARG A 619 -34.26 13.49 -28.88
C ARG A 619 -34.19 15.00 -29.07
N LYS A 620 -34.03 15.74 -27.96
CA LYS A 620 -33.92 17.19 -28.06
C LYS A 620 -32.62 17.60 -28.76
N LEU A 621 -31.54 16.85 -28.55
CA LEU A 621 -30.29 17.14 -29.25
C LEU A 621 -30.36 16.76 -30.71
N GLU A 622 -31.09 15.71 -31.05
CA GLU A 622 -31.34 15.36 -32.45
C GLU A 622 -32.17 16.43 -33.14
N ASP A 623 -33.10 17.06 -32.40
CA ASP A 623 -33.76 18.25 -32.92
C ASP A 623 -32.78 19.40 -33.05
N LEU A 624 -31.83 19.51 -32.12
CA LEU A 624 -30.83 20.57 -32.12
C LEU A 624 -29.76 20.40 -33.19
N ILE A 625 -29.69 19.22 -33.82
CA ILE A 625 -28.75 19.02 -34.92
C ILE A 625 -29.13 19.90 -36.11
N SER A 626 -30.41 19.89 -36.48
CA SER A 626 -30.90 20.73 -37.57
C SER A 626 -31.04 22.18 -37.13
N THR A 787 -20.17 28.31 -28.22
CA THR A 787 -20.64 27.09 -27.58
C THR A 787 -21.27 26.16 -28.60
N LYS A 788 -21.46 26.68 -29.82
CA LYS A 788 -22.04 25.89 -30.90
C LYS A 788 -21.12 24.76 -31.32
N ALA A 789 -19.80 24.98 -31.24
CA ALA A 789 -18.86 23.89 -31.44
C ALA A 789 -18.79 22.96 -30.24
N LEU A 790 -19.17 23.43 -29.06
CA LEU A 790 -19.17 22.58 -27.88
C LEU A 790 -20.43 21.73 -27.76
N ILE A 791 -21.48 22.06 -28.53
CA ILE A 791 -22.69 21.23 -28.54
C ILE A 791 -22.46 19.80 -29.05
N PRO A 792 -21.78 19.56 -30.18
CA PRO A 792 -21.59 18.14 -30.60
C PRO A 792 -20.74 17.32 -29.65
N LYS A 793 -19.84 17.95 -28.89
CA LYS A 793 -19.18 17.24 -27.80
C LYS A 793 -20.17 16.80 -26.76
N LEU A 794 -21.19 17.63 -26.47
CA LEU A 794 -22.21 17.24 -25.52
C LEU A 794 -23.10 16.12 -26.06
N ILE A 795 -23.41 16.13 -27.37
CA ILE A 795 -24.20 15.03 -27.90
C ILE A 795 -23.39 13.75 -27.93
N LEU A 796 -22.06 13.86 -28.10
CA LEU A 796 -21.22 12.67 -28.00
C LEU A 796 -21.18 12.13 -26.58
N VAL A 797 -21.13 13.01 -25.58
CA VAL A 797 -21.11 12.59 -24.18
C VAL A 797 -22.42 11.91 -23.80
N VAL A 798 -23.55 12.49 -24.22
CA VAL A 798 -24.86 11.92 -23.93
C VAL A 798 -25.03 10.56 -24.63
N ASN A 799 -24.61 10.48 -25.90
CA ASN A 799 -24.68 9.22 -26.63
C ASN A 799 -23.78 8.16 -26.00
N GLY A 800 -22.60 8.56 -25.51
CA GLY A 800 -21.71 7.63 -24.86
C GLY A 800 -22.29 7.10 -23.55
N LYS A 801 -22.95 7.97 -22.79
CA LYS A 801 -23.60 7.53 -21.56
C LYS A 801 -24.72 6.54 -21.86
N ILE A 802 -25.49 6.81 -22.92
CA ILE A 802 -26.59 5.92 -23.31
C ILE A 802 -26.05 4.57 -23.73
N ASN A 803 -25.01 4.56 -24.59
CA ASN A 803 -24.54 3.27 -25.07
C ASN A 803 -23.76 2.51 -24.03
N ASN A 804 -23.11 3.18 -23.07
CA ASN A 804 -22.51 2.45 -21.95
C ASN A 804 -23.58 1.81 -21.07
N GLN A 805 -24.69 2.51 -20.82
CA GLN A 805 -25.75 1.92 -20.01
C GLN A 805 -26.38 0.71 -20.69
N LEU A 806 -26.63 0.80 -21.99
CA LEU A 806 -27.20 -0.36 -22.65
C LEU A 806 -26.17 -1.46 -22.90
N SER A 807 -24.88 -1.13 -22.92
CA SER A 807 -23.84 -2.15 -22.96
C SER A 807 -23.83 -2.96 -21.67
N LEU A 808 -24.01 -2.28 -20.53
CA LEU A 808 -24.17 -2.98 -19.27
C LEU A 808 -25.44 -3.80 -19.26
N GLY A 809 -26.50 -3.30 -19.91
CA GLY A 809 -27.71 -4.09 -20.05
C GLY A 809 -27.50 -5.37 -20.84
N TYR A 810 -26.76 -5.28 -21.94
CA TYR A 810 -26.44 -6.47 -22.74
C TYR A 810 -25.61 -7.45 -21.95
N ASP A 811 -24.68 -6.94 -21.14
CA ASP A 811 -23.84 -7.82 -20.33
C ASP A 811 -24.65 -8.55 -19.27
N VAL A 812 -25.57 -7.85 -18.61
CA VAL A 812 -26.38 -8.50 -17.57
C VAL A 812 -27.37 -9.48 -18.21
N GLY A 813 -27.84 -9.17 -19.41
CA GLY A 813 -28.69 -10.10 -20.13
C GLY A 813 -27.97 -11.39 -20.48
N LYS A 814 -26.75 -11.26 -21.00
CA LYS A 814 -25.94 -12.43 -21.32
C LYS A 814 -25.64 -13.25 -20.07
N GLY A 815 -25.37 -12.57 -18.97
CA GLY A 815 -25.14 -13.26 -17.71
C GLY A 815 -26.35 -14.03 -17.23
N TYR A 816 -27.53 -13.45 -17.38
CA TYR A 816 -28.74 -14.12 -16.91
C TYR A 816 -29.06 -15.36 -17.72
N ILE A 817 -28.93 -15.27 -19.06
CA ILE A 817 -29.26 -16.43 -19.88
C ILE A 817 -28.21 -17.53 -19.70
N ILE A 818 -26.93 -17.15 -19.55
CA ILE A 818 -25.89 -18.15 -19.32
C ILE A 818 -26.09 -18.84 -17.99
N GLY A 819 -26.46 -18.07 -16.96
CA GLY A 819 -26.69 -18.67 -15.65
C GLY A 819 -27.88 -19.59 -15.63
N GLU A 820 -28.96 -19.20 -16.32
CA GLU A 820 -30.12 -20.08 -16.41
C GLU A 820 -29.80 -21.35 -17.18
N GLU A 821 -28.99 -21.25 -18.24
CA GLU A 821 -28.60 -22.43 -18.99
C GLU A 821 -27.77 -23.39 -18.15
N GLU A 822 -26.80 -22.85 -17.40
CA GLU A 822 -25.96 -23.70 -16.56
C GLU A 822 -26.78 -24.34 -15.44
N VAL A 823 -27.70 -23.58 -14.85
CA VAL A 823 -28.54 -24.13 -13.78
C VAL A 823 -29.47 -25.21 -14.33
N GLY A 824 -30.05 -24.98 -15.51
CA GLY A 824 -30.91 -25.98 -16.10
C GLY A 824 -30.17 -27.24 -16.51
N LYS A 825 -28.89 -27.11 -16.86
CA LYS A 825 -28.06 -28.28 -17.00
C LYS A 825 -27.85 -28.97 -15.66
N ILE A 826 -27.62 -28.19 -14.60
CA ILE A 826 -27.17 -28.78 -13.34
C ILE A 826 -28.34 -29.32 -12.54
N ILE A 827 -29.41 -28.53 -12.40
CA ILE A 827 -30.45 -28.85 -11.42
C ILE A 827 -31.35 -30.00 -11.84
N ASP A 828 -31.25 -30.46 -13.09
CA ASP A 828 -32.09 -31.55 -13.56
C ASP A 828 -31.77 -32.87 -12.87
N ARG A 829 -30.53 -33.04 -12.41
CA ARG A 829 -30.11 -34.30 -11.82
C ARG A 829 -30.32 -34.37 -10.31
N MET A 830 -30.68 -33.27 -9.65
CA MET A 830 -30.65 -33.25 -8.20
C MET A 830 -31.96 -32.82 -7.53
N VAL A 831 -33.02 -32.55 -8.28
CA VAL A 831 -34.30 -32.27 -7.64
C VAL A 831 -35.03 -33.59 -7.37
N ASP A 832 -35.49 -33.77 -6.13
CA ASP A 832 -36.09 -35.03 -5.72
C ASP A 832 -37.49 -35.22 -6.29
N ASN A 833 -38.32 -34.18 -6.25
CA ASN A 833 -39.74 -34.32 -6.61
C ASN A 833 -39.95 -33.81 -8.02
N LYS A 834 -40.56 -34.66 -8.86
CA LYS A 834 -40.70 -34.37 -10.27
C LYS A 834 -41.69 -33.24 -10.53
N LYS A 835 -42.72 -33.09 -9.68
CA LYS A 835 -43.72 -32.05 -9.89
C LYS A 835 -43.12 -30.66 -9.66
N ILE A 836 -42.41 -30.48 -8.54
CA ILE A 836 -41.77 -29.19 -8.30
C ILE A 836 -40.57 -29.01 -9.22
N LEU A 837 -39.99 -30.10 -9.72
CA LEU A 837 -38.96 -30.00 -10.75
C LEU A 837 -39.55 -29.40 -12.03
N ARG A 838 -40.73 -29.87 -12.43
CA ARG A 838 -41.40 -29.32 -13.60
C ARG A 838 -41.78 -27.86 -13.36
N GLU A 839 -42.20 -27.53 -12.13
CA GLU A 839 -42.55 -26.15 -11.80
C GLU A 839 -41.36 -25.20 -11.91
N LEU A 840 -40.23 -25.59 -11.29
CA LEU A 840 -39.04 -24.75 -11.32
C LEU A 840 -38.45 -24.66 -12.72
N LYS A 841 -38.46 -25.75 -13.47
CA LYS A 841 -38.03 -25.66 -14.85
C LYS A 841 -39.00 -24.86 -15.70
N HIS A 842 -40.28 -24.83 -15.35
CA HIS A 842 -41.24 -24.01 -16.09
C HIS A 842 -40.95 -22.52 -15.91
N ILE A 843 -40.75 -22.10 -14.66
CA ILE A 843 -40.47 -20.68 -14.44
C ILE A 843 -39.10 -20.30 -15.00
N SER A 844 -38.13 -21.23 -14.92
CA SER A 844 -36.82 -20.97 -15.50
C SER A 844 -36.88 -20.87 -17.02
N GLU A 845 -37.68 -21.71 -17.67
CA GLU A 845 -37.77 -21.68 -19.13
C GLU A 845 -38.53 -20.46 -19.62
N THR A 846 -39.56 -20.04 -18.88
CA THR A 846 -40.24 -18.80 -19.23
C THR A 846 -39.32 -17.60 -19.10
N GLY A 847 -38.52 -17.56 -18.03
CA GLY A 847 -37.52 -16.52 -17.90
C GLY A 847 -36.47 -16.55 -19.00
N ARG A 848 -36.09 -17.76 -19.43
CA ARG A 848 -35.12 -17.93 -20.51
C ARG A 848 -35.67 -17.37 -21.83
N LEU A 849 -36.92 -17.72 -22.14
CA LEU A 849 -37.56 -17.21 -23.36
C LEU A 849 -37.72 -15.70 -23.31
N GLN A 850 -38.08 -15.17 -22.14
CA GLN A 850 -38.27 -13.73 -22.01
C GLN A 850 -36.95 -12.98 -22.15
N VAL A 851 -35.86 -13.49 -21.58
CA VAL A 851 -34.60 -12.76 -21.65
C VAL A 851 -34.01 -12.85 -23.05
N VAL A 852 -34.20 -13.97 -23.75
CA VAL A 852 -33.68 -14.03 -25.10
C VAL A 852 -34.54 -13.18 -26.04
N LYS A 853 -35.84 -13.05 -25.75
CA LYS A 853 -36.69 -12.14 -26.51
C LYS A 853 -36.28 -10.69 -26.32
N GLU A 854 -36.00 -10.29 -25.08
CA GLU A 854 -35.59 -8.92 -24.81
C GLU A 854 -34.22 -8.62 -25.41
N LEU A 855 -33.30 -9.58 -25.34
CA LEU A 855 -32.00 -9.39 -25.96
C LEU A 855 -32.10 -9.33 -27.48
N GLY A 856 -33.02 -10.09 -28.09
CA GLY A 856 -33.24 -9.97 -29.52
C GLY A 856 -33.76 -8.60 -29.92
N LEU A 857 -34.70 -8.07 -29.12
CA LEU A 857 -35.18 -6.71 -29.37
C LEU A 857 -34.06 -5.68 -29.17
N LEU A 858 -33.21 -5.89 -28.16
CA LEU A 858 -32.14 -4.94 -27.88
C LEU A 858 -31.09 -4.95 -28.98
N GLN A 859 -30.76 -6.14 -29.49
CA GLN A 859 -29.84 -6.25 -30.62
C GLN A 859 -30.46 -5.65 -31.88
N ARG A 860 -31.78 -5.75 -32.02
CA ARG A 860 -32.46 -5.09 -33.14
C ARG A 860 -32.36 -3.58 -33.03
N GLU A 861 -32.45 -3.04 -31.81
CA GLU A 861 -32.55 -1.60 -31.63
C GLU A 861 -31.26 -0.87 -31.99
N HIS A 862 -30.10 -1.45 -31.69
CA HIS A 862 -28.82 -0.78 -31.90
C HIS A 862 -27.73 -1.84 -31.94
N PRO A 863 -27.41 -2.34 -33.13
CA PRO A 863 -26.53 -3.52 -33.22
C PRO A 863 -25.07 -3.23 -32.97
N GLY A 864 -24.67 -1.96 -33.20
CA GLY A 864 -23.26 -1.61 -33.11
C GLY A 864 -22.72 -1.71 -31.70
N ILE A 865 -23.51 -1.33 -30.71
CA ILE A 865 -23.04 -1.40 -29.34
C ILE A 865 -23.07 -2.84 -28.84
N ALA A 866 -23.95 -3.66 -29.42
CA ALA A 866 -23.89 -5.10 -29.16
C ALA A 866 -22.60 -5.72 -29.69
N VAL A 867 -22.20 -5.32 -30.90
CA VAL A 867 -20.93 -5.78 -31.45
C VAL A 867 -19.77 -5.28 -30.60
N SER A 868 -19.87 -4.05 -30.08
CA SER A 868 -18.84 -3.50 -29.22
C SER A 868 -18.70 -4.25 -27.91
N VAL A 869 -19.82 -4.65 -27.30
CA VAL A 869 -19.70 -5.38 -26.03
C VAL A 869 -19.23 -6.80 -26.29
N LYS A 870 -19.53 -7.36 -27.45
CA LYS A 870 -18.95 -8.66 -27.82
C LYS A 870 -17.44 -8.56 -28.00
N THR A 871 -16.97 -7.46 -28.61
CA THR A 871 -15.52 -7.29 -28.76
C THR A 871 -14.85 -7.04 -27.42
N ARG A 872 -15.50 -6.31 -26.51
CA ARG A 872 -14.90 -6.06 -25.20
C ARG A 872 -14.79 -7.34 -24.39
N GLN A 873 -15.80 -8.21 -24.50
CA GLN A 873 -15.72 -9.54 -23.93
C GLN A 873 -14.59 -10.35 -24.56
N ALA A 874 -14.38 -10.20 -25.87
CA ALA A 874 -13.30 -10.91 -26.55
C ALA A 874 -11.94 -10.47 -26.05
N ILE A 875 -11.76 -9.16 -25.88
CA ILE A 875 -10.48 -8.62 -25.41
C ILE A 875 -10.20 -9.11 -23.99
N ARG A 876 -11.22 -9.08 -23.13
CA ARG A 876 -11.05 -9.56 -21.76
C ARG A 876 -10.67 -11.02 -21.71
N THR A 877 -11.31 -11.87 -22.52
CA THR A 877 -11.01 -13.29 -22.48
C THR A 877 -9.61 -13.60 -23.01
N ILE A 878 -9.22 -12.94 -24.12
CA ILE A 878 -7.90 -13.19 -24.69
C ILE A 878 -6.80 -12.70 -23.75
N LEU A 879 -6.95 -11.50 -23.18
CA LEU A 879 -5.92 -10.99 -22.30
C LEU A 879 -5.85 -11.76 -20.99
N ASN A 880 -6.97 -12.27 -20.49
CA ASN A 880 -6.91 -13.06 -19.26
C ASN A 880 -6.24 -14.40 -19.51
N HIS A 881 -6.49 -15.01 -20.67
CA HIS A 881 -5.78 -16.25 -20.99
C HIS A 881 -4.31 -15.99 -21.27
N SER A 882 -3.96 -14.79 -21.75
CA SER A 882 -2.53 -14.48 -21.92
C SER A 882 -1.85 -14.25 -20.58
N ARG A 883 -2.57 -13.69 -19.61
CA ARG A 883 -2.03 -13.56 -18.27
C ARG A 883 -1.84 -14.93 -17.63
N GLU A 884 -2.78 -15.83 -17.85
CA GLU A 884 -2.62 -17.21 -17.43
C GLU A 884 -1.46 -17.88 -18.14
N THR A 885 -1.23 -17.52 -19.40
CA THR A 885 -0.13 -18.09 -20.17
C THR A 885 1.22 -17.66 -19.62
N ILE A 886 1.36 -16.36 -19.31
CA ILE A 886 2.66 -15.92 -18.81
C ILE A 886 2.86 -16.40 -17.37
N HIS A 887 1.79 -16.58 -16.61
CA HIS A 887 1.96 -17.22 -15.31
C HIS A 887 2.33 -18.69 -15.43
N GLU A 888 1.80 -19.38 -16.44
CA GLU A 888 2.17 -20.78 -16.67
C GLU A 888 3.61 -20.91 -17.12
N LEU A 889 4.05 -20.01 -18.01
CA LEU A 889 5.42 -20.04 -18.48
C LEU A 889 6.40 -19.61 -17.39
N GLN A 890 5.95 -18.78 -16.45
CA GLN A 890 6.76 -18.55 -15.28
C GLN A 890 6.80 -19.78 -14.38
N GLY A 891 5.66 -20.47 -14.27
CA GLY A 891 5.59 -21.65 -13.42
C GLY A 891 6.41 -22.81 -13.94
N ALA A 892 6.40 -23.02 -15.26
CA ALA A 892 7.28 -24.00 -15.87
C ALA A 892 8.73 -23.54 -15.90
N GLY A 893 8.98 -22.27 -15.60
CA GLY A 893 10.31 -21.76 -15.42
C GLY A 893 11.04 -21.39 -16.69
N LEU A 894 10.42 -21.58 -17.85
CA LEU A 894 11.11 -21.34 -19.11
C LEU A 894 11.35 -19.86 -19.36
N LEU A 895 10.57 -18.99 -18.71
CA LEU A 895 10.75 -17.56 -18.81
C LEU A 895 11.13 -17.01 -17.44
N ASP A 896 12.10 -16.09 -17.42
CA ASP A 896 12.57 -15.51 -16.18
C ASP A 896 11.54 -14.54 -15.62
N GLU A 897 11.74 -14.16 -14.36
CA GLU A 897 10.75 -13.39 -13.61
C GLU A 897 10.65 -11.95 -14.07
N MET A 898 11.78 -11.32 -14.44
CA MET A 898 11.75 -9.90 -14.78
C MET A 898 11.10 -9.67 -16.13
N GLU A 899 11.40 -10.51 -17.12
CA GLU A 899 10.70 -10.40 -18.39
C GLU A 899 9.25 -10.85 -18.25
N ALA A 900 8.96 -11.71 -17.28
CA ALA A 900 7.57 -12.03 -16.97
C ALA A 900 6.85 -10.81 -16.42
N HIS A 901 7.54 -10.00 -15.62
CA HIS A 901 6.92 -8.77 -15.14
C HIS A 901 6.77 -7.75 -16.27
N LYS A 902 7.69 -7.75 -17.23
CA LYS A 902 7.54 -6.90 -18.39
C LYS A 902 6.32 -7.27 -19.23
N LEU A 903 6.12 -8.58 -19.46
CA LEU A 903 4.94 -9.02 -20.18
C LEU A 903 3.66 -8.79 -19.38
N GLU A 904 3.73 -8.95 -18.06
CA GLU A 904 2.60 -8.67 -17.18
C GLU A 904 2.21 -7.20 -17.25
N LEU A 905 3.20 -6.31 -17.27
CA LEU A 905 2.87 -4.90 -17.33
C LEU A 905 2.35 -4.52 -18.71
N THR A 906 2.80 -5.21 -19.76
CA THR A 906 2.24 -4.97 -21.09
C THR A 906 0.77 -5.35 -21.15
N VAL A 907 0.43 -6.53 -20.62
CA VAL A 907 -0.97 -6.95 -20.67
C VAL A 907 -1.82 -6.16 -19.67
N GLU A 908 -1.23 -5.65 -18.59
CA GLU A 908 -1.99 -4.82 -17.66
C GLU A 908 -2.26 -3.44 -18.23
N ILE A 909 -1.30 -2.88 -18.97
CA ILE A 909 -1.50 -1.63 -19.67
C ILE A 909 -2.60 -1.78 -20.72
N LYS A 910 -2.60 -2.91 -21.43
CA LYS A 910 -3.66 -3.17 -22.40
C LYS A 910 -5.03 -3.32 -21.75
N MET A 911 -5.09 -3.97 -20.59
CA MET A 911 -6.37 -4.12 -19.89
C MET A 911 -6.90 -2.79 -19.38
N LYS A 912 -6.01 -1.93 -18.85
CA LYS A 912 -6.45 -0.61 -18.43
C LYS A 912 -6.84 0.27 -19.60
N ARG A 913 -6.23 0.05 -20.77
CA ARG A 913 -6.67 0.76 -21.96
C ARG A 913 -8.05 0.29 -22.40
N LEU A 914 -8.33 -1.00 -22.23
CA LEU A 914 -9.66 -1.52 -22.54
C LEU A 914 -10.71 -0.94 -21.61
N MET A 915 -10.40 -0.88 -20.31
CA MET A 915 -11.38 -0.42 -19.32
C MET A 915 -11.73 1.06 -19.47
N ASN A 916 -10.91 1.84 -20.16
CA ASN A 916 -11.21 3.23 -20.48
C ASN A 916 -11.21 3.33 -22.01
N ALA A 917 -12.35 3.02 -22.62
CA ALA A 917 -12.45 2.99 -24.07
C ALA A 917 -13.05 4.29 -24.61
N ALA B 47 -5.45 29.09 8.96
CA ALA B 47 -5.32 28.33 7.72
C ALA B 47 -3.86 27.96 7.46
N PRO B 48 -3.59 26.69 7.17
CA PRO B 48 -2.22 26.27 6.92
C PRO B 48 -1.79 26.50 5.48
N LYS B 49 -0.81 27.38 5.29
CA LYS B 49 -0.28 27.65 3.96
C LYS B 49 0.74 26.63 3.51
N VAL B 50 1.10 25.67 4.37
CA VAL B 50 1.97 24.59 3.93
C VAL B 50 1.21 23.63 3.03
N ILE B 51 -0.10 23.50 3.23
CA ILE B 51 -0.89 22.49 2.57
C ILE B 51 -1.00 22.78 1.07
N VAL B 52 -1.17 24.05 0.71
CA VAL B 52 -1.30 24.41 -0.70
C VAL B 52 0.01 24.19 -1.44
N PHE B 53 1.15 24.49 -0.81
CA PHE B 53 2.44 24.24 -1.46
C PHE B 53 2.74 22.75 -1.56
N ILE B 54 2.41 21.98 -0.51
CA ILE B 54 2.68 20.54 -0.52
C ILE B 54 1.84 19.85 -1.59
N SER B 55 0.55 20.18 -1.65
CA SER B 55 -0.32 19.57 -2.64
C SER B 55 -0.02 20.07 -4.05
N GLY B 56 0.37 21.34 -4.19
CA GLY B 56 0.75 21.85 -5.50
C GLY B 56 2.04 21.24 -6.01
N SER B 57 3.02 21.04 -5.11
CA SER B 57 4.24 20.36 -5.50
C SER B 57 3.97 18.91 -5.87
N CYS B 58 3.06 18.26 -5.14
CA CYS B 58 2.67 16.89 -5.47
C CYS B 58 2.01 16.80 -6.84
N LEU B 59 1.12 17.74 -7.15
CA LEU B 59 0.45 17.74 -8.45
C LEU B 59 1.41 18.10 -9.58
N PHE B 60 2.35 19.01 -9.30
CA PHE B 60 3.36 19.36 -10.29
C PHE B 60 4.29 18.19 -10.58
N GLY B 61 4.64 17.43 -9.54
CA GLY B 61 5.43 16.23 -9.76
C GLY B 61 4.68 15.19 -10.55
N ALA B 62 3.37 15.09 -10.31
CA ALA B 62 2.53 14.20 -11.09
C ALA B 62 2.53 14.60 -12.57
N ILE B 63 2.40 15.89 -12.83
CA ILE B 63 2.42 16.41 -14.21
C ILE B 63 3.77 16.16 -14.87
N SER B 64 4.85 16.42 -14.13
CA SER B 64 6.19 16.27 -14.68
C SER B 64 6.55 14.81 -14.92
N ARG B 65 6.02 13.90 -14.12
CA ARG B 65 6.28 12.49 -14.38
C ARG B 65 5.44 11.98 -15.54
N SER B 66 4.17 12.41 -15.64
CA SER B 66 3.32 11.90 -16.70
C SER B 66 3.71 12.46 -18.05
N LEU B 67 4.21 13.70 -18.10
CA LEU B 67 4.53 14.30 -19.38
C LEU B 67 5.91 13.90 -19.89
N PHE B 68 6.83 13.57 -18.99
CA PHE B 68 8.23 13.40 -19.36
C PHE B 68 8.74 11.99 -19.12
N LYS B 69 7.90 10.98 -19.24
CA LYS B 69 8.40 9.61 -19.15
C LYS B 69 9.08 9.18 -20.44
N LYS B 70 8.61 9.65 -21.59
CA LYS B 70 9.21 9.28 -22.86
C LYS B 70 10.52 10.01 -23.10
N LEU B 71 10.63 11.25 -22.62
CA LEU B 71 11.84 12.04 -22.85
C LEU B 71 12.98 11.51 -21.98
N PRO B 72 14.22 11.61 -22.45
CA PRO B 72 15.34 11.05 -21.69
C PRO B 72 15.74 11.85 -20.46
N ILE B 73 15.37 13.12 -20.36
CA ILE B 73 15.72 13.93 -19.19
C ILE B 73 14.85 13.46 -18.02
N PRO B 74 15.33 13.58 -16.78
CA PRO B 74 14.50 13.17 -15.65
C PRO B 74 13.39 14.18 -15.38
N TYR B 75 12.48 13.78 -14.49
CA TYR B 75 11.45 14.69 -14.04
C TYR B 75 11.96 15.69 -13.02
N THR B 76 13.10 15.40 -12.39
CA THR B 76 13.58 16.24 -11.32
C THR B 76 14.12 17.57 -11.82
N VAL B 77 14.69 17.59 -13.04
CA VAL B 77 15.14 18.86 -13.59
C VAL B 77 13.94 19.74 -13.95
N VAL B 78 12.84 19.13 -14.38
CA VAL B 78 11.61 19.88 -14.64
C VAL B 78 11.02 20.41 -13.34
N LEU B 79 11.14 19.64 -12.26
CA LEU B 79 10.72 20.13 -10.94
C LEU B 79 11.57 21.31 -10.50
N LEU B 80 12.88 21.26 -10.76
CA LEU B 80 13.76 22.38 -10.42
C LEU B 80 13.41 23.64 -11.21
N ILE B 81 13.14 23.49 -12.50
CA ILE B 81 12.83 24.65 -13.33
C ILE B 81 11.46 25.25 -12.95
N LEU B 82 10.48 24.39 -12.65
CA LEU B 82 9.19 24.89 -12.20
C LEU B 82 9.28 25.54 -10.82
N GLY B 83 10.16 25.04 -9.96
CA GLY B 83 10.42 25.73 -8.70
C GLY B 83 11.06 27.08 -8.91
N ALA B 84 11.94 27.20 -9.89
CA ALA B 84 12.54 28.51 -10.19
C ALA B 84 11.50 29.49 -10.73
N ILE B 85 10.60 29.02 -11.59
CA ILE B 85 9.54 29.86 -12.13
C ILE B 85 8.61 30.33 -11.02
N LEU B 86 8.25 29.41 -10.12
CA LEU B 86 7.45 29.77 -8.95
C LEU B 86 8.20 30.75 -8.05
N GLY B 87 9.53 30.61 -7.97
CA GLY B 87 10.32 31.52 -7.17
C GLY B 87 10.32 32.94 -7.69
N VAL B 88 10.48 33.12 -9.00
CA VAL B 88 10.47 34.48 -9.53
C VAL B 88 9.05 35.07 -9.52
N VAL B 89 8.03 34.22 -9.68
CA VAL B 89 6.64 34.67 -9.56
C VAL B 89 6.37 35.15 -8.13
N ALA B 90 6.85 34.41 -7.13
CA ALA B 90 6.68 34.82 -5.75
C ALA B 90 7.52 36.05 -5.42
N SER B 91 8.65 36.23 -6.11
CA SER B 91 9.43 37.44 -5.90
C SER B 91 8.69 38.66 -6.42
N ASN B 92 7.91 38.51 -7.48
CA ASN B 92 7.12 39.65 -7.95
C ASN B 92 5.78 39.75 -7.22
N VAL B 93 4.98 38.70 -7.26
CA VAL B 93 3.61 38.72 -6.76
C VAL B 93 3.65 38.36 -5.27
N PRO B 94 3.06 39.17 -4.39
CA PRO B 94 3.18 38.91 -2.95
C PRO B 94 2.30 37.78 -2.44
N LEU B 95 1.21 37.47 -3.14
CA LEU B 95 0.32 36.40 -2.67
C LEU B 95 0.95 35.03 -2.81
N VAL B 96 1.73 34.83 -3.87
CA VAL B 96 2.46 33.57 -4.03
C VAL B 96 3.57 33.46 -2.99
N GLU B 97 4.19 34.60 -2.65
CA GLU B 97 5.15 34.62 -1.56
C GLU B 97 4.49 34.27 -0.23
N GLU B 98 3.22 34.66 -0.05
CA GLU B 98 2.51 34.33 1.18
C GLU B 98 2.26 32.84 1.33
N HIS B 99 2.27 32.08 0.24
CA HIS B 99 2.13 30.63 0.35
C HIS B 99 3.47 29.90 0.28
N THR B 100 4.50 30.50 -0.31
CA THR B 100 5.78 29.81 -0.42
C THR B 100 6.80 30.23 0.63
N ARG B 101 6.48 31.21 1.47
CA ARG B 101 7.42 31.70 2.46
C ARG B 101 7.64 30.69 3.58
N ASP B 102 6.59 30.01 4.01
CA ASP B 102 6.69 29.10 5.14
C ASP B 102 7.39 27.80 4.78
N VAL B 103 7.56 27.52 3.49
CA VAL B 103 8.30 26.34 3.05
C VAL B 103 9.69 26.69 2.52
N ALA B 104 9.87 27.88 1.94
CA ALA B 104 11.19 28.30 1.52
C ALA B 104 12.05 28.70 2.70
N HIS B 105 11.46 29.39 3.68
CA HIS B 105 12.15 29.68 4.93
C HIS B 105 11.86 28.62 5.98
N MET B 106 12.04 27.35 5.62
CA MET B 106 11.87 26.29 6.59
C MET B 106 13.11 26.21 7.47
N ASP B 107 12.89 25.86 8.73
CA ASP B 107 13.99 25.62 9.65
C ASP B 107 14.82 24.44 9.16
N PRO B 108 16.14 24.50 9.25
CA PRO B 108 16.97 23.41 8.70
C PRO B 108 16.86 22.11 9.48
N HIS B 109 16.74 22.20 10.80
CA HIS B 109 16.65 21.01 11.63
C HIS B 109 15.37 20.24 11.35
N VAL B 110 14.25 20.94 11.13
CA VAL B 110 13.02 20.24 10.85
C VAL B 110 13.04 19.67 9.44
N LEU B 111 13.79 20.31 8.53
CA LEU B 111 13.98 19.77 7.19
C LEU B 111 14.72 18.44 7.23
N LEU B 112 15.81 18.38 8.01
CA LEU B 112 16.54 17.13 8.16
C LEU B 112 15.70 16.07 8.86
N GLN B 113 15.11 16.41 10.01
CA GLN B 113 14.38 15.45 10.82
C GLN B 113 13.11 14.94 10.18
N ILE B 114 12.55 15.65 9.21
CA ILE B 114 11.44 15.09 8.45
C ILE B 114 11.93 14.33 7.23
N PHE B 115 12.80 14.94 6.40
CA PHE B 115 13.03 14.41 5.07
C PHE B 115 14.20 13.43 4.97
N LEU B 116 15.12 13.41 5.93
CA LEU B 116 16.19 12.43 5.85
C LEU B 116 15.83 11.01 6.29
N PRO B 117 15.03 10.76 7.36
CA PRO B 117 14.67 9.37 7.66
C PRO B 117 13.94 8.65 6.55
N VAL B 118 13.07 9.34 5.81
CA VAL B 118 12.32 8.70 4.76
C VAL B 118 13.22 8.33 3.59
N LEU B 119 14.12 9.24 3.21
CA LEU B 119 15.04 8.97 2.10
C LEU B 119 16.02 7.86 2.45
N ILE B 120 16.59 7.91 3.65
CA ILE B 120 17.58 6.91 4.05
C ILE B 120 16.92 5.56 4.26
N PHE B 121 15.73 5.51 4.85
CA PHE B 121 15.05 4.25 5.05
C PHE B 121 14.55 3.66 3.74
N GLU B 122 14.15 4.50 2.77
CA GLU B 122 13.74 3.94 1.50
C GLU B 122 14.93 3.41 0.71
N SER B 123 16.08 4.10 0.80
CA SER B 123 17.28 3.58 0.18
C SER B 123 17.73 2.28 0.84
N ALA B 124 17.51 2.14 2.14
CA ALA B 124 17.89 0.90 2.81
C ALA B 124 16.92 -0.24 2.51
N PHE B 125 15.62 0.04 2.49
CA PHE B 125 14.61 -0.98 2.28
C PHE B 125 14.54 -1.40 0.82
N ALA B 126 14.89 -0.51 -0.11
CA ALA B 126 14.81 -0.85 -1.51
C ALA B 126 15.91 -1.79 -1.97
N MET B 127 16.94 -1.98 -1.16
CA MET B 127 18.07 -2.80 -1.55
C MET B 127 17.77 -4.28 -1.35
N ASP B 128 18.50 -5.12 -2.05
CA ASP B 128 18.47 -6.56 -1.84
C ASP B 128 19.57 -6.89 -0.84
N VAL B 129 19.17 -7.31 0.36
CA VAL B 129 20.10 -7.46 1.47
C VAL B 129 21.04 -8.64 1.22
N HIS B 130 20.55 -9.67 0.54
CA HIS B 130 21.39 -10.84 0.22
C HIS B 130 22.53 -10.48 -0.71
N THR B 131 22.23 -9.77 -1.79
CA THR B 131 23.28 -9.42 -2.74
C THR B 131 24.13 -8.26 -2.23
N PHE B 132 23.59 -7.45 -1.32
CA PHE B 132 24.39 -6.40 -0.71
C PHE B 132 25.42 -6.98 0.26
N MET B 133 24.98 -7.85 1.17
CA MET B 133 25.90 -8.42 2.14
C MET B 133 26.79 -9.50 1.54
N ARG B 134 26.40 -10.10 0.42
CA ARG B 134 27.28 -11.04 -0.26
C ARG B 134 28.48 -10.34 -0.86
N SER B 135 28.34 -9.07 -1.17
CA SER B 135 29.44 -8.25 -1.65
C SER B 135 29.61 -7.02 -0.77
N PHE B 136 29.60 -7.21 0.55
CA PHE B 136 29.62 -6.07 1.46
C PHE B 136 30.99 -5.41 1.53
N SER B 137 32.06 -6.19 1.33
CA SER B 137 33.40 -5.67 1.56
C SER B 137 33.75 -4.62 0.51
N GLN B 138 33.38 -4.86 -0.73
CA GLN B 138 33.76 -3.94 -1.80
C GLN B 138 32.96 -2.64 -1.72
N VAL B 139 31.65 -2.72 -1.45
CA VAL B 139 30.88 -1.49 -1.31
C VAL B 139 31.29 -0.74 -0.06
N CYS B 140 31.66 -1.46 1.01
CA CYS B 140 32.10 -0.79 2.23
C CYS B 140 33.41 -0.04 2.00
N ILE B 141 34.39 -0.68 1.36
CA ILE B 141 35.67 -0.01 1.16
C ILE B 141 35.54 1.11 0.15
N LEU B 142 34.73 0.91 -0.90
CA LEU B 142 34.55 1.95 -1.91
C LEU B 142 33.83 3.15 -1.34
N ALA B 143 32.73 2.91 -0.62
CA ALA B 143 31.96 4.01 -0.05
C ALA B 143 32.75 4.76 1.01
N LEU B 144 33.33 4.06 1.98
CA LEU B 144 34.05 4.72 3.06
C LEU B 144 35.31 5.43 2.55
N PHE B 145 36.23 4.67 1.96
CA PHE B 145 37.50 5.26 1.57
C PHE B 145 37.34 6.20 0.39
N GLY B 146 36.48 5.86 -0.57
CA GLY B 146 36.22 6.75 -1.68
C GLY B 146 35.54 8.04 -1.27
N LEU B 147 34.66 7.98 -0.27
CA LEU B 147 34.00 9.19 0.18
C LEU B 147 34.97 10.09 0.93
N VAL B 148 35.83 9.52 1.78
CA VAL B 148 36.77 10.38 2.49
C VAL B 148 37.84 10.91 1.54
N VAL B 149 38.25 10.13 0.53
CA VAL B 149 39.24 10.61 -0.42
C VAL B 149 38.66 11.67 -1.32
N ALA B 150 37.43 11.47 -1.81
CA ALA B 150 36.77 12.46 -2.64
C ALA B 150 36.46 13.73 -1.85
N SER B 151 36.15 13.59 -0.56
CA SER B 151 35.88 14.77 0.25
C SER B 151 37.15 15.58 0.50
N VAL B 152 38.27 14.90 0.78
CA VAL B 152 39.54 15.60 0.98
C VAL B 152 39.99 16.29 -0.29
N LEU B 153 39.89 15.58 -1.43
CA LEU B 153 40.32 16.14 -2.70
C LEU B 153 39.42 17.28 -3.15
N THR B 154 38.11 17.19 -2.91
CA THR B 154 37.23 18.28 -3.27
C THR B 154 37.41 19.47 -2.33
N ALA B 155 37.79 19.22 -1.08
CA ALA B 155 38.10 20.31 -0.16
C ALA B 155 39.33 21.07 -0.60
N VAL B 156 40.40 20.36 -0.96
CA VAL B 156 41.61 21.05 -1.42
C VAL B 156 41.37 21.69 -2.79
N LEU B 157 40.47 21.12 -3.59
CA LEU B 157 40.08 21.74 -4.85
C LEU B 157 39.33 23.04 -4.62
N ALA B 158 38.42 23.06 -3.66
CA ALA B 158 37.67 24.27 -3.35
C ALA B 158 38.59 25.37 -2.83
N MET B 159 39.50 25.01 -1.93
CA MET B 159 40.45 25.99 -1.39
C MET B 159 41.40 26.51 -2.45
N ASN B 160 41.91 25.64 -3.34
CA ASN B 160 42.88 26.12 -4.32
C ASN B 160 42.21 26.85 -5.47
N LEU B 161 40.99 26.47 -5.85
CA LEU B 161 40.35 27.03 -7.03
C LEU B 161 39.54 28.28 -6.71
N PHE B 162 38.65 28.21 -5.72
CA PHE B 162 37.70 29.29 -5.50
C PHE B 162 38.38 30.50 -4.89
N ASN B 163 38.00 31.69 -5.36
CA ASN B 163 38.66 32.90 -4.94
C ASN B 163 38.29 33.30 -3.51
N TYR B 164 37.08 32.97 -3.07
CA TYR B 164 36.67 33.33 -1.72
C TYR B 164 37.38 32.45 -0.70
N ASN B 165 37.73 33.05 0.42
CA ASN B 165 38.58 32.40 1.41
C ASN B 165 37.74 31.45 2.25
N TRP B 166 37.89 30.16 2.00
CA TRP B 166 37.29 29.11 2.80
C TRP B 166 38.40 28.35 3.51
N ASN B 167 38.18 28.06 4.79
CA ASN B 167 39.13 27.23 5.52
C ASN B 167 38.92 25.77 5.13
N PHE B 168 39.72 24.88 5.72
CA PHE B 168 39.64 23.47 5.38
C PHE B 168 38.36 22.84 5.92
N SER B 169 37.79 23.40 6.97
CA SER B 169 36.58 22.84 7.53
C SER B 169 35.37 23.11 6.63
N GLU B 170 35.23 24.34 6.14
CA GLU B 170 34.13 24.66 5.25
C GLU B 170 34.30 24.02 3.90
N ALA B 171 35.54 23.87 3.44
CA ALA B 171 35.80 23.17 2.20
C ALA B 171 35.52 21.67 2.34
N MET B 172 35.78 21.12 3.53
CA MET B 172 35.42 19.72 3.76
C MET B 172 33.91 19.54 3.79
N MET B 173 33.20 20.53 4.33
CA MET B 173 31.74 20.53 4.26
C MET B 173 31.26 20.56 2.82
N PHE B 174 31.92 21.37 1.98
CA PHE B 174 31.56 21.45 0.57
C PHE B 174 31.80 20.12 -0.15
N GLY B 175 32.94 19.48 0.14
CA GLY B 175 33.22 18.20 -0.47
C GLY B 175 32.27 17.11 -0.01
N ALA B 176 31.85 17.19 1.25
CA ALA B 176 30.88 16.22 1.77
C ALA B 176 29.54 16.37 1.09
N ILE B 177 29.12 17.60 0.82
CA ILE B 177 27.89 17.80 0.07
C ILE B 177 28.05 17.33 -1.37
N MET B 178 29.21 17.58 -1.96
CA MET B 178 29.41 17.25 -3.37
C MET B 178 29.52 15.75 -3.64
N SER B 179 30.08 14.99 -2.72
CA SER B 179 30.39 13.60 -3.02
C SER B 179 29.29 12.62 -2.63
N ALA B 180 28.14 13.08 -2.15
CA ALA B 180 27.03 12.20 -1.86
C ALA B 180 26.20 11.96 -3.12
N THR B 181 25.91 10.68 -3.40
CA THR B 181 25.36 10.29 -4.68
C THR B 181 24.05 9.52 -4.50
N ASP B 182 23.11 9.75 -5.41
CA ASP B 182 21.82 9.05 -5.43
C ASP B 182 21.45 8.58 -6.83
N PRO B 183 22.06 7.50 -7.33
CA PRO B 183 21.73 7.05 -8.68
C PRO B 183 20.61 6.00 -8.73
N VAL B 184 19.37 6.44 -8.52
CA VAL B 184 18.27 5.50 -8.69
C VAL B 184 18.00 5.25 -10.18
N ALA B 185 18.36 6.20 -11.04
CA ALA B 185 18.15 6.02 -12.48
C ALA B 185 19.09 4.97 -13.05
N VAL B 186 20.35 4.98 -12.62
CA VAL B 186 21.34 4.04 -13.13
C VAL B 186 21.02 2.63 -12.65
N VAL B 187 20.57 2.48 -11.40
CA VAL B 187 20.17 1.18 -10.88
C VAL B 187 18.93 0.66 -11.61
N ALA B 188 17.96 1.54 -11.87
CA ALA B 188 16.76 1.15 -12.59
C ALA B 188 17.08 0.70 -14.02
N LEU B 189 17.96 1.44 -14.69
CA LEU B 189 18.32 1.07 -16.06
C LEU B 189 19.16 -0.19 -16.10
N LEU B 190 20.05 -0.38 -15.12
CA LEU B 190 20.93 -1.55 -15.10
C LEU B 190 20.17 -2.82 -14.76
N LYS B 191 19.17 -2.74 -13.90
CA LYS B 191 18.28 -3.88 -13.74
C LYS B 191 17.43 -4.07 -14.98
N ASP B 192 17.05 -2.97 -15.64
CA ASP B 192 16.23 -3.08 -16.85
C ASP B 192 17.03 -3.63 -18.01
N LEU B 193 18.32 -3.29 -18.09
CA LEU B 193 19.17 -3.78 -19.18
C LEU B 193 19.87 -5.09 -18.82
N GLY B 194 19.07 -6.07 -18.40
CA GLY B 194 19.49 -7.46 -18.34
C GLY B 194 20.56 -7.80 -17.32
N ALA B 195 21.76 -8.08 -17.81
CA ALA B 195 22.83 -8.62 -16.98
C ALA B 195 23.47 -7.50 -16.16
N SER B 196 24.59 -7.84 -15.52
CA SER B 196 25.26 -7.01 -14.51
C SER B 196 24.29 -6.60 -13.41
N LYS B 197 23.57 -7.61 -12.89
CA LYS B 197 22.75 -7.40 -11.69
C LYS B 197 23.64 -7.06 -10.49
N GLN B 198 24.79 -7.72 -10.41
CA GLN B 198 25.72 -7.47 -9.32
C GLN B 198 26.27 -6.06 -9.35
N LEU B 199 26.48 -5.51 -10.55
CA LEU B 199 26.94 -4.12 -10.67
C LEU B 199 25.90 -3.14 -10.13
N GLY B 200 24.63 -3.40 -10.42
CA GLY B 200 23.57 -2.56 -9.88
C GLY B 200 23.48 -2.64 -8.37
N THR B 201 23.67 -3.83 -7.81
CA THR B 201 23.67 -3.95 -6.35
C THR B 201 24.86 -3.24 -5.72
N ILE B 202 26.01 -3.28 -6.40
CA ILE B 202 27.19 -2.57 -5.91
C ILE B 202 26.95 -1.07 -5.89
N ILE B 203 26.36 -0.54 -6.97
CA ILE B 203 26.14 0.91 -7.05
C ILE B 203 25.06 1.34 -6.05
N GLU B 204 24.05 0.50 -5.83
CA GLU B 204 23.01 0.84 -4.85
C GLU B 204 23.57 0.86 -3.43
N GLY B 205 24.39 -0.14 -3.09
CA GLY B 205 24.98 -0.16 -1.76
C GLY B 205 25.98 0.96 -1.53
N GLU B 206 26.76 1.28 -2.56
CA GLU B 206 27.67 2.41 -2.51
C GLU B 206 26.91 3.71 -2.33
N SER B 207 25.74 3.83 -2.96
CA SER B 207 24.92 5.01 -2.78
C SER B 207 24.41 5.14 -1.36
N LEU B 208 23.93 4.04 -0.77
CA LEU B 208 23.37 4.10 0.57
C LEU B 208 24.45 4.42 1.60
N LEU B 209 25.58 3.71 1.55
CA LEU B 209 26.64 3.98 2.51
C LEU B 209 27.31 5.33 2.25
N ASN B 210 27.34 5.77 0.99
CA ASN B 210 27.86 7.10 0.66
C ASN B 210 27.00 8.19 1.27
N ASP B 211 25.67 8.05 1.18
CA ASP B 211 24.77 9.01 1.78
C ASP B 211 24.92 9.04 3.30
N GLY B 212 25.01 7.86 3.91
CA GLY B 212 25.13 7.80 5.36
C GLY B 212 26.43 8.42 5.87
N CYS B 213 27.55 8.03 5.28
CA CYS B 213 28.82 8.57 5.73
C CYS B 213 29.00 10.02 5.31
N ALA B 214 28.34 10.46 4.25
CA ALA B 214 28.40 11.87 3.86
C ALA B 214 27.65 12.74 4.85
N ILE B 215 26.49 12.28 5.33
CA ILE B 215 25.81 13.07 6.35
C ILE B 215 26.56 13.01 7.67
N VAL B 216 27.30 11.92 7.94
CA VAL B 216 28.10 11.86 9.16
C VAL B 216 29.24 12.89 9.12
N ILE B 217 30.01 12.92 8.02
CA ILE B 217 31.12 13.87 7.91
C ILE B 217 30.58 15.30 7.78
N PHE B 218 29.41 15.46 7.17
CA PHE B 218 28.78 16.77 7.07
C PHE B 218 28.35 17.28 8.43
N ASN B 219 27.78 16.41 9.27
CA ASN B 219 27.33 16.85 10.58
C ASN B 219 28.49 17.20 11.48
N VAL B 220 29.59 16.43 11.42
CA VAL B 220 30.72 16.76 12.28
C VAL B 220 31.38 18.07 11.83
N PHE B 221 31.44 18.32 10.51
CA PHE B 221 32.04 19.59 10.11
C PHE B 221 31.06 20.76 10.23
N MET B 222 29.76 20.50 10.18
CA MET B 222 28.78 21.57 10.42
C MET B 222 28.82 22.02 11.87
N LYS B 223 28.93 21.06 12.80
CA LYS B 223 29.15 21.42 14.18
C LYS B 223 30.53 22.04 14.40
N MET B 224 31.50 21.76 13.54
CA MET B 224 32.78 22.43 13.67
C MET B 224 32.72 23.89 13.22
N VAL B 225 31.98 24.19 12.15
CA VAL B 225 31.98 25.54 11.60
C VAL B 225 30.90 26.39 12.21
N PHE B 226 29.64 26.02 12.04
CA PHE B 226 28.55 26.94 12.36
C PHE B 226 28.21 26.97 13.84
N PHE B 227 28.63 25.97 14.62
CA PHE B 227 28.44 25.98 16.07
C PHE B 227 29.75 25.68 16.78
N PRO B 228 30.74 26.60 16.72
CA PRO B 228 32.06 26.30 17.27
C PRO B 228 32.18 26.68 18.75
N GLN B 229 31.15 26.34 19.53
CA GLN B 229 31.18 26.61 20.95
C GLN B 229 32.10 25.63 21.66
N LEU B 230 32.16 24.39 21.17
CA LEU B 230 32.94 23.37 21.83
C LEU B 230 34.42 23.55 21.59
N THR B 231 35.19 23.53 22.67
CA THR B 231 36.64 23.38 22.63
C THR B 231 36.98 22.11 23.39
N SER B 232 37.60 21.15 22.70
CA SER B 232 37.65 19.79 23.19
C SER B 232 39.09 19.31 23.30
N THR B 233 39.29 18.36 24.21
CA THR B 233 40.56 17.66 24.33
C THR B 233 40.64 16.53 23.31
N VAL B 234 41.82 15.94 23.21
CA VAL B 234 42.03 14.84 22.26
C VAL B 234 41.26 13.61 22.69
N GLY B 235 41.18 13.36 24.00
CA GLY B 235 40.42 12.22 24.49
C GLY B 235 38.93 12.36 24.25
N GLN B 236 38.41 13.58 24.43
CA GLN B 236 37.00 13.83 24.14
C GLN B 236 36.72 13.73 22.65
N ASN B 237 37.68 14.13 21.81
CA ASN B 237 37.52 13.98 20.37
C ASN B 237 37.50 12.51 19.96
N VAL B 238 38.37 11.70 20.57
CA VAL B 238 38.38 10.26 20.31
C VAL B 238 37.07 9.62 20.77
N LEU B 239 36.59 10.04 21.96
CA LEU B 239 35.35 9.51 22.48
C LEU B 239 34.15 9.91 21.62
N TYR B 240 34.16 11.13 21.08
CA TYR B 240 33.06 11.57 20.23
C TYR B 240 33.07 10.86 18.88
N PHE B 241 34.26 10.64 18.31
CA PHE B 241 34.36 9.88 17.07
C PHE B 241 33.88 8.44 17.26
N LEU B 242 34.28 7.83 18.37
CA LEU B 242 33.78 6.51 18.73
C LEU B 242 32.27 6.55 18.92
N GLN B 243 31.76 7.64 19.50
CA GLN B 243 30.34 7.79 19.77
C GLN B 243 29.51 7.77 18.49
N VAL B 244 29.87 8.62 17.51
CA VAL B 244 29.12 8.63 16.26
C VAL B 244 29.34 7.33 15.49
N ALA B 245 30.61 6.99 15.19
CA ALA B 245 30.91 5.91 14.26
C ALA B 245 30.66 4.52 14.84
N VAL B 246 30.43 4.38 16.13
CA VAL B 246 30.11 3.10 16.72
C VAL B 246 28.66 3.06 17.21
N ALA B 247 28.26 4.06 17.99
CA ALA B 247 26.93 4.05 18.56
C ALA B 247 25.84 4.37 17.55
N GLY B 248 26.18 4.77 16.32
CA GLY B 248 25.17 4.84 15.29
C GLY B 248 24.58 3.49 14.93
N PRO B 249 25.40 2.62 14.34
CA PRO B 249 24.92 1.28 14.00
C PRO B 249 24.49 0.44 15.18
N LEU B 250 25.06 0.66 16.37
CA LEU B 250 24.67 -0.13 17.53
C LEU B 250 23.26 0.22 17.99
N TRP B 251 22.95 1.51 18.05
CA TRP B 251 21.60 1.95 18.42
C TRP B 251 20.59 1.54 17.37
N GLY B 252 20.99 1.63 16.09
CA GLY B 252 20.14 1.12 15.03
C GLY B 252 19.87 -0.37 15.15
N TYR B 253 20.90 -1.15 15.51
CA TYR B 253 20.73 -2.59 15.65
C TYR B 253 19.81 -2.93 16.81
N ALA B 254 19.93 -2.18 17.91
CA ALA B 254 19.10 -2.45 19.08
C ALA B 254 17.62 -2.16 18.78
N VAL B 255 17.35 -0.99 18.19
CA VAL B 255 15.97 -0.66 17.85
C VAL B 255 15.44 -1.57 16.75
N ALA B 256 16.32 -2.02 15.86
CA ALA B 256 15.90 -2.90 14.78
C ALA B 256 15.54 -4.28 15.30
N LYS B 257 16.28 -4.80 16.26
CA LYS B 257 15.93 -6.10 16.82
C LYS B 257 14.64 -6.02 17.64
N VAL B 258 14.45 -4.92 18.38
CA VAL B 258 13.20 -4.75 19.12
C VAL B 258 12.01 -4.63 18.18
N THR B 259 12.19 -3.87 17.09
CA THR B 259 11.13 -3.68 16.11
C THR B 259 10.82 -4.97 15.37
N VAL B 260 11.85 -5.75 15.04
CA VAL B 260 11.66 -7.03 14.36
C VAL B 260 10.95 -8.01 15.27
N PHE B 261 11.29 -8.01 16.55
CA PHE B 261 10.62 -8.88 17.50
C PHE B 261 9.17 -8.47 17.71
N PHE B 262 8.88 -7.17 17.70
CA PHE B 262 7.50 -6.75 17.86
C PHE B 262 6.69 -7.00 16.60
N LEU B 263 7.33 -6.89 15.43
CA LEU B 263 6.64 -7.18 14.17
C LEU B 263 6.36 -8.66 14.02
N SER B 264 7.23 -9.51 14.58
CA SER B 264 7.05 -10.95 14.45
C SER B 264 5.91 -11.47 15.31
N HIS B 265 5.39 -10.66 16.22
CA HIS B 265 4.31 -11.12 17.08
C HIS B 265 2.97 -10.46 16.79
N ILE B 266 2.92 -9.35 16.05
CA ILE B 266 1.62 -8.79 15.71
C ILE B 266 1.01 -9.57 14.56
N PHE B 267 -0.20 -10.07 14.78
CA PHE B 267 -0.89 -10.95 13.83
C PHE B 267 -2.21 -10.31 13.47
N ASN B 268 -2.71 -10.67 12.27
CA ASN B 268 -4.08 -10.42 11.81
C ASN B 268 -4.36 -8.94 11.52
N ASP B 269 -3.42 -8.05 11.80
CA ASP B 269 -3.62 -6.62 11.64
C ASP B 269 -2.41 -6.02 10.93
N ALA B 270 -2.66 -5.17 9.95
CA ALA B 270 -1.60 -4.63 9.11
C ALA B 270 -1.25 -3.21 9.46
N LEU B 271 -2.23 -2.41 9.89
CA LEU B 271 -2.01 -1.00 10.20
C LEU B 271 -1.04 -0.84 11.35
N VAL B 272 -1.07 -1.79 12.29
CA VAL B 272 -0.11 -1.79 13.39
C VAL B 272 1.30 -2.03 12.87
N GLU B 273 1.45 -2.86 11.83
CA GLU B 273 2.77 -3.14 11.28
C GLU B 273 3.34 -1.93 10.54
N ILE B 274 2.51 -1.29 9.70
CA ILE B 274 2.95 -0.12 8.94
C ILE B 274 3.25 1.03 9.89
N THR B 275 2.40 1.21 10.90
CA THR B 275 2.60 2.23 11.91
C THR B 275 3.85 1.98 12.73
N ILE B 276 4.12 0.72 13.06
CA ILE B 276 5.31 0.37 13.84
C ILE B 276 6.57 0.67 13.06
N THR B 277 6.58 0.37 11.75
CA THR B 277 7.75 0.66 10.93
C THR B 277 7.99 2.16 10.79
N LEU B 278 6.92 2.93 10.52
CA LEU B 278 7.04 4.37 10.37
C LEU B 278 7.48 5.05 11.66
N ALA B 279 6.84 4.68 12.78
CA ALA B 279 7.16 5.26 14.07
C ALA B 279 8.54 4.83 14.54
N ALA B 280 8.95 3.61 14.23
CA ALA B 280 10.29 3.15 14.60
C ALA B 280 11.36 3.92 13.86
N THR B 281 11.13 4.20 12.57
CA THR B 281 12.08 4.98 11.78
C THR B 281 12.22 6.40 12.34
N TYR B 282 11.10 7.09 12.53
CA TYR B 282 11.19 8.48 12.96
C TYR B 282 11.66 8.61 14.40
N LEU B 283 11.25 7.68 15.28
CA LEU B 283 11.73 7.70 16.65
C LEU B 283 13.22 7.39 16.73
N THR B 284 13.70 6.45 15.90
CA THR B 284 15.12 6.11 15.91
C THR B 284 15.98 7.30 15.51
N TYR B 285 15.58 7.97 14.43
CA TYR B 285 16.35 9.13 13.99
C TYR B 285 16.26 10.28 14.99
N TYR B 286 15.08 10.52 15.55
CA TYR B 286 14.91 11.67 16.43
C TYR B 286 15.66 11.46 17.75
N ILE B 287 15.54 10.27 18.34
CA ILE B 287 16.24 9.99 19.59
C ILE B 287 17.74 10.01 19.39
N GLY B 288 18.22 9.39 18.30
CA GLY B 288 19.65 9.36 18.05
C GLY B 288 20.24 10.73 17.77
N ASP B 289 19.55 11.55 16.98
CA ASP B 289 20.10 12.85 16.62
C ASP B 289 19.98 13.85 17.77
N ILE B 290 18.90 13.80 18.54
CA ILE B 290 18.62 14.86 19.51
C ILE B 290 18.92 14.42 20.94
N TRP B 291 18.29 13.33 21.39
CA TRP B 291 18.38 12.99 22.81
C TRP B 291 19.75 12.41 23.16
N LEU B 292 20.31 11.64 22.26
CA LEU B 292 21.70 11.20 22.32
C LEU B 292 22.49 12.00 21.28
N GLU B 293 23.79 11.78 21.24
CA GLU B 293 24.62 12.34 20.19
C GLU B 293 24.96 11.31 19.13
N VAL B 294 24.15 10.25 19.06
CA VAL B 294 24.36 9.15 18.13
C VAL B 294 24.17 9.63 16.70
N SER B 295 25.06 9.19 15.80
CA SER B 295 24.89 9.47 14.38
C SER B 295 23.66 8.72 13.90
N GLY B 296 22.54 9.45 13.80
CA GLY B 296 21.26 8.82 13.58
C GLY B 296 20.98 8.38 12.17
N VAL B 297 21.77 8.87 11.21
CA VAL B 297 21.59 8.45 9.83
C VAL B 297 22.00 7.00 9.66
N LEU B 298 23.12 6.61 10.27
CA LEU B 298 23.54 5.22 10.25
C LEU B 298 22.61 4.35 11.06
N ALA B 299 21.93 4.91 12.06
CA ALA B 299 20.91 4.16 12.79
C ALA B 299 19.74 3.80 11.89
N VAL B 300 19.30 4.75 11.05
CA VAL B 300 18.25 4.48 10.08
C VAL B 300 18.76 3.51 9.01
N VAL B 301 20.04 3.61 8.65
CA VAL B 301 20.65 2.68 7.69
C VAL B 301 20.58 1.26 8.22
N VAL B 302 20.99 1.06 9.47
CA VAL B 302 21.04 -0.29 10.04
C VAL B 302 19.63 -0.80 10.29
N LEU B 303 18.72 0.09 10.72
CA LEU B 303 17.32 -0.29 10.94
C LEU B 303 16.67 -0.74 9.64
N GLY B 304 16.87 0.02 8.57
CA GLY B 304 16.30 -0.37 7.29
C GLY B 304 16.91 -1.63 6.73
N LEU B 305 18.21 -1.82 6.93
CA LEU B 305 18.86 -3.01 6.42
C LEU B 305 18.40 -4.25 7.16
N ILE B 306 18.17 -4.13 8.48
CA ILE B 306 17.74 -5.29 9.25
C ILE B 306 16.27 -5.61 8.97
N VAL B 307 15.42 -4.58 8.90
CA VAL B 307 14.01 -4.83 8.57
C VAL B 307 13.89 -5.34 7.13
N ASN B 308 14.76 -4.89 6.23
CA ASN B 308 14.83 -5.44 4.89
C ASN B 308 15.34 -6.87 4.91
N ALA B 309 16.17 -7.21 5.89
CA ALA B 309 16.66 -8.57 6.00
C ALA B 309 15.58 -9.50 6.53
N GLU B 310 14.85 -9.05 7.54
CA GLU B 310 13.77 -9.85 8.13
C GLU B 310 12.47 -9.50 7.44
N LYS B 311 12.35 -9.90 6.17
CA LYS B 311 11.07 -9.78 5.49
C LYS B 311 10.07 -10.79 6.01
N THR B 312 10.56 -11.90 6.55
CA THR B 312 9.69 -12.97 7.04
C THR B 312 8.94 -12.58 8.30
N SER B 313 9.42 -11.58 9.04
CA SER B 313 8.70 -11.13 10.22
C SER B 313 7.44 -10.38 9.84
N ILE B 314 7.48 -9.61 8.77
CA ILE B 314 6.32 -8.86 8.31
C ILE B 314 5.43 -9.78 7.51
N SER B 315 4.12 -9.55 7.60
CA SER B 315 3.16 -10.32 6.82
C SER B 315 3.31 -9.99 5.33
N PRO B 316 3.01 -10.95 4.44
CA PRO B 316 3.33 -10.76 3.02
C PRO B 316 2.61 -9.62 2.31
N GLU B 317 1.36 -9.33 2.66
CA GLU B 317 0.68 -8.20 2.04
C GLU B 317 1.25 -6.87 2.54
N VAL B 318 1.65 -6.84 3.81
CA VAL B 318 2.26 -5.67 4.39
C VAL B 318 3.61 -5.37 3.77
N GLU B 319 4.32 -6.39 3.28
CA GLU B 319 5.60 -6.15 2.60
C GLU B 319 5.42 -5.40 1.29
N VAL B 320 4.45 -5.83 0.48
CA VAL B 320 4.15 -5.16 -0.78
C VAL B 320 3.66 -3.74 -0.52
N PHE B 321 2.79 -3.58 0.49
CA PHE B 321 2.33 -2.25 0.87
C PHE B 321 3.47 -1.38 1.35
N LEU B 322 4.41 -1.96 2.10
CA LEU B 322 5.47 -1.16 2.70
C LEU B 322 6.48 -0.73 1.66
N HIS B 323 6.75 -1.59 0.68
CA HIS B 323 7.64 -1.21 -0.41
C HIS B 323 7.06 -0.07 -1.22
N ARG B 324 5.79 -0.18 -1.61
CA ARG B 324 5.18 0.92 -2.36
C ARG B 324 4.99 2.17 -1.49
N PHE B 325 4.77 1.98 -0.19
CA PHE B 325 4.55 3.11 0.71
C PHE B 325 5.82 3.91 0.91
N TRP B 326 6.93 3.24 1.13
CA TRP B 326 8.17 3.97 1.32
C TRP B 326 8.67 4.55 0.00
N GLU B 327 8.37 3.90 -1.12
CA GLU B 327 8.69 4.52 -2.41
C GLU B 327 7.89 5.79 -2.62
N MET B 328 6.62 5.78 -2.20
CA MET B 328 5.77 6.97 -2.29
C MET B 328 6.28 8.09 -1.40
N LEU B 329 6.68 7.74 -0.18
CA LEU B 329 7.16 8.76 0.75
C LEU B 329 8.48 9.37 0.27
N ALA B 330 9.36 8.54 -0.28
CA ALA B 330 10.60 9.06 -0.84
C ALA B 330 10.34 9.90 -2.08
N TYR B 331 9.32 9.55 -2.86
CA TYR B 331 8.97 10.38 -4.01
C TYR B 331 8.45 11.75 -3.57
N LEU B 332 7.61 11.77 -2.54
CA LEU B 332 7.12 13.05 -2.03
C LEU B 332 8.25 13.88 -1.43
N ALA B 333 9.19 13.22 -0.74
CA ALA B 333 10.34 13.92 -0.18
C ALA B 333 11.24 14.49 -1.28
N ASN B 334 11.47 13.72 -2.35
CA ASN B 334 12.27 14.20 -3.47
C ASN B 334 11.61 15.38 -4.15
N THR B 335 10.30 15.29 -4.37
CA THR B 335 9.56 16.36 -5.03
C THR B 335 9.57 17.64 -4.19
N LEU B 336 9.39 17.52 -2.88
CA LEU B 336 9.41 18.69 -2.01
C LEU B 336 10.81 19.29 -1.90
N ILE B 337 11.84 18.44 -1.83
CA ILE B 337 13.21 18.94 -1.72
C ILE B 337 13.62 19.68 -2.98
N PHE B 338 13.27 19.14 -4.15
CA PHE B 338 13.64 19.79 -5.40
C PHE B 338 12.85 21.07 -5.63
N MET B 339 11.56 21.08 -5.30
CA MET B 339 10.78 22.30 -5.44
C MET B 339 11.24 23.38 -4.47
N MET B 340 11.60 22.97 -3.25
CA MET B 340 12.08 23.92 -2.25
C MET B 340 13.42 24.50 -2.64
N VAL B 341 14.31 23.67 -3.20
CA VAL B 341 15.62 24.19 -3.57
C VAL B 341 15.51 25.06 -4.81
N GLY B 342 14.53 24.81 -5.68
CA GLY B 342 14.27 25.73 -6.77
C GLY B 342 13.79 27.09 -6.31
N VAL B 343 12.84 27.10 -5.35
CA VAL B 343 12.31 28.35 -4.83
C VAL B 343 13.39 29.15 -4.11
N VAL B 344 14.19 28.49 -3.27
CA VAL B 344 15.22 29.24 -2.56
C VAL B 344 16.41 29.60 -3.44
N VAL B 345 16.67 28.85 -4.52
CA VAL B 345 17.76 29.27 -5.40
C VAL B 345 17.32 30.43 -6.27
N THR B 346 16.03 30.59 -6.51
CA THR B 346 15.59 31.79 -7.23
C THR B 346 15.40 32.98 -6.31
N GLN B 347 15.11 32.76 -5.03
CA GLN B 347 14.88 33.90 -4.15
C GLN B 347 16.15 34.40 -3.46
N LYS B 348 17.12 33.54 -3.23
CA LYS B 348 18.24 33.93 -2.38
C LYS B 348 19.61 33.78 -3.02
N ALA B 349 19.84 32.72 -3.80
CA ALA B 349 21.19 32.46 -4.29
C ALA B 349 21.52 33.17 -5.60
N LEU B 350 20.53 33.41 -6.46
CA LEU B 350 20.82 33.96 -7.78
C LEU B 350 21.12 35.44 -7.76
N VAL B 351 20.91 36.12 -6.64
CA VAL B 351 21.32 37.52 -6.54
C VAL B 351 22.80 37.66 -6.26
N ALA B 352 23.49 36.59 -5.89
CA ALA B 352 24.91 36.63 -5.56
C ALA B 352 25.76 35.82 -6.52
N VAL B 353 25.36 35.71 -7.77
CA VAL B 353 26.10 34.92 -8.75
C VAL B 353 27.05 35.83 -9.52
N ASP B 354 28.07 35.22 -10.13
CA ASP B 354 29.00 35.93 -10.98
C ASP B 354 29.43 35.01 -12.12
N LYS B 355 30.00 35.62 -13.16
CA LYS B 355 30.53 34.84 -14.27
C LYS B 355 31.73 34.01 -13.84
N MET B 356 32.52 34.53 -12.90
CA MET B 356 33.58 33.74 -12.30
C MET B 356 33.01 32.54 -11.55
N ASP B 357 31.86 32.72 -10.90
CA ASP B 357 31.19 31.61 -10.22
C ASP B 357 30.68 30.57 -11.22
N TRP B 358 30.18 31.01 -12.37
CA TRP B 358 29.74 30.05 -13.39
C TRP B 358 30.91 29.24 -13.95
N PHE B 359 32.04 29.92 -14.17
CA PHE B 359 33.25 29.22 -14.62
C PHE B 359 33.74 28.24 -13.56
N TYR B 360 33.64 28.64 -12.29
CA TYR B 360 33.98 27.75 -11.18
C TYR B 360 33.07 26.54 -11.15
N LEU B 361 31.79 26.73 -11.49
CA LEU B 361 30.85 25.61 -11.50
C LEU B 361 31.19 24.60 -12.58
N ILE B 362 31.54 25.08 -13.78
CA ILE B 362 31.87 24.16 -14.88
C ILE B 362 33.16 23.40 -14.57
N ILE B 363 34.18 24.12 -14.08
CA ILE B 363 35.43 23.47 -13.70
C ILE B 363 35.23 22.50 -12.55
N LEU B 364 34.32 22.83 -11.61
CA LEU B 364 34.01 21.95 -10.49
C LEU B 364 33.32 20.67 -10.95
N TYR B 365 32.43 20.76 -11.94
CA TYR B 365 31.77 19.57 -12.44
C TYR B 365 32.77 18.64 -13.12
N LEU B 366 33.64 19.21 -13.96
CA LEU B 366 34.65 18.38 -14.61
C LEU B 366 35.61 17.78 -13.60
N ALA B 367 35.95 18.54 -12.56
CA ALA B 367 36.84 18.06 -11.53
C ALA B 367 36.21 16.99 -10.66
N ILE B 368 34.90 17.07 -10.40
CA ILE B 368 34.28 16.05 -9.55
C ILE B 368 34.15 14.74 -10.32
N THR B 369 33.94 14.82 -11.65
CA THR B 369 33.94 13.60 -12.45
C THR B 369 35.34 12.98 -12.52
N ILE B 370 36.36 13.81 -12.70
CA ILE B 370 37.74 13.32 -12.75
C ILE B 370 38.17 12.74 -11.41
N ILE B 371 37.71 13.35 -10.31
CA ILE B 371 38.04 12.87 -8.96
C ILE B 371 37.41 11.51 -8.71
N ARG B 372 36.15 11.32 -9.11
CA ARG B 372 35.52 10.01 -8.95
C ARG B 372 36.21 8.95 -9.79
N GLY B 373 36.63 9.33 -11.01
CA GLY B 373 37.38 8.40 -11.84
C GLY B 373 38.70 7.99 -11.21
N MET B 374 39.42 8.96 -10.64
CA MET B 374 40.71 8.66 -10.01
C MET B 374 40.53 7.80 -8.76
N VAL B 375 39.45 8.05 -8.01
CA VAL B 375 39.17 7.26 -6.81
C VAL B 375 38.91 5.80 -7.16
N ILE B 376 38.01 5.58 -8.12
CA ILE B 376 37.65 4.19 -8.40
C ILE B 376 38.75 3.51 -9.21
N SER B 377 39.57 4.27 -9.94
CA SER B 377 40.70 3.68 -10.63
C SER B 377 41.79 3.26 -9.65
N LEU B 378 42.02 4.06 -8.60
CA LEU B 378 43.02 3.66 -7.63
C LEU B 378 42.53 2.54 -6.72
N PHE B 379 41.23 2.43 -6.50
CA PHE B 379 40.73 1.33 -5.70
C PHE B 379 40.40 0.10 -6.52
N SER B 380 40.53 0.18 -7.85
CA SER B 380 40.34 -0.99 -8.70
C SER B 380 41.24 -2.20 -8.40
N PRO B 381 42.55 -2.08 -8.11
CA PRO B 381 43.29 -3.30 -7.73
C PRO B 381 42.86 -3.89 -6.40
N ILE B 382 42.45 -3.04 -5.45
CA ILE B 382 41.97 -3.53 -4.16
C ILE B 382 40.68 -4.32 -4.35
N LEU B 383 39.77 -3.83 -5.18
CA LEU B 383 38.57 -4.59 -5.51
C LEU B 383 38.89 -5.79 -6.39
N SER B 384 40.01 -5.77 -7.11
CA SER B 384 40.43 -6.98 -7.82
C SER B 384 40.90 -8.04 -6.83
N ARG B 385 41.47 -7.62 -5.70
CA ARG B 385 41.79 -8.58 -4.63
C ARG B 385 40.52 -9.13 -3.98
N ILE B 386 39.45 -8.32 -3.95
CA ILE B 386 38.14 -8.84 -3.56
C ILE B 386 37.65 -9.77 -4.67
N GLY B 387 36.84 -10.77 -4.28
CA GLY B 387 36.47 -11.85 -5.19
C GLY B 387 35.68 -11.41 -6.41
N TYR B 388 34.92 -10.32 -6.29
CA TYR B 388 34.32 -9.66 -7.43
C TYR B 388 35.08 -8.36 -7.68
N GLY B 389 35.62 -8.21 -8.89
CA GLY B 389 36.39 -7.05 -9.25
C GLY B 389 35.69 -6.27 -10.34
N LEU B 390 36.00 -4.98 -10.42
CA LEU B 390 35.42 -4.13 -11.44
C LEU B 390 36.31 -4.11 -12.69
N THR B 391 35.68 -4.32 -13.84
CA THR B 391 36.34 -4.11 -15.12
C THR B 391 36.39 -2.62 -15.43
N TRP B 392 37.00 -2.28 -16.56
CA TRP B 392 37.08 -0.87 -16.92
C TRP B 392 35.73 -0.35 -17.38
N ARG B 393 34.90 -1.23 -17.94
CA ARG B 393 33.54 -0.84 -18.32
C ARG B 393 32.70 -0.52 -17.09
N ASN B 394 32.78 -1.38 -16.07
CA ASN B 394 32.02 -1.10 -14.85
C ASN B 394 32.62 0.07 -14.09
N ALA B 395 33.94 0.27 -14.20
CA ALA B 395 34.56 1.43 -13.57
C ALA B 395 34.07 2.73 -14.19
N VAL B 396 33.96 2.77 -15.52
CA VAL B 396 33.50 4.01 -16.13
C VAL B 396 31.99 4.16 -15.98
N ILE B 397 31.25 3.06 -15.84
CA ILE B 397 29.82 3.20 -15.59
C ILE B 397 29.56 3.63 -14.15
N MET B 398 30.50 3.37 -13.24
CA MET B 398 30.33 3.84 -11.88
C MET B 398 30.85 5.24 -11.70
N THR B 399 31.83 5.64 -12.51
CA THR B 399 32.25 7.04 -12.50
C THR B 399 31.17 7.93 -13.08
N TRP B 400 30.64 7.57 -14.24
CA TRP B 400 29.69 8.44 -14.90
C TRP B 400 28.31 8.33 -14.30
N GLY B 401 28.00 7.19 -13.66
CA GLY B 401 26.65 6.96 -13.19
C GLY B 401 26.28 7.66 -11.91
N GLY B 402 27.24 8.24 -11.21
CA GLY B 402 26.93 8.95 -9.98
C GLY B 402 26.20 10.25 -10.24
N LEU B 403 24.91 10.27 -9.93
CA LEU B 403 24.08 11.46 -10.07
C LEU B 403 23.84 12.05 -8.69
N ARG B 404 24.14 13.31 -8.52
CA ARG B 404 23.96 13.95 -7.23
C ARG B 404 22.52 14.41 -7.07
N GLY B 405 21.97 14.25 -5.88
CA GLY B 405 20.54 14.41 -5.72
C GLY B 405 20.04 15.07 -4.46
N ALA B 406 18.94 14.49 -3.94
CA ALA B 406 18.15 15.14 -2.90
C ALA B 406 18.88 15.24 -1.57
N VAL B 407 19.74 14.27 -1.25
CA VAL B 407 20.50 14.35 0.00
C VAL B 407 21.46 15.53 -0.01
N GLY B 408 22.21 15.68 -1.11
CA GLY B 408 23.10 16.82 -1.24
C GLY B 408 22.36 18.14 -1.32
N LEU B 409 21.18 18.14 -1.93
CA LEU B 409 20.41 19.39 -1.98
C LEU B 409 19.86 19.75 -0.62
N ALA B 410 19.49 18.76 0.19
CA ALA B 410 19.03 19.05 1.54
C ALA B 410 20.16 19.59 2.41
N LEU B 411 21.37 19.04 2.24
CA LEU B 411 22.50 19.56 3.00
C LEU B 411 22.89 20.96 2.52
N ALA B 412 22.69 21.24 1.23
CA ALA B 412 22.88 22.60 0.74
C ALA B 412 21.86 23.56 1.34
N LEU B 413 20.62 23.10 1.48
CA LEU B 413 19.57 23.92 2.09
C LEU B 413 19.88 24.21 3.54
N VAL B 414 20.39 23.23 4.28
CA VAL B 414 20.68 23.51 5.69
C VAL B 414 21.94 24.36 5.84
N VAL B 415 22.88 24.30 4.89
CA VAL B 415 24.00 25.23 4.91
C VAL B 415 23.52 26.65 4.62
N GLU B 416 22.63 26.81 3.64
CA GLU B 416 22.10 28.13 3.28
C GLU B 416 21.30 28.74 4.42
N ASN B 417 20.46 27.94 5.08
CA ASN B 417 19.66 28.47 6.18
C ASN B 417 20.52 28.74 7.41
N LEU B 418 21.51 27.89 7.67
CA LEU B 418 22.34 28.08 8.86
C LEU B 418 23.28 29.27 8.71
N ALA B 419 23.61 29.65 7.48
CA ALA B 419 24.60 30.70 7.27
C ALA B 419 24.02 32.09 7.53
N GLY B 420 22.76 32.29 7.16
CA GLY B 420 22.14 33.59 7.33
C GLY B 420 22.44 34.54 6.19
N ASN B 421 22.99 35.71 6.52
CA ASN B 421 23.22 36.74 5.53
C ASN B 421 24.56 36.60 4.82
N ASP B 422 25.39 35.64 5.22
CA ASP B 422 26.71 35.49 4.65
C ASP B 422 26.64 34.89 3.26
N VAL B 423 27.74 35.06 2.51
CA VAL B 423 27.76 34.66 1.10
C VAL B 423 27.98 33.16 0.96
N ILE B 424 28.43 32.50 2.03
CA ILE B 424 28.87 31.10 1.95
C ILE B 424 27.70 30.18 1.67
N GLY B 425 26.56 30.43 2.33
CA GLY B 425 25.39 29.62 2.08
C GLY B 425 24.81 29.80 0.69
N SER B 426 24.85 31.03 0.18
CA SER B 426 24.37 31.29 -1.18
C SER B 426 25.25 30.62 -2.21
N LYS B 427 26.56 30.65 -2.02
CA LYS B 427 27.46 29.99 -2.95
C LYS B 427 27.33 28.48 -2.88
N PHE B 428 27.12 27.94 -1.67
CA PHE B 428 26.87 26.53 -1.48
C PHE B 428 25.64 26.07 -2.23
N LEU B 429 24.55 26.82 -2.09
CA LEU B 429 23.30 26.48 -2.74
C LEU B 429 23.42 26.56 -4.25
N PHE B 430 24.12 27.58 -4.76
CA PHE B 430 24.28 27.72 -6.20
C PHE B 430 25.11 26.59 -6.78
N HIS B 431 26.21 26.21 -6.11
CA HIS B 431 27.06 25.17 -6.67
C HIS B 431 26.41 23.80 -6.57
N THR B 432 25.67 23.54 -5.50
CA THR B 432 24.99 22.25 -5.39
C THR B 432 23.84 22.14 -6.39
N ALA B 433 23.10 23.25 -6.60
CA ALA B 433 22.05 23.24 -7.60
C ALA B 433 22.61 23.06 -8.99
N GLY B 434 23.75 23.69 -9.27
CA GLY B 434 24.38 23.52 -10.56
C GLY B 434 24.91 22.12 -10.81
N ILE B 435 25.51 21.50 -9.78
CA ILE B 435 26.02 20.14 -9.92
C ILE B 435 24.88 19.16 -10.12
N VAL B 436 23.78 19.35 -9.39
CA VAL B 436 22.63 18.47 -9.56
C VAL B 436 22.02 18.62 -10.95
N VAL B 437 21.83 19.86 -11.42
CA VAL B 437 21.18 20.05 -12.72
C VAL B 437 22.11 19.61 -13.85
N LEU B 438 23.43 19.78 -13.69
CA LEU B 438 24.35 19.35 -14.74
C LEU B 438 24.49 17.85 -14.77
N THR B 439 24.55 17.20 -13.60
CA THR B 439 24.66 15.74 -13.56
C THR B 439 23.40 15.10 -14.12
N LEU B 440 22.23 15.67 -13.82
CA LEU B 440 20.99 15.16 -14.40
C LEU B 440 20.99 15.32 -15.91
N VAL B 441 21.15 16.57 -16.39
CA VAL B 441 21.01 16.89 -17.81
C VAL B 441 22.05 16.16 -18.65
N ILE B 442 23.30 16.13 -18.21
CA ILE B 442 24.34 15.46 -18.99
C ILE B 442 24.33 13.95 -18.73
N ASN B 443 24.57 13.55 -17.49
CA ASN B 443 24.87 12.14 -17.23
C ASN B 443 23.63 11.27 -17.31
N ALA B 444 22.48 11.74 -16.83
CA ALA B 444 21.30 10.89 -16.87
C ALA B 444 20.75 10.75 -18.28
N THR B 445 21.12 11.65 -19.19
CA THR B 445 20.70 11.50 -20.57
C THR B 445 21.73 10.72 -21.39
N THR B 446 23.00 10.82 -21.02
CA THR B 446 24.04 10.13 -21.77
C THR B 446 24.37 8.75 -21.22
N ILE B 447 23.75 8.34 -20.11
CA ILE B 447 24.08 7.04 -19.53
C ILE B 447 23.58 5.89 -20.40
N GLN B 448 22.43 6.04 -21.07
CA GLN B 448 21.91 4.98 -21.92
C GLN B 448 22.78 4.79 -23.16
N THR B 449 23.22 5.89 -23.79
CA THR B 449 24.09 5.72 -24.94
C THR B 449 25.50 5.32 -24.53
N LEU B 450 25.94 5.65 -23.31
CA LEU B 450 27.17 5.07 -22.80
C LEU B 450 27.04 3.57 -22.59
N LEU B 451 25.87 3.12 -22.13
CA LEU B 451 25.59 1.69 -22.02
C LEU B 451 25.63 1.01 -23.38
N ARG B 452 25.12 1.70 -24.40
CA ARG B 452 25.17 1.16 -25.76
C ARG B 452 26.59 1.08 -26.29
N ILE B 453 27.38 2.13 -26.05
CA ILE B 453 28.76 2.16 -26.54
C ILE B 453 29.63 1.13 -25.83
N LEU B 454 29.47 0.96 -24.52
CA LEU B 454 30.24 -0.03 -23.78
C LEU B 454 29.83 -1.45 -24.09
N GLY B 455 28.70 -1.65 -24.76
CA GLY B 455 28.30 -2.97 -25.15
C GLY B 455 27.64 -3.78 -24.05
N MET B 456 27.29 -3.15 -22.95
CA MET B 456 26.57 -3.85 -21.89
C MET B 456 25.06 -3.73 -22.04
N SER B 457 24.59 -2.89 -22.95
CA SER B 457 23.16 -2.72 -23.16
C SER B 457 22.57 -3.73 -24.11
N ASP B 458 23.39 -4.60 -24.71
CA ASP B 458 22.89 -5.56 -25.67
C ASP B 458 22.09 -6.65 -24.97
N ILE B 459 21.29 -7.36 -25.76
CA ILE B 459 20.45 -8.43 -25.25
C ILE B 459 21.17 -9.75 -25.46
N SER B 460 21.20 -10.58 -24.41
CA SER B 460 21.84 -11.88 -24.49
C SER B 460 21.07 -12.79 -25.44
N ILE B 461 21.80 -13.53 -26.26
CA ILE B 461 21.25 -14.40 -27.29
C ILE B 461 20.41 -15.55 -26.72
N PRO B 462 20.82 -16.28 -25.67
CA PRO B 462 19.85 -17.22 -25.07
C PRO B 462 18.68 -16.53 -24.40
N LYS B 463 18.89 -15.35 -23.81
CA LYS B 463 17.78 -14.59 -23.25
C LYS B 463 16.82 -14.13 -24.34
N ARG B 464 17.37 -13.63 -25.45
CA ARG B 464 16.53 -13.21 -26.58
C ARG B 464 15.77 -14.39 -27.19
N LEU B 465 16.43 -15.54 -27.33
CA LEU B 465 15.76 -16.72 -27.88
C LEU B 465 14.67 -17.23 -26.94
N ALA B 466 14.93 -17.22 -25.63
CA ALA B 466 13.94 -17.67 -24.66
C ALA B 466 12.74 -16.75 -24.64
N MET B 467 12.97 -15.44 -24.75
CA MET B 467 11.84 -14.52 -24.75
C MET B 467 11.08 -14.57 -26.07
N ALA B 468 11.77 -14.86 -27.17
CA ALA B 468 11.08 -15.08 -28.44
C ALA B 468 10.21 -16.33 -28.39
N GLY B 469 10.71 -17.38 -27.72
CA GLY B 469 9.89 -18.56 -27.50
C GLY B 469 8.71 -18.28 -26.60
N ALA B 470 8.90 -17.42 -25.61
CA ALA B 470 7.81 -17.02 -24.73
C ALA B 470 6.74 -16.24 -25.49
N VAL B 471 7.17 -15.33 -26.34
CA VAL B 471 6.19 -14.54 -27.08
C VAL B 471 5.52 -15.39 -28.17
N ARG B 472 6.20 -16.41 -28.70
CA ARG B 472 5.51 -17.27 -29.65
C ARG B 472 4.56 -18.22 -28.94
N ARG B 473 4.85 -18.57 -27.69
CA ARG B 473 3.91 -19.35 -26.90
C ARG B 473 2.66 -18.53 -26.59
N ILE B 474 2.85 -17.23 -26.31
CA ILE B 474 1.72 -16.32 -26.13
C ILE B 474 0.91 -16.23 -27.40
N HIS B 475 1.59 -16.15 -28.56
CA HIS B 475 0.90 -16.03 -29.83
C HIS B 475 0.09 -17.28 -30.17
N GLU B 476 0.65 -18.47 -29.93
CA GLU B 476 -0.11 -19.67 -30.24
C GLU B 476 -1.23 -19.91 -29.22
N GLY B 477 -1.03 -19.50 -27.96
CA GLY B 477 -2.10 -19.62 -26.99
C GLY B 477 -3.26 -18.69 -27.29
N GLN B 478 -2.96 -17.46 -27.75
CA GLN B 478 -4.06 -16.59 -28.11
C GLN B 478 -4.68 -16.98 -29.43
N ASN B 479 -3.93 -17.70 -30.29
CA ASN B 479 -4.55 -18.31 -31.47
C ASN B 479 -5.56 -19.38 -31.07
N ARG B 480 -5.20 -20.24 -30.12
CA ARG B 480 -6.14 -21.27 -29.70
C ARG B 480 -7.32 -20.69 -28.94
N THR B 481 -7.11 -19.59 -28.21
CA THR B 481 -8.27 -18.96 -27.57
C THR B 481 -9.10 -18.16 -28.56
N LEU B 482 -8.51 -17.74 -29.68
CA LEU B 482 -9.32 -17.14 -30.74
C LEU B 482 -10.19 -18.20 -31.41
N ASN B 483 -9.64 -19.40 -31.59
CA ASN B 483 -10.44 -20.49 -32.12
C ASN B 483 -11.56 -20.87 -31.17
N MET B 484 -11.27 -20.94 -29.87
CA MET B 484 -12.31 -21.26 -28.91
C MET B 484 -13.32 -20.11 -28.73
N LEU B 485 -12.90 -18.90 -29.02
CA LEU B 485 -13.78 -17.74 -28.98
C LEU B 485 -14.57 -17.57 -30.26
N LYS B 486 -14.18 -18.24 -31.34
CA LYS B 486 -14.97 -18.17 -32.55
C LYS B 486 -16.12 -19.18 -32.52
N SER B 487 -15.98 -20.25 -31.74
CA SER B 487 -17.00 -21.27 -31.65
C SER B 487 -17.83 -21.08 -30.37
N ASP B 488 -18.72 -20.09 -30.43
CA ASP B 488 -19.72 -19.90 -29.40
C ASP B 488 -20.92 -19.18 -30.01
N ARG B 489 -22.11 -19.63 -29.62
CA ARG B 489 -23.33 -19.11 -30.23
C ARG B 489 -23.70 -17.72 -29.73
N PHE B 490 -23.02 -17.22 -28.70
CA PHE B 490 -23.31 -15.91 -28.13
C PHE B 490 -22.47 -14.82 -28.77
N LEU B 491 -21.17 -15.05 -28.85
CA LEU B 491 -20.26 -14.13 -29.51
C LEU B 491 -20.06 -14.48 -30.97
N ALA B 492 -21.04 -15.13 -31.60
CA ALA B 492 -20.89 -15.61 -32.98
C ALA B 492 -20.83 -14.49 -34.00
N ASP B 493 -21.35 -13.31 -33.66
CA ASP B 493 -21.29 -12.15 -34.54
C ASP B 493 -20.20 -11.18 -34.14
N ALA B 494 -19.32 -11.56 -33.22
CA ALA B 494 -18.25 -10.67 -32.80
C ALA B 494 -17.19 -10.55 -33.88
N ASP B 495 -16.84 -9.31 -34.22
CA ASP B 495 -15.79 -9.07 -35.20
C ASP B 495 -14.44 -9.33 -34.53
N TRP B 496 -13.79 -10.41 -34.94
CA TRP B 496 -12.53 -10.79 -34.31
C TRP B 496 -11.34 -9.99 -34.83
N ASP B 497 -11.54 -9.16 -35.86
CA ASP B 497 -10.42 -8.44 -36.45
C ASP B 497 -9.86 -7.39 -35.50
N ILE B 498 -10.74 -6.61 -34.88
CA ILE B 498 -10.30 -5.61 -33.91
C ILE B 498 -9.78 -6.29 -32.65
N ALA B 499 -10.33 -7.46 -32.30
CA ALA B 499 -9.86 -8.21 -31.14
C ALA B 499 -8.44 -8.72 -31.34
N THR B 500 -8.16 -9.30 -32.51
CA THR B 500 -6.82 -9.74 -32.84
C THR B 500 -5.87 -8.56 -32.92
N ALA B 501 -6.31 -7.46 -33.55
CA ALA B 501 -5.44 -6.31 -33.72
C ALA B 501 -5.17 -5.58 -32.42
N ALA B 502 -5.99 -5.79 -31.39
CA ALA B 502 -5.71 -5.18 -30.11
C ALA B 502 -4.97 -6.10 -29.16
N CYS B 503 -5.08 -7.43 -29.33
CA CYS B 503 -4.37 -8.37 -28.47
C CYS B 503 -3.12 -8.90 -29.16
N GLU B 504 -2.15 -8.02 -29.38
CA GLU B 504 -0.84 -8.40 -29.90
C GLU B 504 0.23 -7.94 -28.92
N ILE B 505 1.02 -8.88 -28.42
CA ILE B 505 2.11 -8.56 -27.50
C ILE B 505 3.41 -8.68 -28.27
N SER B 506 4.09 -7.55 -28.45
CA SER B 506 5.35 -7.54 -29.18
C SER B 506 6.51 -7.84 -28.26
N ASP B 507 7.56 -8.42 -28.82
CA ASP B 507 8.77 -8.66 -28.06
C ASP B 507 9.50 -7.34 -27.80
N PRO B 508 9.78 -7.03 -26.53
CA PRO B 508 10.37 -5.73 -26.21
C PRO B 508 11.79 -5.56 -26.69
N TYR B 509 12.55 -6.66 -26.75
CA TYR B 509 13.91 -6.58 -27.28
C TYR B 509 13.88 -6.51 -28.81
N SER B 510 12.98 -7.26 -29.43
CA SER B 510 12.68 -7.24 -30.87
C SER B 510 13.90 -7.49 -31.77
N SER B 544 34.52 -32.99 -35.42
CA SER B 544 35.74 -32.21 -35.21
C SER B 544 35.96 -31.92 -33.73
N PRO B 545 37.20 -32.07 -33.27
CA PRO B 545 37.50 -31.83 -31.84
C PRO B 545 37.24 -30.40 -31.39
N ARG B 546 37.46 -29.42 -32.26
CA ARG B 546 37.06 -28.05 -31.95
C ARG B 546 35.53 -27.94 -31.83
N GLU B 547 34.81 -28.60 -32.75
CA GLU B 547 33.36 -28.65 -32.65
C GLU B 547 32.91 -29.50 -31.46
N PHE B 548 33.69 -30.51 -31.07
CA PHE B 548 33.39 -31.27 -29.87
C PHE B 548 33.52 -30.40 -28.62
N ALA B 549 34.53 -29.53 -28.59
CA ALA B 549 34.66 -28.57 -27.50
C ALA B 549 33.52 -27.56 -27.51
N ASP B 550 33.11 -27.12 -28.70
CA ASP B 550 32.00 -26.16 -28.80
C ASP B 550 30.68 -26.76 -28.33
N MET B 551 30.40 -28.03 -28.70
CA MET B 551 29.19 -28.65 -28.19
C MET B 551 29.31 -29.01 -26.72
N MET B 552 30.53 -29.22 -26.20
CA MET B 552 30.70 -29.35 -24.75
C MET B 552 30.35 -28.06 -24.04
N GLU B 553 30.74 -26.91 -24.61
CA GLU B 553 30.40 -25.62 -24.02
C GLU B 553 28.90 -25.36 -24.07
N GLU B 554 28.26 -25.66 -25.20
CA GLU B 554 26.82 -25.43 -25.29
C GLU B 554 26.05 -26.45 -24.45
N ALA B 555 26.61 -27.64 -24.23
CA ALA B 555 26.00 -28.60 -23.32
C ALA B 555 26.14 -28.17 -21.88
N ARG B 556 27.25 -27.50 -21.55
CA ARG B 556 27.38 -26.86 -20.24
C ARG B 556 26.29 -25.82 -20.03
N LEU B 557 26.07 -24.99 -21.06
CA LEU B 557 25.03 -23.97 -20.97
C LEU B 557 23.63 -24.58 -20.85
N ARG B 558 23.36 -25.64 -21.61
CA ARG B 558 22.06 -26.29 -21.57
C ARG B 558 21.83 -26.99 -20.22
N MET B 559 22.87 -27.62 -19.68
CA MET B 559 22.77 -28.26 -18.38
C MET B 559 22.55 -27.24 -17.28
N LEU B 560 23.23 -26.10 -17.34
CA LEU B 560 23.01 -25.05 -16.34
C LEU B 560 21.61 -24.46 -16.46
N LYS B 561 21.12 -24.33 -17.70
CA LYS B 561 19.76 -23.88 -17.92
C LYS B 561 18.75 -24.85 -17.33
N ALA B 562 18.98 -26.15 -17.51
CA ALA B 562 18.07 -27.14 -16.98
C ALA B 562 18.13 -27.22 -15.46
N GLU B 563 19.32 -26.96 -14.91
CA GLU B 563 19.45 -26.85 -13.44
C GLU B 563 18.64 -25.68 -12.93
N LYS B 564 18.69 -24.56 -13.63
CA LYS B 564 17.86 -23.41 -13.27
C LYS B 564 16.38 -23.74 -13.39
N ILE B 565 16.01 -24.49 -14.43
CA ILE B 565 14.61 -24.88 -14.65
C ILE B 565 14.10 -25.71 -13.49
N SER B 566 14.89 -26.69 -13.07
CA SER B 566 14.50 -27.55 -11.96
C SER B 566 14.45 -26.77 -10.65
N TYR B 567 15.36 -25.79 -10.48
CA TYR B 567 15.36 -24.99 -9.26
C TYR B 567 14.13 -24.10 -9.17
N TRP B 568 13.73 -23.48 -10.28
CA TRP B 568 12.50 -22.68 -10.29
C TRP B 568 11.27 -23.56 -10.08
N LYS B 569 11.28 -24.77 -10.65
CA LYS B 569 10.17 -25.69 -10.44
C LYS B 569 10.09 -26.15 -8.99
N GLN B 570 11.23 -26.29 -8.33
CA GLN B 570 11.22 -26.63 -6.91
C GLN B 570 10.73 -25.47 -6.07
N PHE B 571 11.04 -24.23 -6.48
CA PHE B 571 10.58 -23.07 -5.74
C PHE B 571 9.08 -22.92 -5.83
N GLU B 572 8.53 -23.01 -7.03
CA GLU B 572 7.10 -22.78 -7.21
C GLU B 572 6.26 -24.00 -6.92
N HIS B 573 6.87 -25.15 -6.65
CA HIS B 573 6.13 -26.25 -6.07
C HIS B 573 6.02 -26.13 -4.56
N GLY B 574 6.73 -25.17 -3.97
CA GLY B 574 6.66 -24.95 -2.54
C GLY B 574 7.68 -25.70 -1.72
N MET B 575 8.59 -26.44 -2.36
CA MET B 575 9.53 -27.24 -1.57
C MET B 575 10.83 -26.50 -1.27
N LEU B 576 11.19 -25.52 -2.09
CA LEU B 576 12.46 -24.82 -1.92
C LEU B 576 12.25 -23.44 -1.31
N ALA B 577 13.21 -23.03 -0.48
CA ALA B 577 13.17 -21.71 0.13
C ALA B 577 13.68 -20.66 -0.84
N ARG B 578 13.28 -19.40 -0.58
CA ARG B 578 13.60 -18.30 -1.49
C ARG B 578 15.10 -17.98 -1.46
N GLU B 579 15.68 -17.94 -0.26
CA GLU B 579 17.12 -17.74 -0.14
C GLU B 579 17.89 -18.94 -0.67
N ALA B 580 17.29 -20.13 -0.60
CA ALA B 580 17.90 -21.30 -1.21
C ALA B 580 17.97 -21.17 -2.72
N LEU B 581 16.91 -20.64 -3.32
CA LEU B 581 16.95 -20.36 -4.76
C LEU B 581 17.94 -19.25 -5.08
N ARG B 582 18.09 -18.26 -4.20
CA ARG B 582 19.08 -17.20 -4.44
C ARG B 582 20.49 -17.75 -4.41
N LEU B 583 20.79 -18.64 -3.44
CA LEU B 583 22.09 -19.31 -3.41
C LEU B 583 22.29 -20.22 -4.62
N LEU B 584 21.21 -20.88 -5.06
CA LEU B 584 21.34 -21.80 -6.20
C LEU B 584 21.56 -21.04 -7.50
N VAL B 585 20.91 -19.89 -7.68
CA VAL B 585 21.17 -19.14 -8.91
C VAL B 585 22.51 -18.42 -8.80
N GLN B 586 22.98 -18.14 -7.58
CA GLN B 586 24.35 -17.68 -7.40
C GLN B 586 25.34 -18.75 -7.83
N HIS B 587 25.06 -20.00 -7.47
CA HIS B 587 25.89 -21.11 -7.92
C HIS B 587 25.82 -21.30 -9.43
N ALA B 588 24.64 -21.06 -10.00
CA ALA B 588 24.49 -21.14 -11.46
C ALA B 588 25.31 -20.07 -12.17
N GLU B 589 25.31 -18.84 -11.63
CA GLU B 589 26.14 -17.79 -12.20
C GLU B 589 27.62 -18.06 -11.99
N VAL B 590 27.99 -18.66 -10.85
CA VAL B 590 29.39 -19.00 -10.61
C VAL B 590 29.86 -20.08 -11.59
N ALA B 591 29.02 -21.08 -11.84
CA ALA B 591 29.33 -22.10 -12.83
C ALA B 591 29.27 -21.55 -14.26
N ALA B 592 28.51 -20.49 -14.48
CA ALA B 592 28.46 -19.84 -15.78
C ALA B 592 29.58 -18.82 -15.98
N ASP B 593 30.32 -18.48 -14.92
CA ASP B 593 31.44 -17.55 -15.07
C ASP B 593 32.57 -18.17 -15.90
N GLU B 594 32.95 -19.39 -15.59
CA GLU B 594 33.92 -20.14 -16.38
C GLU B 594 33.20 -21.33 -17.00
N LYS B 595 33.28 -21.45 -18.33
CA LYS B 595 32.44 -22.39 -19.05
C LYS B 595 32.87 -23.84 -18.86
N ASP B 596 34.16 -24.07 -18.58
CA ASP B 596 34.67 -25.44 -18.53
C ASP B 596 34.22 -26.17 -17.27
N GLN B 597 34.09 -25.46 -16.15
CA GLN B 597 33.81 -26.10 -14.87
C GLN B 597 32.32 -26.27 -14.67
N PHE B 598 31.94 -27.43 -14.13
CA PHE B 598 30.57 -27.73 -13.76
C PHE B 598 30.19 -26.97 -12.50
N ILE B 599 28.97 -27.20 -12.03
CA ILE B 599 28.62 -26.80 -10.68
C ILE B 599 29.36 -27.77 -9.76
N LEU B 600 30.38 -27.27 -9.08
CA LEU B 600 31.19 -28.11 -8.21
C LEU B 600 30.46 -28.35 -6.90
N VAL B 601 31.05 -29.23 -6.08
CA VAL B 601 30.42 -29.55 -4.81
C VAL B 601 30.95 -28.67 -3.69
N ASP B 602 32.04 -27.93 -3.91
CA ASP B 602 32.76 -27.27 -2.82
C ASP B 602 31.99 -26.10 -2.22
N ASP B 603 31.27 -25.34 -3.06
CA ASP B 603 30.41 -24.28 -2.54
C ASP B 603 29.26 -24.86 -1.73
N LEU B 604 28.72 -25.99 -2.17
CA LEU B 604 27.71 -26.68 -1.38
C LEU B 604 28.28 -27.19 -0.07
N LYS B 605 29.55 -27.62 -0.06
CA LYS B 605 30.22 -28.00 1.18
C LYS B 605 30.36 -26.81 2.11
N LYS B 606 30.69 -25.63 1.56
CA LYS B 606 30.74 -24.42 2.37
C LYS B 606 29.36 -24.07 2.92
N SER B 607 28.30 -24.39 2.18
CA SER B 607 26.96 -24.27 2.75
C SER B 607 26.72 -25.31 3.83
N TRP B 608 27.30 -26.51 3.69
CA TRP B 608 27.17 -27.52 4.74
C TRP B 608 27.98 -27.14 5.96
N GLN B 609 29.24 -26.74 5.75
CA GLN B 609 30.21 -26.53 6.83
C GLN B 609 29.79 -25.30 7.62
N ILE B 610 29.18 -25.55 8.77
CA ILE B 610 28.68 -24.46 9.60
C ILE B 610 29.77 -23.77 10.39
N LYS B 611 30.99 -24.30 10.34
CA LYS B 611 32.04 -23.95 11.29
C LYS B 611 32.46 -22.49 11.17
N GLY B 612 32.49 -21.82 12.30
CA GLY B 612 32.82 -20.42 12.34
C GLY B 612 32.91 -19.95 13.76
N ILE B 613 32.63 -18.66 13.96
CA ILE B 613 32.64 -18.10 15.31
C ILE B 613 31.46 -18.65 16.11
N TYR B 614 30.35 -18.94 15.47
CA TYR B 614 29.16 -19.40 16.19
C TYR B 614 29.22 -20.87 16.63
N PRO B 615 29.76 -21.83 15.85
CA PRO B 615 30.02 -23.14 16.46
C PRO B 615 31.10 -23.13 17.53
N TRP B 616 32.07 -22.23 17.42
CA TRP B 616 33.03 -22.06 18.52
C TRP B 616 32.32 -21.55 19.77
N LEU B 617 31.37 -20.63 19.59
CA LEU B 617 30.52 -20.20 20.69
C LEU B 617 29.65 -21.33 21.19
N LYS B 618 29.22 -22.23 20.31
CA LYS B 618 28.43 -23.39 20.74
C LYS B 618 29.26 -24.33 21.59
N ARG B 619 30.53 -24.52 21.24
CA ARG B 619 31.43 -25.31 22.07
C ARG B 619 31.65 -24.63 23.42
N LYS B 620 31.72 -23.30 23.41
CA LYS B 620 31.75 -22.57 24.69
C LYS B 620 30.45 -22.73 25.48
N LEU B 621 29.31 -22.88 24.79
CA LEU B 621 28.06 -23.14 25.50
C LEU B 621 28.07 -24.54 26.10
N GLU B 622 28.64 -25.51 25.39
CA GLU B 622 28.81 -26.84 25.96
C GLU B 622 29.75 -26.83 27.15
N ASP B 623 30.74 -25.93 27.14
CA ASP B 623 31.53 -25.69 28.33
C ASP B 623 30.75 -24.97 29.43
N LEU B 624 29.75 -24.18 29.04
CA LEU B 624 29.04 -23.31 29.97
C LEU B 624 27.91 -24.03 30.71
N ILE B 625 27.28 -25.01 30.08
CA ILE B 625 26.13 -25.68 30.69
C ILE B 625 26.58 -26.50 31.90
N SER B 626 27.76 -27.10 31.83
CA SER B 626 28.33 -27.80 32.97
C SER B 626 28.83 -26.81 34.02
N THR B 787 22.39 -13.93 36.35
CA THR B 787 22.29 -14.14 34.92
C THR B 787 22.28 -15.62 34.57
N LYS B 788 22.30 -16.45 35.63
CA LYS B 788 22.27 -17.89 35.46
C LYS B 788 20.96 -18.35 34.84
N ALA B 789 19.86 -17.65 35.12
CA ALA B 789 18.61 -17.93 34.43
C ALA B 789 18.62 -17.42 32.99
N LEU B 790 19.41 -16.38 32.71
CA LEU B 790 19.49 -15.84 31.37
C LEU B 790 20.42 -16.64 30.47
N ILE B 791 21.27 -17.49 31.05
CA ILE B 791 22.18 -18.31 30.26
C ILE B 791 21.45 -19.29 29.33
N PRO B 792 20.42 -20.04 29.76
CA PRO B 792 19.67 -20.85 28.78
C PRO B 792 18.99 -20.06 27.68
N LYS B 793 18.61 -18.81 27.95
CA LYS B 793 18.13 -17.95 26.87
C LYS B 793 19.24 -17.66 25.87
N LEU B 794 20.46 -17.48 26.35
CA LEU B 794 21.59 -17.22 25.45
C LEU B 794 21.92 -18.46 24.63
N ILE B 795 21.88 -19.64 25.24
CA ILE B 795 22.14 -20.84 24.47
C ILE B 795 21.00 -21.11 23.50
N LEU B 796 19.78 -20.66 23.84
CA LEU B 796 18.67 -20.75 22.92
C LEU B 796 18.87 -19.85 21.71
N VAL B 797 19.42 -18.65 21.93
CA VAL B 797 19.62 -17.71 20.82
C VAL B 797 20.71 -18.22 19.89
N VAL B 798 21.82 -18.69 20.45
CA VAL B 798 22.91 -19.19 19.61
C VAL B 798 22.49 -20.48 18.89
N ASN B 799 21.73 -21.34 19.58
CA ASN B 799 21.24 -22.56 18.97
C ASN B 799 20.25 -22.26 17.85
N GLY B 800 19.42 -21.22 18.02
CA GLY B 800 18.51 -20.84 16.97
C GLY B 800 19.21 -20.30 15.75
N LYS B 801 20.32 -19.58 15.96
CA LYS B 801 21.13 -19.13 14.82
C LYS B 801 21.73 -20.31 14.07
N ILE B 802 22.22 -21.31 14.81
CA ILE B 802 22.76 -22.52 14.18
C ILE B 802 21.65 -23.28 13.46
N ASN B 803 20.45 -23.32 14.03
CA ASN B 803 19.33 -23.98 13.38
C ASN B 803 18.88 -23.28 12.12
N ASN B 804 18.94 -21.96 12.08
CA ASN B 804 18.65 -21.23 10.85
C ASN B 804 19.68 -21.54 9.77
N GLN B 805 20.96 -21.63 10.17
CA GLN B 805 21.99 -21.99 9.19
C GLN B 805 21.82 -23.42 8.69
N LEU B 806 21.44 -24.35 9.58
CA LEU B 806 21.15 -25.72 9.18
C LEU B 806 19.94 -25.80 8.28
N SER B 807 18.94 -24.96 8.51
CA SER B 807 17.79 -24.91 7.63
C SER B 807 18.15 -24.47 6.23
N LEU B 808 18.99 -23.43 6.14
CA LEU B 808 19.44 -22.96 4.83
C LEU B 808 20.27 -24.01 4.11
N GLY B 809 21.17 -24.69 4.84
CA GLY B 809 21.98 -25.72 4.23
C GLY B 809 21.19 -26.93 3.78
N TYR B 810 20.23 -27.37 4.61
CA TYR B 810 19.39 -28.49 4.25
C TYR B 810 18.53 -28.16 3.05
N ASP B 811 18.05 -26.92 2.98
CA ASP B 811 17.25 -26.49 1.84
C ASP B 811 18.07 -26.47 0.56
N VAL B 812 19.31 -25.95 0.61
CA VAL B 812 20.07 -25.87 -0.64
C VAL B 812 20.51 -27.25 -1.09
N GLY B 813 20.86 -28.14 -0.16
CA GLY B 813 21.25 -29.47 -0.55
C GLY B 813 20.10 -30.29 -1.09
N LYS B 814 18.93 -30.19 -0.45
CA LYS B 814 17.75 -30.88 -0.94
C LYS B 814 17.36 -30.36 -2.30
N GLY B 815 17.52 -29.05 -2.51
CA GLY B 815 17.29 -28.49 -3.82
C GLY B 815 18.23 -29.04 -4.88
N TYR B 816 19.51 -29.19 -4.53
CA TYR B 816 20.45 -29.71 -5.52
C TYR B 816 20.18 -31.17 -5.85
N ILE B 817 19.87 -31.99 -4.84
CA ILE B 817 19.68 -33.41 -5.14
C ILE B 817 18.37 -33.63 -5.90
N ILE B 818 17.32 -32.86 -5.58
CA ILE B 818 16.07 -33.01 -6.34
C ILE B 818 16.24 -32.51 -7.76
N GLY B 819 16.93 -31.38 -7.94
CA GLY B 819 17.20 -30.88 -9.27
C GLY B 819 18.13 -31.79 -10.06
N GLU B 820 19.04 -32.47 -9.37
CA GLU B 820 19.94 -33.40 -10.03
C GLU B 820 19.20 -34.64 -10.47
N GLU B 821 18.26 -35.12 -9.67
CA GLU B 821 17.41 -36.24 -10.08
C GLU B 821 16.55 -35.86 -11.28
N GLU B 822 15.98 -34.66 -11.25
CA GLU B 822 15.15 -34.22 -12.36
C GLU B 822 15.98 -34.03 -13.63
N VAL B 823 17.18 -33.50 -13.50
CA VAL B 823 18.01 -33.30 -14.68
C VAL B 823 18.59 -34.61 -15.18
N GLY B 824 18.74 -35.60 -14.30
CA GLY B 824 19.07 -36.94 -14.76
C GLY B 824 17.94 -37.56 -15.53
N LYS B 825 16.70 -37.25 -15.14
CA LYS B 825 15.56 -37.64 -15.98
C LYS B 825 15.56 -36.88 -17.30
N ILE B 826 16.08 -35.66 -17.31
CA ILE B 826 15.91 -34.80 -18.49
C ILE B 826 17.00 -35.04 -19.52
N ILE B 827 18.27 -35.01 -19.08
CA ILE B 827 19.43 -34.80 -19.96
C ILE B 827 19.60 -35.89 -21.02
N ASP B 828 19.17 -37.11 -20.72
CA ASP B 828 19.41 -38.29 -21.56
C ASP B 828 18.67 -38.28 -22.90
N ARG B 829 17.95 -37.21 -23.24
CA ARG B 829 17.25 -37.11 -24.51
C ARG B 829 17.93 -36.18 -25.49
N MET B 830 18.30 -34.97 -25.06
CA MET B 830 18.80 -33.97 -25.98
C MET B 830 20.30 -34.06 -26.25
N VAL B 831 21.03 -34.94 -25.57
CA VAL B 831 22.46 -35.05 -25.83
C VAL B 831 22.69 -35.90 -27.07
N ASP B 832 23.44 -35.34 -28.02
CA ASP B 832 23.65 -35.99 -29.31
C ASP B 832 24.67 -37.13 -29.23
N ASN B 833 25.68 -37.01 -28.38
CA ASN B 833 26.79 -37.97 -28.32
C ASN B 833 26.69 -38.78 -27.03
N LYS B 834 26.71 -40.11 -27.18
CA LYS B 834 26.52 -41.00 -26.04
C LYS B 834 27.69 -40.91 -25.05
N LYS B 835 28.92 -40.80 -25.56
CA LYS B 835 30.07 -40.70 -24.68
C LYS B 835 30.07 -39.38 -23.91
N ILE B 836 29.66 -38.30 -24.56
CA ILE B 836 29.52 -37.02 -23.88
C ILE B 836 28.41 -37.10 -22.82
N LEU B 837 27.34 -37.84 -23.14
CA LEU B 837 26.23 -38.04 -22.19
C LEU B 837 26.71 -38.77 -20.93
N ARG B 838 27.49 -39.83 -21.11
CA ARG B 838 28.05 -40.54 -19.96
C ARG B 838 29.07 -39.68 -19.23
N GLU B 839 29.78 -38.82 -19.96
CA GLU B 839 30.77 -37.91 -19.37
C GLU B 839 30.10 -36.91 -18.43
N LEU B 840 28.95 -36.38 -18.84
CA LEU B 840 28.20 -35.50 -17.94
C LEU B 840 27.59 -36.29 -16.78
N LYS B 841 27.11 -37.50 -17.07
CA LYS B 841 26.40 -38.28 -16.06
C LYS B 841 27.31 -38.75 -14.94
N HIS B 842 28.58 -39.01 -15.23
CA HIS B 842 29.50 -39.47 -14.19
C HIS B 842 29.74 -38.40 -13.12
N ILE B 843 30.04 -37.17 -13.56
CA ILE B 843 30.27 -36.10 -12.59
C ILE B 843 28.98 -35.69 -11.91
N SER B 844 27.84 -35.80 -12.59
CA SER B 844 26.56 -35.54 -11.93
C SER B 844 26.29 -36.56 -10.82
N GLU B 845 26.58 -37.84 -11.09
CA GLU B 845 26.34 -38.87 -10.09
C GLU B 845 27.29 -38.74 -8.90
N THR B 846 28.54 -38.35 -9.16
CA THR B 846 29.48 -38.17 -8.06
C THR B 846 29.09 -36.97 -7.19
N GLY B 847 28.59 -35.90 -7.82
CA GLY B 847 28.06 -34.79 -7.03
C GLY B 847 26.85 -35.19 -6.20
N ARG B 848 25.97 -36.01 -6.78
CA ARG B 848 24.81 -36.50 -6.03
C ARG B 848 25.23 -37.36 -4.84
N LEU B 849 26.20 -38.25 -5.04
CA LEU B 849 26.67 -39.10 -3.95
C LEU B 849 27.34 -38.27 -2.86
N GLN B 850 28.09 -37.24 -3.25
CA GLN B 850 28.74 -36.37 -2.28
C GLN B 850 27.72 -35.64 -1.43
N VAL B 851 26.66 -35.15 -2.07
CA VAL B 851 25.64 -34.41 -1.33
C VAL B 851 24.86 -35.35 -0.41
N VAL B 852 24.61 -36.58 -0.85
CA VAL B 852 23.95 -37.58 0.00
C VAL B 852 24.81 -37.89 1.22
N LYS B 853 26.12 -38.05 1.02
CA LYS B 853 27.03 -38.31 2.12
C LYS B 853 27.09 -37.15 3.11
N GLU B 854 27.12 -35.92 2.60
CA GLU B 854 27.11 -34.76 3.48
C GLU B 854 25.80 -34.61 4.24
N LEU B 855 24.68 -34.91 3.60
CA LEU B 855 23.39 -34.88 4.28
C LEU B 855 23.32 -35.93 5.38
N GLY B 856 23.90 -37.10 5.12
CA GLY B 856 23.95 -38.12 6.14
C GLY B 856 24.82 -37.71 7.32
N LEU B 857 25.92 -37.01 7.04
CA LEU B 857 26.76 -36.49 8.11
C LEU B 857 26.00 -35.47 8.95
N LEU B 858 25.24 -34.60 8.29
CA LEU B 858 24.42 -33.62 9.01
C LEU B 858 23.32 -34.28 9.83
N GLN B 859 22.72 -35.35 9.29
CA GLN B 859 21.67 -36.06 10.01
C GLN B 859 22.21 -36.75 11.25
N ARG B 860 23.40 -37.35 11.15
CA ARG B 860 23.99 -37.95 12.35
C ARG B 860 24.49 -36.89 13.32
N GLU B 861 24.81 -35.69 12.81
CA GLU B 861 25.44 -34.68 13.65
C GLU B 861 24.46 -34.08 14.65
N HIS B 862 23.24 -33.77 14.21
CA HIS B 862 22.27 -33.09 15.07
C HIS B 862 20.93 -33.78 14.94
N PRO B 863 20.36 -34.27 16.03
CA PRO B 863 19.17 -35.14 15.92
C PRO B 863 17.88 -34.39 15.62
N GLY B 864 17.63 -33.30 16.32
CA GLY B 864 16.34 -32.65 16.22
C GLY B 864 16.22 -31.61 15.14
N ILE B 865 17.34 -31.15 14.61
CA ILE B 865 17.29 -30.02 13.70
C ILE B 865 16.85 -30.45 12.30
N ALA B 866 17.26 -31.65 11.89
CA ALA B 866 16.86 -32.17 10.59
C ALA B 866 15.35 -32.43 10.55
N VAL B 867 14.80 -33.04 11.60
CA VAL B 867 13.37 -33.27 11.63
C VAL B 867 12.63 -31.95 11.84
N SER B 868 13.27 -30.95 12.46
CA SER B 868 12.64 -29.63 12.57
C SER B 868 12.48 -28.97 11.20
N VAL B 869 13.53 -29.01 10.39
CA VAL B 869 13.45 -28.45 9.04
C VAL B 869 12.49 -29.26 8.18
N LYS B 870 12.49 -30.58 8.34
CA LYS B 870 11.57 -31.43 7.59
C LYS B 870 10.13 -31.17 7.98
N THR B 871 9.86 -30.93 9.25
CA THR B 871 8.51 -30.61 9.68
C THR B 871 8.08 -29.26 9.16
N ARG B 872 8.99 -28.30 9.12
CA ARG B 872 8.65 -26.99 8.57
C ARG B 872 8.32 -27.09 7.09
N GLN B 873 9.05 -27.93 6.36
CA GLN B 873 8.69 -28.18 4.96
C GLN B 873 7.34 -28.87 4.84
N ALA B 874 7.03 -29.78 5.78
CA ALA B 874 5.75 -30.46 5.76
C ALA B 874 4.60 -29.50 6.01
N ILE B 875 4.76 -28.61 7.00
CA ILE B 875 3.74 -27.62 7.32
C ILE B 875 3.54 -26.68 6.16
N ARG B 876 4.64 -26.24 5.53
CA ARG B 876 4.54 -25.35 4.39
C ARG B 876 3.79 -26.00 3.23
N THR B 877 4.06 -27.28 2.98
CA THR B 877 3.40 -27.94 1.86
C THR B 877 1.91 -28.12 2.12
N ILE B 878 1.54 -28.57 3.33
CA ILE B 878 0.12 -28.78 3.59
C ILE B 878 -0.63 -27.47 3.74
N LEU B 879 0.03 -26.39 4.19
CA LEU B 879 -0.67 -25.12 4.30
C LEU B 879 -0.83 -24.46 2.93
N ASN B 880 0.17 -24.58 2.06
CA ASN B 880 0.02 -24.08 0.70
C ASN B 880 -1.04 -24.85 -0.06
N HIS B 881 -1.13 -26.17 0.17
CA HIS B 881 -2.20 -26.93 -0.47
C HIS B 881 -3.57 -26.60 0.12
N SER B 882 -3.62 -26.25 1.42
CA SER B 882 -4.89 -25.81 1.99
C SER B 882 -5.33 -24.47 1.43
N ARG B 883 -4.37 -23.58 1.20
CA ARG B 883 -4.65 -22.30 0.55
C ARG B 883 -5.17 -22.51 -0.86
N GLU B 884 -4.55 -23.42 -1.60
CA GLU B 884 -5.01 -23.70 -2.95
C GLU B 884 -6.37 -24.39 -2.96
N THR B 885 -6.65 -25.20 -1.94
CA THR B 885 -7.97 -25.81 -1.83
C THR B 885 -9.04 -24.77 -1.52
N ILE B 886 -8.72 -23.78 -0.69
CA ILE B 886 -9.70 -22.75 -0.40
C ILE B 886 -9.89 -21.82 -1.60
N HIS B 887 -8.85 -21.65 -2.42
CA HIS B 887 -9.04 -20.91 -3.67
C HIS B 887 -9.86 -21.71 -4.66
N GLU B 888 -9.71 -23.03 -4.66
CA GLU B 888 -10.55 -23.89 -5.50
C GLU B 888 -12.00 -23.84 -5.06
N LEU B 889 -12.24 -23.82 -3.74
CA LEU B 889 -13.60 -23.74 -3.22
C LEU B 889 -14.24 -22.38 -3.53
N GLN B 890 -13.44 -21.32 -3.46
CA GLN B 890 -13.95 -19.99 -3.80
C GLN B 890 -14.23 -19.88 -5.29
N GLY B 891 -13.34 -20.42 -6.13
CA GLY B 891 -13.58 -20.41 -7.57
C GLY B 891 -14.74 -21.28 -7.98
N ALA B 892 -14.95 -22.40 -7.28
CA ALA B 892 -16.12 -23.23 -7.53
C ALA B 892 -17.40 -22.62 -6.98
N GLY B 893 -17.29 -21.61 -6.12
CA GLY B 893 -18.44 -20.90 -5.63
C GLY B 893 -19.12 -21.52 -4.44
N LEU B 894 -18.65 -22.68 -3.98
CA LEU B 894 -19.23 -23.30 -2.81
C LEU B 894 -18.90 -22.56 -1.53
N LEU B 895 -17.90 -21.67 -1.56
CA LEU B 895 -17.56 -20.80 -0.45
C LEU B 895 -17.60 -19.36 -0.93
N ASP B 896 -18.18 -18.48 -0.11
CA ASP B 896 -18.32 -17.07 -0.44
C ASP B 896 -17.00 -16.33 -0.24
N GLU B 897 -16.99 -15.06 -0.66
CA GLU B 897 -15.78 -14.25 -0.58
C GLU B 897 -15.42 -13.92 0.86
N MET B 898 -16.41 -13.65 1.70
CA MET B 898 -16.14 -13.30 3.09
C MET B 898 -15.63 -14.50 3.88
N GLU B 899 -16.21 -15.67 3.64
CA GLU B 899 -15.74 -16.86 4.34
C GLU B 899 -14.37 -17.30 3.85
N ALA B 900 -14.13 -17.17 2.54
CA ALA B 900 -12.80 -17.46 2.01
C ALA B 900 -11.76 -16.50 2.55
N HIS B 901 -12.13 -15.23 2.76
CA HIS B 901 -11.26 -14.29 3.43
C HIS B 901 -10.99 -14.70 4.87
N LYS B 902 -12.01 -15.22 5.56
CA LYS B 902 -11.83 -15.67 6.94
C LYS B 902 -10.87 -16.86 7.03
N LEU B 903 -11.04 -17.85 6.14
CA LEU B 903 -10.17 -19.01 6.18
C LEU B 903 -8.77 -18.69 5.67
N GLU B 904 -8.65 -17.74 4.73
CA GLU B 904 -7.35 -17.27 4.29
C GLU B 904 -6.62 -16.57 5.43
N LEU B 905 -7.36 -15.81 6.25
CA LEU B 905 -6.77 -15.21 7.44
C LEU B 905 -6.31 -16.27 8.42
N THR B 906 -7.11 -17.34 8.59
CA THR B 906 -6.73 -18.42 9.51
C THR B 906 -5.44 -19.11 9.06
N VAL B 907 -5.34 -19.42 7.77
CA VAL B 907 -4.16 -20.15 7.30
C VAL B 907 -2.94 -19.22 7.24
N GLU B 908 -3.14 -17.91 7.02
CA GLU B 908 -2.01 -17.00 7.05
C GLU B 908 -1.50 -16.79 8.47
N ILE B 909 -2.41 -16.81 9.44
CA ILE B 909 -2.01 -16.78 10.85
C ILE B 909 -1.21 -18.03 11.20
N LYS B 910 -1.63 -19.18 10.67
CA LYS B 910 -0.89 -20.41 10.89
C LYS B 910 0.51 -20.36 10.26
N MET B 911 0.63 -19.76 9.09
CA MET B 911 1.94 -19.60 8.46
C MET B 911 2.84 -18.67 9.26
N LYS B 912 2.27 -17.58 9.80
CA LYS B 912 3.04 -16.67 10.65
C LYS B 912 3.49 -17.34 11.93
N ARG B 913 2.67 -18.25 12.47
CA ARG B 913 3.11 -19.03 13.63
C ARG B 913 4.19 -20.02 13.25
N LEU B 914 4.15 -20.53 12.03
CA LEU B 914 5.23 -21.39 11.55
C LEU B 914 6.54 -20.63 11.42
N MET B 915 6.47 -19.32 11.15
CA MET B 915 7.69 -18.51 11.00
C MET B 915 8.54 -18.41 12.27
N ASN B 916 8.01 -18.76 13.45
CA ASN B 916 8.81 -18.82 14.67
C ASN B 916 8.54 -20.12 15.39
N ALA B 917 9.56 -20.98 15.48
CA ALA B 917 9.46 -22.27 16.16
C ALA B 917 10.84 -22.80 16.57
#